data_7GAN
# 
_entry.id   7GAN 
# 
_audit_conform.dict_name       mmcif_pdbx.dic 
_audit_conform.dict_version    5.396 
_audit_conform.dict_location   http://mmcif.pdb.org/dictionaries/ascii/mmcif_pdbx.dic 
# 
loop_
_database_2.database_id 
_database_2.database_code 
_database_2.pdbx_database_accession 
_database_2.pdbx_DOI 
PDB   7GAN         pdb_00007gan 10.2210/pdb7gan/pdb 
WWPDB D_1001405944 ?            ?                   
# 
_pdbx_audit_revision_history.ordinal             1 
_pdbx_audit_revision_history.data_content_type   'Structure model' 
_pdbx_audit_revision_history.major_revision      1 
_pdbx_audit_revision_history.minor_revision      0 
_pdbx_audit_revision_history.revision_date       2024-09-04 
# 
_pdbx_audit_revision_details.ordinal             1 
_pdbx_audit_revision_details.revision_ordinal    1 
_pdbx_audit_revision_details.data_content_type   'Structure model' 
_pdbx_audit_revision_details.provider            repository 
_pdbx_audit_revision_details.type                'Initial release' 
_pdbx_audit_revision_details.description         ? 
_pdbx_audit_revision_details.details             ? 
# 
_pdbx_database_status.entry_id                        7GAN 
_pdbx_database_status.status_code                     REL 
_pdbx_database_status.status_code_sf                  REL 
_pdbx_database_status.status_code_mr                  ? 
_pdbx_database_status.status_code_cs                  ? 
_pdbx_database_status.recvd_initial_deposition_date   2023-08-10 
_pdbx_database_status.status_code_nmr_data            ? 
_pdbx_database_status.deposit_site                    RCSB 
_pdbx_database_status.process_site                    RCSB 
_pdbx_database_status.SG_entry                        ? 
_pdbx_database_status.pdb_format_compatible           Y 
_pdbx_database_status.methods_development_category    ? 
# 
_pdbx_contact_author.id                 1 
_pdbx_contact_author.email              knapp@pharmchem.uni-frankfurt.de 
_pdbx_contact_author.name_first         Stefan 
_pdbx_contact_author.name_last          Knapp 
_pdbx_contact_author.role               'principal investigator/group leader' 
_pdbx_contact_author.identifier_ORCID   0000-0001-5995-6494 
_pdbx_contact_author.name_mi            ? 
# 
loop_
_audit_author.name 
_audit_author.pdbx_ordinal 
_audit_author.identifier_ORCID 
'Kumar, A.'                            1 ? 
'Marples, P.G.'                        2 ? 
'Tomlinson, C.W.E.'                    3 ? 
'Fearon, D.'                           4 ? 
'von-Delft, F.'                        5 ? 
'Knapp, S.'                            6 ? 
'Structural Genomics Consortium (SGC)' 7 ? 
# 
_citation.id                        primary 
_citation.title                     'PanDDA analysis group deposition' 
_citation.journal_abbrev            'To Be Published' 
_citation.journal_volume            ? 
_citation.page_first                ? 
_citation.page_last                 ? 
_citation.year                      ? 
_citation.journal_id_ASTM           ? 
_citation.country                   ? 
_citation.journal_id_ISSN           ? 
_citation.journal_id_CSD            0353 
_citation.book_publisher            ? 
_citation.pdbx_database_id_PubMed   ? 
_citation.pdbx_database_id_DOI      ? 
# 
loop_
_citation_author.citation_id 
_citation_author.name 
_citation_author.identifier_ORCID 
_citation_author.ordinal 
primary 'Kumar, A.'                            ? 1 
primary 'Knapp, S.'                            ? 2 
primary 'Structural Genomics Consortium (SGC)' ? 3 
# 
loop_
_entity.id 
_entity.type 
_entity.src_method 
_entity.pdbx_description 
_entity.formula_weight 
_entity.pdbx_number_of_molecules 
_entity.pdbx_ec 
_entity.pdbx_mutation 
_entity.pdbx_fragment 
_entity.details 
1 polymer     man 'Microtubule-associated proteins 1A/1B light chain 3B' 14237.361 1  ? TruncationafterGly120 ? ? 
2 non-polymer syn 'methyl 4-[(trifluoroacetyl)amino]benzoate'            247.171   1  ? ?                     ? ? 
3 non-polymer syn 1,2-ETHANEDIOL                                         62.068    8  ? ?                     ? ? 
4 non-polymer syn 'CHLORIDE ION'                                         35.453    1  ? ?                     ? ? 
5 water       nat water                                                  18.015    93 ? ?                     ? ? 
# 
_entity_name_com.entity_id   1 
_entity_name_com.name        
;Autophagy-related protein LC3 B,Autophagy-related ubiquitin-like modifier LC3 B,MAP1 light chain 3-like protein 2,MAP1A/MAP1B light chain 3 B,MAP1A/MAP1B LC3 B,Microtubule-associated protein 1 light chain 3 beta
;
# 
_entity_poly.entity_id                      1 
_entity_poly.type                           'polypeptide(L)' 
_entity_poly.nstd_linkage                   no 
_entity_poly.nstd_monomer                   no 
_entity_poly.pdbx_seq_one_letter_code       
;SMPSEKTFKQRRTFEQRVEDVRLIREQHPTKIPVIIERYKGEKQLPVLDKTKFLVPDHVNMSELIKIIRRRLQLNANQAF
FLLVNGHSMVSVSTPISEVYESEKDEDGFLYMVYASQETFG
;
_entity_poly.pdbx_seq_one_letter_code_can   
;SMPSEKTFKQRRTFEQRVEDVRLIREQHPTKIPVIIERYKGEKQLPVLDKTKFLVPDHVNMSELIKIIRRRLQLNANQAF
FLLVNGHSMVSVSTPISEVYESEKDEDGFLYMVYASQETFG
;
_entity_poly.pdbx_strand_id                 A 
_entity_poly.pdbx_target_identifier         ? 
# 
loop_
_pdbx_entity_nonpoly.entity_id 
_pdbx_entity_nonpoly.name 
_pdbx_entity_nonpoly.comp_id 
2 'methyl 4-[(trifluoroacetyl)amino]benzoate' RWP 
3 1,2-ETHANEDIOL                              EDO 
4 'CHLORIDE ION'                              CL  
5 water                                       HOH 
# 
loop_
_entity_poly_seq.entity_id 
_entity_poly_seq.num 
_entity_poly_seq.mon_id 
_entity_poly_seq.hetero 
1 1   SER n 
1 2   MET n 
1 3   PRO n 
1 4   SER n 
1 5   GLU n 
1 6   LYS n 
1 7   THR n 
1 8   PHE n 
1 9   LYS n 
1 10  GLN n 
1 11  ARG n 
1 12  ARG n 
1 13  THR n 
1 14  PHE n 
1 15  GLU n 
1 16  GLN n 
1 17  ARG n 
1 18  VAL n 
1 19  GLU n 
1 20  ASP n 
1 21  VAL n 
1 22  ARG n 
1 23  LEU n 
1 24  ILE n 
1 25  ARG n 
1 26  GLU n 
1 27  GLN n 
1 28  HIS n 
1 29  PRO n 
1 30  THR n 
1 31  LYS n 
1 32  ILE n 
1 33  PRO n 
1 34  VAL n 
1 35  ILE n 
1 36  ILE n 
1 37  GLU n 
1 38  ARG n 
1 39  TYR n 
1 40  LYS n 
1 41  GLY n 
1 42  GLU n 
1 43  LYS n 
1 44  GLN n 
1 45  LEU n 
1 46  PRO n 
1 47  VAL n 
1 48  LEU n 
1 49  ASP n 
1 50  LYS n 
1 51  THR n 
1 52  LYS n 
1 53  PHE n 
1 54  LEU n 
1 55  VAL n 
1 56  PRO n 
1 57  ASP n 
1 58  HIS n 
1 59  VAL n 
1 60  ASN n 
1 61  MET n 
1 62  SER n 
1 63  GLU n 
1 64  LEU n 
1 65  ILE n 
1 66  LYS n 
1 67  ILE n 
1 68  ILE n 
1 69  ARG n 
1 70  ARG n 
1 71  ARG n 
1 72  LEU n 
1 73  GLN n 
1 74  LEU n 
1 75  ASN n 
1 76  ALA n 
1 77  ASN n 
1 78  GLN n 
1 79  ALA n 
1 80  PHE n 
1 81  PHE n 
1 82  LEU n 
1 83  LEU n 
1 84  VAL n 
1 85  ASN n 
1 86  GLY n 
1 87  HIS n 
1 88  SER n 
1 89  MET n 
1 90  VAL n 
1 91  SER n 
1 92  VAL n 
1 93  SER n 
1 94  THR n 
1 95  PRO n 
1 96  ILE n 
1 97  SER n 
1 98  GLU n 
1 99  VAL n 
1 100 TYR n 
1 101 GLU n 
1 102 SER n 
1 103 GLU n 
1 104 LYS n 
1 105 ASP n 
1 106 GLU n 
1 107 ASP n 
1 108 GLY n 
1 109 PHE n 
1 110 LEU n 
1 111 TYR n 
1 112 MET n 
1 113 VAL n 
1 114 TYR n 
1 115 ALA n 
1 116 SER n 
1 117 GLN n 
1 118 GLU n 
1 119 THR n 
1 120 PHE n 
1 121 GLY n 
# 
_entity_src_gen.entity_id                          1 
_entity_src_gen.pdbx_src_id                        1 
_entity_src_gen.pdbx_alt_source_flag               sample 
_entity_src_gen.pdbx_seq_type                      'Biological sequence' 
_entity_src_gen.pdbx_beg_seq_num                   1 
_entity_src_gen.pdbx_end_seq_num                   121 
_entity_src_gen.gene_src_common_name               human 
_entity_src_gen.gene_src_genus                     ? 
_entity_src_gen.pdbx_gene_src_gene                 'MAP1LC3B, MAP1ALC3' 
_entity_src_gen.gene_src_species                   ? 
_entity_src_gen.gene_src_strain                    ? 
_entity_src_gen.gene_src_tissue                    ? 
_entity_src_gen.gene_src_tissue_fraction           ? 
_entity_src_gen.gene_src_details                   ? 
_entity_src_gen.pdbx_gene_src_fragment             ? 
_entity_src_gen.pdbx_gene_src_scientific_name      'Homo sapiens' 
_entity_src_gen.pdbx_gene_src_ncbi_taxonomy_id     9606 
_entity_src_gen.pdbx_gene_src_variant              ? 
_entity_src_gen.pdbx_gene_src_cell_line            ? 
_entity_src_gen.pdbx_gene_src_atcc                 ? 
_entity_src_gen.pdbx_gene_src_organ                ? 
_entity_src_gen.pdbx_gene_src_organelle            ? 
_entity_src_gen.pdbx_gene_src_cell                 ? 
_entity_src_gen.pdbx_gene_src_cellular_location    ? 
_entity_src_gen.host_org_common_name               ? 
_entity_src_gen.pdbx_host_org_scientific_name      'Escherichia coli' 
_entity_src_gen.pdbx_host_org_ncbi_taxonomy_id     562 
_entity_src_gen.host_org_genus                     ? 
_entity_src_gen.pdbx_host_org_gene                 ? 
_entity_src_gen.pdbx_host_org_organ                ? 
_entity_src_gen.host_org_species                   ? 
_entity_src_gen.pdbx_host_org_tissue               ? 
_entity_src_gen.pdbx_host_org_tissue_fraction      ? 
_entity_src_gen.pdbx_host_org_strain               ? 
_entity_src_gen.pdbx_host_org_variant              ? 
_entity_src_gen.pdbx_host_org_cell_line            ? 
_entity_src_gen.pdbx_host_org_atcc                 ? 
_entity_src_gen.pdbx_host_org_culture_collection   ? 
_entity_src_gen.pdbx_host_org_cell                 ? 
_entity_src_gen.pdbx_host_org_organelle            ? 
_entity_src_gen.pdbx_host_org_cellular_location    ? 
_entity_src_gen.pdbx_host_org_vector_type          ? 
_entity_src_gen.pdbx_host_org_vector               ? 
_entity_src_gen.host_org_details                   ? 
_entity_src_gen.expression_system_id               ? 
_entity_src_gen.plasmid_name                       ? 
_entity_src_gen.plasmid_details                    ? 
_entity_src_gen.pdbx_description                   ? 
# 
loop_
_chem_comp.id 
_chem_comp.type 
_chem_comp.mon_nstd_flag 
_chem_comp.name 
_chem_comp.pdbx_synonyms 
_chem_comp.formula 
_chem_comp.formula_weight 
ALA 'L-peptide linking' y ALANINE                                     ?                 'C3 H7 N O2'     89.093  
ARG 'L-peptide linking' y ARGININE                                    ?                 'C6 H15 N4 O2 1' 175.209 
ASN 'L-peptide linking' y ASPARAGINE                                  ?                 'C4 H8 N2 O3'    132.118 
ASP 'L-peptide linking' y 'ASPARTIC ACID'                             ?                 'C4 H7 N O4'     133.103 
CL  non-polymer         . 'CHLORIDE ION'                              ?                 'Cl -1'          35.453  
EDO non-polymer         . 1,2-ETHANEDIOL                              'ETHYLENE GLYCOL' 'C2 H6 O2'       62.068  
GLN 'L-peptide linking' y GLUTAMINE                                   ?                 'C5 H10 N2 O3'   146.144 
GLU 'L-peptide linking' y 'GLUTAMIC ACID'                             ?                 'C5 H9 N O4'     147.129 
GLY 'peptide linking'   y GLYCINE                                     ?                 'C2 H5 N O2'     75.067  
HIS 'L-peptide linking' y HISTIDINE                                   ?                 'C6 H10 N3 O2 1' 156.162 
HOH non-polymer         . WATER                                       ?                 'H2 O'           18.015  
ILE 'L-peptide linking' y ISOLEUCINE                                  ?                 'C6 H13 N O2'    131.173 
LEU 'L-peptide linking' y LEUCINE                                     ?                 'C6 H13 N O2'    131.173 
LYS 'L-peptide linking' y LYSINE                                      ?                 'C6 H15 N2 O2 1' 147.195 
MET 'L-peptide linking' y METHIONINE                                  ?                 'C5 H11 N O2 S'  149.211 
PHE 'L-peptide linking' y PHENYLALANINE                               ?                 'C9 H11 N O2'    165.189 
PRO 'L-peptide linking' y PROLINE                                     ?                 'C5 H9 N O2'     115.130 
RWP non-polymer         . 'methyl 4-[(trifluoroacetyl)amino]benzoate' ?                 'C10 H8 F3 N O3' 247.171 
SER 'L-peptide linking' y SERINE                                      ?                 'C3 H7 N O3'     105.093 
THR 'L-peptide linking' y THREONINE                                   ?                 'C4 H9 N O3'     119.119 
TYR 'L-peptide linking' y TYROSINE                                    ?                 'C9 H11 N O3'    181.189 
VAL 'L-peptide linking' y VALINE                                      ?                 'C5 H11 N O2'    117.146 
# 
loop_
_pdbx_poly_seq_scheme.asym_id 
_pdbx_poly_seq_scheme.entity_id 
_pdbx_poly_seq_scheme.seq_id 
_pdbx_poly_seq_scheme.mon_id 
_pdbx_poly_seq_scheme.ndb_seq_num 
_pdbx_poly_seq_scheme.pdb_seq_num 
_pdbx_poly_seq_scheme.auth_seq_num 
_pdbx_poly_seq_scheme.pdb_mon_id 
_pdbx_poly_seq_scheme.auth_mon_id 
_pdbx_poly_seq_scheme.pdb_strand_id 
_pdbx_poly_seq_scheme.pdb_ins_code 
_pdbx_poly_seq_scheme.hetero 
A 1 1   SER 1   0   ?   ?   ?   A . n 
A 1 2   MET 2   1   ?   ?   ?   A . n 
A 1 3   PRO 3   2   ?   ?   ?   A . n 
A 1 4   SER 4   3   ?   ?   ?   A . n 
A 1 5   GLU 5   4   ?   ?   ?   A . n 
A 1 6   LYS 6   5   5   LYS LYS A . n 
A 1 7   THR 7   6   6   THR THR A . n 
A 1 8   PHE 8   7   7   PHE PHE A . n 
A 1 9   LYS 9   8   8   LYS LYS A . n 
A 1 10  GLN 10  9   9   GLN GLN A . n 
A 1 11  ARG 11  10  10  ARG ARG A . n 
A 1 12  ARG 12  11  11  ARG ARG A . n 
A 1 13  THR 13  12  12  THR THR A . n 
A 1 14  PHE 14  13  13  PHE PHE A . n 
A 1 15  GLU 15  14  14  GLU GLU A . n 
A 1 16  GLN 16  15  15  GLN GLN A . n 
A 1 17  ARG 17  16  16  ARG ARG A . n 
A 1 18  VAL 18  17  17  VAL VAL A . n 
A 1 19  GLU 19  18  18  GLU GLU A . n 
A 1 20  ASP 20  19  19  ASP ASP A . n 
A 1 21  VAL 21  20  20  VAL VAL A . n 
A 1 22  ARG 22  21  21  ARG ARG A . n 
A 1 23  LEU 23  22  22  LEU LEU A . n 
A 1 24  ILE 24  23  23  ILE ILE A . n 
A 1 25  ARG 25  24  24  ARG ARG A . n 
A 1 26  GLU 26  25  25  GLU GLU A . n 
A 1 27  GLN 27  26  26  GLN GLN A . n 
A 1 28  HIS 28  27  27  HIS HIS A . n 
A 1 29  PRO 29  28  28  PRO PRO A . n 
A 1 30  THR 30  29  29  THR THR A . n 
A 1 31  LYS 31  30  30  LYS LYS A . n 
A 1 32  ILE 32  31  31  ILE ILE A . n 
A 1 33  PRO 33  32  32  PRO PRO A . n 
A 1 34  VAL 34  33  33  VAL VAL A . n 
A 1 35  ILE 35  34  34  ILE ILE A . n 
A 1 36  ILE 36  35  35  ILE ILE A . n 
A 1 37  GLU 37  36  36  GLU GLU A . n 
A 1 38  ARG 38  37  37  ARG ARG A . n 
A 1 39  TYR 39  38  38  TYR TYR A . n 
A 1 40  LYS 40  39  39  LYS LYS A . n 
A 1 41  GLY 41  40  40  GLY GLY A . n 
A 1 42  GLU 42  41  41  GLU GLU A . n 
A 1 43  LYS 43  42  42  LYS LYS A . n 
A 1 44  GLN 44  43  43  GLN GLN A . n 
A 1 45  LEU 45  44  44  LEU LEU A . n 
A 1 46  PRO 46  45  45  PRO PRO A . n 
A 1 47  VAL 47  46  46  VAL VAL A . n 
A 1 48  LEU 48  47  47  LEU LEU A . n 
A 1 49  ASP 49  48  48  ASP ASP A . n 
A 1 50  LYS 50  49  49  LYS LYS A . n 
A 1 51  THR 51  50  50  THR THR A . n 
A 1 52  LYS 52  51  51  LYS LYS A . n 
A 1 53  PHE 53  52  52  PHE PHE A . n 
A 1 54  LEU 54  53  53  LEU LEU A . n 
A 1 55  VAL 55  54  54  VAL VAL A . n 
A 1 56  PRO 56  55  55  PRO PRO A . n 
A 1 57  ASP 57  56  56  ASP ASP A . n 
A 1 58  HIS 58  57  57  HIS HIS A . n 
A 1 59  VAL 59  58  58  VAL VAL A . n 
A 1 60  ASN 60  59  59  ASN ASN A . n 
A 1 61  MET 61  60  60  MET MET A . n 
A 1 62  SER 62  61  61  SER SER A . n 
A 1 63  GLU 63  62  62  GLU GLU A . n 
A 1 64  LEU 64  63  63  LEU LEU A . n 
A 1 65  ILE 65  64  64  ILE ILE A . n 
A 1 66  LYS 66  65  65  LYS LYS A . n 
A 1 67  ILE 67  66  66  ILE ILE A . n 
A 1 68  ILE 68  67  67  ILE ILE A . n 
A 1 69  ARG 69  68  68  ARG ARG A . n 
A 1 70  ARG 70  69  69  ARG ARG A . n 
A 1 71  ARG 71  70  70  ARG ARG A . n 
A 1 72  LEU 72  71  71  LEU LEU A . n 
A 1 73  GLN 73  72  72  GLN GLN A . n 
A 1 74  LEU 74  73  73  LEU LEU A . n 
A 1 75  ASN 75  74  74  ASN ASN A . n 
A 1 76  ALA 76  75  75  ALA ALA A . n 
A 1 77  ASN 77  76  76  ASN ASN A . n 
A 1 78  GLN 78  77  77  GLN GLN A . n 
A 1 79  ALA 79  78  78  ALA ALA A . n 
A 1 80  PHE 80  79  79  PHE PHE A . n 
A 1 81  PHE 81  80  80  PHE PHE A . n 
A 1 82  LEU 82  81  81  LEU LEU A . n 
A 1 83  LEU 83  82  82  LEU LEU A . n 
A 1 84  VAL 84  83  83  VAL VAL A . n 
A 1 85  ASN 85  84  84  ASN ASN A . n 
A 1 86  GLY 86  85  85  GLY GLY A . n 
A 1 87  HIS 87  86  86  HIS HIS A . n 
A 1 88  SER 88  87  87  SER SER A . n 
A 1 89  MET 89  88  88  MET MET A . n 
A 1 90  VAL 90  89  89  VAL VAL A . n 
A 1 91  SER 91  90  90  SER SER A . n 
A 1 92  VAL 92  91  91  VAL VAL A . n 
A 1 93  SER 93  92  92  SER SER A . n 
A 1 94  THR 94  93  93  THR THR A . n 
A 1 95  PRO 95  94  94  PRO PRO A . n 
A 1 96  ILE 96  95  95  ILE ILE A . n 
A 1 97  SER 97  96  96  SER SER A . n 
A 1 98  GLU 98  97  97  GLU GLU A . n 
A 1 99  VAL 99  98  98  VAL VAL A . n 
A 1 100 TYR 100 99  99  TYR TYR A . n 
A 1 101 GLU 101 100 100 GLU GLU A . n 
A 1 102 SER 102 101 101 SER SER A . n 
A 1 103 GLU 103 102 102 GLU GLU A . n 
A 1 104 LYS 104 103 103 LYS LYS A . n 
A 1 105 ASP 105 104 104 ASP ASP A . n 
A 1 106 GLU 106 105 105 GLU GLU A . n 
A 1 107 ASP 107 106 106 ASP ASP A . n 
A 1 108 GLY 108 107 107 GLY GLY A . n 
A 1 109 PHE 109 108 108 PHE PHE A . n 
A 1 110 LEU 110 109 109 LEU LEU A . n 
A 1 111 TYR 111 110 110 TYR TYR A . n 
A 1 112 MET 112 111 111 MET MET A . n 
A 1 113 VAL 113 112 112 VAL VAL A . n 
A 1 114 TYR 114 113 113 TYR TYR A . n 
A 1 115 ALA 115 114 114 ALA ALA A . n 
A 1 116 SER 116 115 115 SER SER A . n 
A 1 117 GLN 117 116 116 GLN GLN A . n 
A 1 118 GLU 118 117 117 GLU GLU A . n 
A 1 119 THR 119 118 118 THR THR A . n 
A 1 120 PHE 120 119 119 PHE PHE A . n 
A 1 121 GLY 121 120 ?   ?   ?   A . n 
# 
_pdbx_entity_instance_feature.ordinal        1 
_pdbx_entity_instance_feature.comp_id        RWP 
_pdbx_entity_instance_feature.asym_id        ? 
_pdbx_entity_instance_feature.seq_num        ? 
_pdbx_entity_instance_feature.auth_comp_id   RWP 
_pdbx_entity_instance_feature.auth_asym_id   ? 
_pdbx_entity_instance_feature.auth_seq_num   ? 
_pdbx_entity_instance_feature.feature_type   'SUBJECT OF INVESTIGATION' 
_pdbx_entity_instance_feature.details        ? 
# 
loop_
_pdbx_nonpoly_scheme.asym_id 
_pdbx_nonpoly_scheme.entity_id 
_pdbx_nonpoly_scheme.mon_id 
_pdbx_nonpoly_scheme.ndb_seq_num 
_pdbx_nonpoly_scheme.pdb_seq_num 
_pdbx_nonpoly_scheme.auth_seq_num 
_pdbx_nonpoly_scheme.pdb_mon_id 
_pdbx_nonpoly_scheme.auth_mon_id 
_pdbx_nonpoly_scheme.pdb_strand_id 
_pdbx_nonpoly_scheme.pdb_ins_code 
B 2 RWP 1  201 201 RWP LIG A . 
C 3 EDO 1  202 105 EDO EDO A . 
D 3 EDO 1  203 107 EDO EDO A . 
E 3 EDO 1  204 108 EDO EDO A . 
F 3 EDO 1  205 109 EDO EDO A . 
G 3 EDO 1  206 110 EDO EDO A . 
H 3 EDO 1  207 111 EDO EDO A . 
I 3 EDO 1  208 112 EDO EDO A . 
J 3 EDO 1  209 113 EDO EDO A . 
K 4 CL  1  210 114 CL  CL  A . 
L 5 HOH 1  301 56  HOH HOH A . 
L 5 HOH 2  302 82  HOH HOH A . 
L 5 HOH 3  303 62  HOH HOH A . 
L 5 HOH 4  304 43  HOH HOH A . 
L 5 HOH 5  305 90  HOH HOH A . 
L 5 HOH 6  306 33  HOH HOH A . 
L 5 HOH 7  307 19  HOH HOH A . 
L 5 HOH 8  308 10  HOH HOH A . 
L 5 HOH 9  309 4   HOH HOH A . 
L 5 HOH 10 310 48  HOH HOH A . 
L 5 HOH 11 311 55  HOH HOH A . 
L 5 HOH 12 312 38  HOH HOH A . 
L 5 HOH 13 313 27  HOH HOH A . 
L 5 HOH 14 314 41  HOH HOH A . 
L 5 HOH 15 315 40  HOH HOH A . 
L 5 HOH 16 316 91  HOH HOH A . 
L 5 HOH 17 317 42  HOH HOH A . 
L 5 HOH 18 318 64  HOH HOH A . 
L 5 HOH 19 319 74  HOH HOH A . 
L 5 HOH 20 320 86  HOH HOH A . 
L 5 HOH 21 321 21  HOH HOH A . 
L 5 HOH 22 322 8   HOH HOH A . 
L 5 HOH 23 323 34  HOH HOH A . 
L 5 HOH 24 324 17  HOH HOH A . 
L 5 HOH 25 325 49  HOH HOH A . 
L 5 HOH 26 326 16  HOH HOH A . 
L 5 HOH 27 327 22  HOH HOH A . 
L 5 HOH 28 328 75  HOH HOH A . 
L 5 HOH 29 329 20  HOH HOH A . 
L 5 HOH 30 330 71  HOH HOH A . 
L 5 HOH 31 331 45  HOH HOH A . 
L 5 HOH 32 332 12  HOH HOH A . 
L 5 HOH 33 333 92  HOH HOH A . 
L 5 HOH 34 334 57  HOH HOH A . 
L 5 HOH 35 335 25  HOH HOH A . 
L 5 HOH 36 336 1   HOH HOH A . 
L 5 HOH 37 337 51  HOH HOH A . 
L 5 HOH 38 338 7   HOH HOH A . 
L 5 HOH 39 339 18  HOH HOH A . 
L 5 HOH 40 340 35  HOH HOH A . 
L 5 HOH 41 341 47  HOH HOH A . 
L 5 HOH 42 342 23  HOH HOH A . 
L 5 HOH 43 343 9   HOH HOH A . 
L 5 HOH 44 344 32  HOH HOH A . 
L 5 HOH 45 345 2   HOH HOH A . 
L 5 HOH 46 346 15  HOH HOH A . 
L 5 HOH 47 347 89  HOH HOH A . 
L 5 HOH 48 348 83  HOH HOH A . 
L 5 HOH 49 349 66  HOH HOH A . 
L 5 HOH 50 350 24  HOH HOH A . 
L 5 HOH 51 351 73  HOH HOH A . 
L 5 HOH 52 352 13  HOH HOH A . 
L 5 HOH 53 353 53  HOH HOH A . 
L 5 HOH 54 354 6   HOH HOH A . 
L 5 HOH 55 355 11  HOH HOH A . 
L 5 HOH 56 356 77  HOH HOH A . 
L 5 HOH 57 357 69  HOH HOH A . 
L 5 HOH 58 358 14  HOH HOH A . 
L 5 HOH 59 359 63  HOH HOH A . 
L 5 HOH 60 360 31  HOH HOH A . 
L 5 HOH 61 361 72  HOH HOH A . 
L 5 HOH 62 362 36  HOH HOH A . 
L 5 HOH 63 363 5   HOH HOH A . 
L 5 HOH 64 364 60  HOH HOH A . 
L 5 HOH 65 365 84  HOH HOH A . 
L 5 HOH 66 366 46  HOH HOH A . 
L 5 HOH 67 367 67  HOH HOH A . 
L 5 HOH 68 368 44  HOH HOH A . 
L 5 HOH 69 369 85  HOH HOH A . 
L 5 HOH 70 370 52  HOH HOH A . 
L 5 HOH 71 371 68  HOH HOH A . 
L 5 HOH 72 372 79  HOH HOH A . 
L 5 HOH 73 373 37  HOH HOH A . 
L 5 HOH 74 374 81  HOH HOH A . 
L 5 HOH 75 375 80  HOH HOH A . 
L 5 HOH 76 376 93  HOH HOH A . 
L 5 HOH 77 377 76  HOH HOH A . 
L 5 HOH 78 378 54  HOH HOH A . 
L 5 HOH 79 379 94  HOH HOH A . 
L 5 HOH 80 380 28  HOH HOH A . 
L 5 HOH 81 381 78  HOH HOH A . 
L 5 HOH 82 382 59  HOH HOH A . 
L 5 HOH 83 383 30  HOH HOH A . 
L 5 HOH 84 384 26  HOH HOH A . 
L 5 HOH 85 385 58  HOH HOH A . 
L 5 HOH 86 386 61  HOH HOH A . 
L 5 HOH 87 387 50  HOH HOH A . 
L 5 HOH 88 388 39  HOH HOH A . 
L 5 HOH 89 389 70  HOH HOH A . 
L 5 HOH 90 390 65  HOH HOH A . 
L 5 HOH 91 391 88  HOH HOH A . 
L 5 HOH 92 392 29  HOH HOH A . 
L 5 HOH 93 393 87  HOH HOH A . 
# 
loop_
_pdbx_unobs_or_zero_occ_atoms.id 
_pdbx_unobs_or_zero_occ_atoms.PDB_model_num 
_pdbx_unobs_or_zero_occ_atoms.polymer_flag 
_pdbx_unobs_or_zero_occ_atoms.occupancy_flag 
_pdbx_unobs_or_zero_occ_atoms.auth_asym_id 
_pdbx_unobs_or_zero_occ_atoms.auth_comp_id 
_pdbx_unobs_or_zero_occ_atoms.auth_seq_id 
_pdbx_unobs_or_zero_occ_atoms.PDB_ins_code 
_pdbx_unobs_or_zero_occ_atoms.auth_atom_id 
_pdbx_unobs_or_zero_occ_atoms.label_alt_id 
_pdbx_unobs_or_zero_occ_atoms.label_asym_id 
_pdbx_unobs_or_zero_occ_atoms.label_comp_id 
_pdbx_unobs_or_zero_occ_atoms.label_seq_id 
_pdbx_unobs_or_zero_occ_atoms.label_atom_id 
1 1 Y 1 A GLN 116 ? CG  ? A GLN 117 CG  
2 1 Y 1 A GLN 116 ? CD  ? A GLN 117 CD  
3 1 Y 1 A GLN 116 ? OE1 ? A GLN 117 OE1 
4 1 Y 1 A GLN 116 ? NE2 ? A GLN 117 NE2 
5 1 Y 1 A THR 118 ? OG1 ? A THR 119 OG1 
6 1 Y 1 A THR 118 ? CG2 ? A THR 119 CG2 
# 
loop_
_software.pdbx_ordinal 
_software.name 
_software.version 
_software.date 
_software.type 
_software.contact_author 
_software.contact_author_email 
_software.classification 
_software.location 
_software.language 
_software.citation_id 
1 REFMAC      5.8.0267 ?               program 'Garib N. Murshudov' garib@ysbl.york.ac.uk    refinement        
http://www.ccp4.ac.uk/dist/html/refmac5.html        Fortran_77 ? 
2 Aimless     0.7.7    23/04/21        program 'Phil Evans'         ?                        'data scaling'    
http://www.mrc-lmb.cam.ac.uk/harry/pre/aimless.html ?          ? 
3 PDB_EXTRACT 3.23     'SEP. 23, 2016' package PDB                  deposit@deposit.rcsb.org 'data extraction' 
http://sw-tools.pdb.org/apps/PDB_EXTRACT/           C++        ? 
4 XDS         .        ?               program ?                    ?                        'data reduction'  ? ?          ? 
5 REFMAC      .        ?               program ?                    ?                        phasing           ? ?          ? 
# 
_cell.entry_id           7GAN 
_cell.length_a           61.091 
_cell.length_b           61.091 
_cell.length_c           35.540 
_cell.angle_alpha        90.000 
_cell.angle_beta         90.000 
_cell.angle_gamma        90.000 
_cell.Z_PDB              4 
_cell.pdbx_unique_axis   ? 
# 
_symmetry.entry_id                         7GAN 
_symmetry.space_group_name_H-M             'P 43' 
_symmetry.pdbx_full_space_group_name_H-M   ? 
_symmetry.cell_setting                     ? 
_symmetry.Int_Tables_number                78 
# 
_exptl.crystals_number   1 
_exptl.entry_id          7GAN 
_exptl.method            'X-RAY DIFFRACTION' 
# 
_exptl_crystal.id                    1 
_exptl_crystal.pdbx_mosaicity        0.000 
_exptl_crystal.pdbx_mosaicity_esd    ? 
_exptl_crystal.density_Matthews      2.24 
_exptl_crystal.density_diffrn        ? 
_exptl_crystal.density_meas          ? 
_exptl_crystal.density_meas_temp     ? 
_exptl_crystal.density_percent_sol   45.11 
_exptl_crystal.size_max              ? 
_exptl_crystal.size_mid              ? 
_exptl_crystal.size_min              ? 
_exptl_crystal.size_rad              ? 
_exptl_crystal.description           ? 
# 
_exptl_crystal_grow.crystal_id      1 
_exptl_crystal_grow.method          'VAPOR DIFFUSION, SITTING DROP' 
_exptl_crystal_grow.pH              4.7 
_exptl_crystal_grow.temp            293 
_exptl_crystal_grow.pdbx_details    '36% PEG 8000, 0.1M acetate pH 4.7' 
_exptl_crystal_grow.temp_details    ? 
_exptl_crystal_grow.pdbx_pH_range   ? 
# 
_diffrn.id                     1 
_diffrn.ambient_temp           100 
_diffrn.crystal_id             1 
_diffrn.ambient_temp_details   ? 
# 
_diffrn_detector.detector               PIXEL 
_diffrn_detector.type                   'DECTRIS PILATUS 6M' 
_diffrn_detector.pdbx_collection_date   2023-02-10 
_diffrn_detector.diffrn_id              1 
_diffrn_detector.details                ? 
# 
_diffrn_radiation.diffrn_id                        1 
_diffrn_radiation.wavelength_id                    1 
_diffrn_radiation.pdbx_diffrn_protocol             'SINGLE WAVELENGTH' 
_diffrn_radiation.pdbx_monochromatic_or_laue_m_l   ? 
_diffrn_radiation.monochromator                    ? 
_diffrn_radiation.pdbx_scattering_type             x-ray 
# 
_diffrn_radiation_wavelength.id           1 
_diffrn_radiation_wavelength.wavelength   0.92124 
_diffrn_radiation_wavelength.wt           1.0 
# 
_diffrn_source.diffrn_id                   1 
_diffrn_source.source                      SYNCHROTRON 
_diffrn_source.type                        'DIAMOND BEAMLINE I04-1' 
_diffrn_source.pdbx_wavelength_list        0.92124 
_diffrn_source.pdbx_synchrotron_site       Diamond 
_diffrn_source.pdbx_synchrotron_beamline   I04-1 
_diffrn_source.pdbx_wavelength             ? 
# 
_reflns.entry_id                     7GAN 
_reflns.pdbx_diffrn_id               1 
_reflns.pdbx_ordinal                 1 
_reflns.observed_criterion_sigma_I   ? 
_reflns.observed_criterion_sigma_F   ? 
_reflns.d_resolution_low             43.190 
_reflns.d_resolution_high            2.090 
_reflns.number_obs                   7949 
_reflns.number_all                   ? 
_reflns.percent_possible_obs         99.900 
_reflns.pdbx_Rmerge_I_obs            0.124 
_reflns.pdbx_Rsym_value              ? 
_reflns.pdbx_netI_over_sigmaI        10.400 
_reflns.B_iso_Wilson_estimate        ? 
_reflns.pdbx_redundancy              13.500 
_reflns.pdbx_Rrim_I_all              0.129 
_reflns.pdbx_Rpim_I_all              0.035 
_reflns.pdbx_CC_half                 0.997 
_reflns.pdbx_netI_over_av_sigmaI     ? 
_reflns.pdbx_number_measured_all     106979 
_reflns.pdbx_scaling_rejects         0 
_reflns.pdbx_chi_squared             ? 
_reflns.Rmerge_F_all                 ? 
_reflns.Rmerge_F_obs                 ? 
_reflns.observed_criterion_F_max     ? 
_reflns.observed_criterion_F_min     ? 
_reflns.observed_criterion_I_max     ? 
_reflns.observed_criterion_I_min     ? 
_reflns.pdbx_d_res_high_opt          ? 
_reflns.pdbx_d_res_low_opt           ? 
_reflns.details                      ? 
_reflns.pdbx_CC_star                 ? 
# 
loop_
_reflns_shell.pdbx_diffrn_id 
_reflns_shell.pdbx_ordinal 
_reflns_shell.d_res_high 
_reflns_shell.d_res_low 
_reflns_shell.number_measured_obs 
_reflns_shell.number_measured_all 
_reflns_shell.number_unique_obs 
_reflns_shell.pdbx_rejects 
_reflns_shell.Rmerge_I_obs 
_reflns_shell.meanI_over_sigI_obs 
_reflns_shell.pdbx_Rsym_value 
_reflns_shell.pdbx_chi_squared 
_reflns_shell.pdbx_redundancy 
_reflns_shell.percent_possible_obs 
_reflns_shell.pdbx_netI_over_sigmaI_obs 
_reflns_shell.number_possible 
_reflns_shell.number_unique_all 
_reflns_shell.Rmerge_F_all 
_reflns_shell.Rmerge_F_obs 
_reflns_shell.Rmerge_I_all 
_reflns_shell.meanI_over_sigI_all 
_reflns_shell.percent_possible_all 
_reflns_shell.pdbx_Rrim_I_all 
_reflns_shell.pdbx_Rpim_I_all 
_reflns_shell.pdbx_CC_half 
_reflns_shell.pdbx_CC_star 
1 1 2.090 2.150  ? 8388 608 ? 3.388 ? ? ? 13.800 ? 0.500  ? ? ? ? ? ? 99.300 3.517 0.937 0.378 ? 
1 2 9.110 43.190 ? 1133 110 ? 0.057 ? ? ? 10.300 ? 41.400 ? ? ? ? ? ? 99.200 0.061 0.019 0.994 ? 
# 
_refine.entry_id                                 7GAN 
_refine.pdbx_refine_id                           'X-RAY DIFFRACTION' 
_refine.ls_d_res_high                            2.0900 
_refine.ls_d_res_low                             43.2400 
_refine.pdbx_ls_sigma_F                          0.000 
_refine.pdbx_data_cutoff_high_absF               ? 
_refine.pdbx_data_cutoff_low_absF                ? 
_refine.ls_percent_reflns_obs                    99.3800 
_refine.ls_number_reflns_obs                     7594 
_refine.ls_number_reflns_all                     ? 
_refine.pdbx_ls_cross_valid_method               THROUGHOUT 
_refine.ls_matrix_type                           ? 
_refine.pdbx_R_Free_selection_details            RANDOM 
_refine.details                                  
'HYDROGENS HAVE BEEN ADDED IN THE RIDING POSITIONS U VALUES      : REFINED INDIVIDUALLY' 
_refine.ls_R_factor_all                          ? 
_refine.ls_R_factor_obs                          0.1917 
_refine.ls_R_factor_R_work                       0.1891 
_refine.ls_wR_factor_R_work                      ? 
_refine.ls_R_factor_R_free                       0.2559 
_refine.ls_wR_factor_R_free                      ? 
_refine.ls_percent_reflns_R_free                 3.8000 
_refine.ls_number_reflns_R_free                  299 
_refine.ls_number_reflns_R_work                  ? 
_refine.ls_R_factor_R_free_error                 ? 
_refine.B_iso_mean                               59.1480 
_refine.solvent_model_param_bsol                 ? 
_refine.solvent_model_param_ksol                 ? 
_refine.pdbx_isotropic_thermal_model             ? 
_refine.aniso_B[1][1]                            0.1600 
_refine.aniso_B[2][2]                            0.1600 
_refine.aniso_B[3][3]                            -0.3200 
_refine.aniso_B[1][2]                            -0.0000 
_refine.aniso_B[1][3]                            -0.0000 
_refine.aniso_B[2][3]                            -0.0000 
_refine.correlation_coeff_Fo_to_Fc               0.9690 
_refine.correlation_coeff_Fo_to_Fc_free          0.9360 
_refine.overall_SU_R_Cruickshank_DPI             ? 
_refine.pdbx_overall_SU_R_free_Cruickshank_DPI   ? 
_refine.pdbx_overall_SU_R_Blow_DPI               ? 
_refine.pdbx_overall_SU_R_free_Blow_DPI          ? 
_refine.overall_SU_R_free                        ? 
_refine.pdbx_overall_ESU_R                       0.2930 
_refine.pdbx_overall_ESU_R_Free                  0.2240 
_refine.overall_SU_ML                            0.2900 
_refine.overall_SU_B                             12.9260 
_refine.solvent_model_details                    MASK 
_refine.pdbx_solvent_vdw_probe_radii             1.2000 
_refine.pdbx_solvent_ion_probe_radii             0.8000 
_refine.pdbx_solvent_shrinkage_radii             0.8000 
_refine.ls_number_parameters                     ? 
_refine.ls_number_restraints                     ? 
_refine.pdbx_starting_model                      8Q53 
_refine.pdbx_method_to_determine_struct          'FOURIER SYNTHESIS' 
_refine.pdbx_stereochemistry_target_values       'MAXIMUM LIKELIHOOD' 
_refine.pdbx_stereochem_target_val_spec_case     ? 
_refine.overall_FOM_work_R_set                   ? 
_refine.B_iso_max                                233.070 
_refine.B_iso_min                                32.700 
_refine.pdbx_overall_phase_error                 ? 
_refine.occupancy_max                            ? 
_refine.occupancy_min                            ? 
_refine.pdbx_diffrn_id                           1 
_refine.pdbx_TLS_residual_ADP_flag               ? 
_refine.pdbx_ls_sigma_I                          ? 
_refine.pdbx_data_cutoff_high_rms_absF           ? 
_refine.ls_R_factor_R_free_error_details         ? 
# 
_refine_hist.cycle_id                         final 
_refine_hist.pdbx_refine_id                   'X-RAY DIFFRACTION' 
_refine_hist.d_res_high                       2.0900 
_refine_hist.d_res_low                        43.2400 
_refine_hist.pdbx_number_atoms_ligand         50 
_refine_hist.number_atoms_solvent             93 
_refine_hist.number_atoms_total               1097 
_refine_hist.pdbx_number_residues_total       113 
_refine_hist.pdbx_B_iso_mean_ligand           90.93 
_refine_hist.pdbx_B_iso_mean_solvent          70.05 
_refine_hist.pdbx_number_atoms_protein        954 
_refine_hist.pdbx_number_atoms_nucleic_acid   0 
# 
loop_
_refine_ls_restr.pdbx_refine_id 
_refine_ls_restr.type 
_refine_ls_restr.number 
_refine_ls_restr.dev_ideal 
_refine_ls_restr.dev_ideal_target 
_refine_ls_restr.weight 
_refine_ls_restr.pdbx_restraint_function 
'X-RAY DIFFRACTION' r_bond_refined_d       1359 0.007  0.014  ? ? 
'X-RAY DIFFRACTION' r_bond_other_d         1207 0.001  0.014  ? ? 
'X-RAY DIFFRACTION' r_angle_refined_deg    1664 1.482  1.672  ? ? 
'X-RAY DIFFRACTION' r_angle_other_deg      2760 1.181  1.582  ? ? 
'X-RAY DIFFRACTION' r_dihedral_angle_1_deg 156  6.486  5.000  ? ? 
'X-RAY DIFFRACTION' r_dihedral_angle_2_deg 70   28.335 19.429 ? ? 
'X-RAY DIFFRACTION' r_dihedral_angle_3_deg 224  16.102 15.000 ? ? 
'X-RAY DIFFRACTION' r_dihedral_angle_4_deg 15   21.920 15.000 ? ? 
'X-RAY DIFFRACTION' r_chiral_restr         154  0.060  0.200  ? ? 
'X-RAY DIFFRACTION' r_gen_planes_refined   1433 0.006  0.020  ? ? 
'X-RAY DIFFRACTION' r_gen_planes_other     313  0.002  0.020  ? ? 
'X-RAY DIFFRACTION' r_mcbond_it            621  4.123  5.687  ? ? 
'X-RAY DIFFRACTION' r_mcbond_other         619  4.119  5.682  ? ? 
'X-RAY DIFFRACTION' r_mcangle_it           740  6.155  8.539  ? ? 
# 
_refine_ls_shell.d_res_high                       2.0910 
_refine_ls_shell.d_res_low                        2.1450 
_refine_ls_shell.pdbx_total_number_of_bins_used   20 
_refine_ls_shell.percent_reflns_obs               92.0200 
_refine_ls_shell.number_reflns_R_work             530 
_refine_ls_shell.R_factor_all                     ? 
_refine_ls_shell.R_factor_R_work                  0.3690 
_refine_ls_shell.R_factor_R_free                  0.3480 
_refine_ls_shell.percent_reflns_R_free            ? 
_refine_ls_shell.number_reflns_R_free             12 
_refine_ls_shell.R_factor_R_free_error            ? 
_refine_ls_shell.number_reflns_all                542 
_refine_ls_shell.number_reflns_obs                ? 
_refine_ls_shell.pdbx_refine_id                   'X-RAY DIFFRACTION' 
_refine_ls_shell.R_factor_obs                     ? 
# 
_struct.entry_id                  7GAN 
_struct.title                     'PanDDA analysis group deposition -- Crystal Structure of MAP1LC3B in complex with Z56767614' 
_struct.pdbx_model_details        ? 
_struct.pdbx_CASP_flag            ? 
_struct.pdbx_model_type_details   ? 
# 
_struct_keywords.entry_id        7GAN 
_struct_keywords.text            'SGC - Diamond I04-1 fragment screening, PanDDA, XChemExplorer, STRUCTURAL PROTEIN' 
_struct_keywords.pdbx_keywords   'STRUCTURAL PROTEIN' 
# 
loop_
_struct_asym.id 
_struct_asym.pdbx_blank_PDB_chainid_flag 
_struct_asym.pdbx_modified 
_struct_asym.entity_id 
_struct_asym.details 
A N N 1 ? 
B N N 2 ? 
C N N 3 ? 
D N N 3 ? 
E N N 3 ? 
F N N 3 ? 
G N N 3 ? 
H N N 3 ? 
I N N 3 ? 
J N N 3 ? 
K N N 4 ? 
L N N 5 ? 
# 
_struct_ref.id                         1 
_struct_ref.db_name                    UNP 
_struct_ref.db_code                    MLP3B_HUMAN 
_struct_ref.pdbx_db_accession          Q9GZQ8 
_struct_ref.pdbx_db_isoform            ? 
_struct_ref.entity_id                  1 
_struct_ref.pdbx_seq_one_letter_code   
;MPSEKTFKQRRTFEQRVEDVRLIREQHPTKIPVIIERYKGEKQLPVLDKTKFLVPDHVNMSELIKIIRRRLQLNANQAFF
LLVNGHSMVSVSTPISEVYESEKDEDGFLYMVYASQETFG
;
_struct_ref.pdbx_align_begin           1 
# 
_struct_ref_seq.align_id                      1 
_struct_ref_seq.ref_id                        1 
_struct_ref_seq.pdbx_PDB_id_code              7GAN 
_struct_ref_seq.pdbx_strand_id                A 
_struct_ref_seq.seq_align_beg                 2 
_struct_ref_seq.pdbx_seq_align_beg_ins_code   ? 
_struct_ref_seq.seq_align_end                 121 
_struct_ref_seq.pdbx_seq_align_end_ins_code   ? 
_struct_ref_seq.pdbx_db_accession             Q9GZQ8 
_struct_ref_seq.db_align_beg                  1 
_struct_ref_seq.pdbx_db_align_beg_ins_code    ? 
_struct_ref_seq.db_align_end                  120 
_struct_ref_seq.pdbx_db_align_end_ins_code    ? 
_struct_ref_seq.pdbx_auth_seq_align_beg       1 
_struct_ref_seq.pdbx_auth_seq_align_end       120 
# 
_struct_ref_seq_dif.align_id                     1 
_struct_ref_seq_dif.pdbx_pdb_id_code             7GAN 
_struct_ref_seq_dif.mon_id                       SER 
_struct_ref_seq_dif.pdbx_pdb_strand_id           A 
_struct_ref_seq_dif.seq_num                      1 
_struct_ref_seq_dif.pdbx_pdb_ins_code            ? 
_struct_ref_seq_dif.pdbx_seq_db_name             UNP 
_struct_ref_seq_dif.pdbx_seq_db_accession_code   Q9GZQ8 
_struct_ref_seq_dif.db_mon_id                    ? 
_struct_ref_seq_dif.pdbx_seq_db_seq_num          ? 
_struct_ref_seq_dif.details                      'expression tag' 
_struct_ref_seq_dif.pdbx_auth_seq_num            0 
_struct_ref_seq_dif.pdbx_ordinal                 1 
# 
_pdbx_struct_assembly.id                   1 
_pdbx_struct_assembly.details              author_and_software_defined_assembly 
_pdbx_struct_assembly.method_details       PISA 
_pdbx_struct_assembly.oligomeric_details   monomeric 
_pdbx_struct_assembly.oligomeric_count     1 
# 
_pdbx_struct_assembly_gen.assembly_id       1 
_pdbx_struct_assembly_gen.oper_expression   1 
_pdbx_struct_assembly_gen.asym_id_list      A,B,C,D,E,F,G,H,I,J,K,L 
# 
_pdbx_struct_oper_list.id                   1 
_pdbx_struct_oper_list.type                 'identity operation' 
_pdbx_struct_oper_list.name                 1_555 
_pdbx_struct_oper_list.symmetry_operation   x,y,z 
_pdbx_struct_oper_list.matrix[1][1]         1.0000000000 
_pdbx_struct_oper_list.matrix[1][2]         0.0000000000 
_pdbx_struct_oper_list.matrix[1][3]         0.0000000000 
_pdbx_struct_oper_list.vector[1]            0.0000000000 
_pdbx_struct_oper_list.matrix[2][1]         0.0000000000 
_pdbx_struct_oper_list.matrix[2][2]         1.0000000000 
_pdbx_struct_oper_list.matrix[2][3]         0.0000000000 
_pdbx_struct_oper_list.vector[2]            0.0000000000 
_pdbx_struct_oper_list.matrix[3][1]         0.0000000000 
_pdbx_struct_oper_list.matrix[3][2]         0.0000000000 
_pdbx_struct_oper_list.matrix[3][3]         1.0000000000 
_pdbx_struct_oper_list.vector[3]            0.0000000000 
# 
loop_
_struct_conf.conf_type_id 
_struct_conf.id 
_struct_conf.pdbx_PDB_helix_id 
_struct_conf.beg_label_comp_id 
_struct_conf.beg_label_asym_id 
_struct_conf.beg_label_seq_id 
_struct_conf.pdbx_beg_PDB_ins_code 
_struct_conf.end_label_comp_id 
_struct_conf.end_label_asym_id 
_struct_conf.end_label_seq_id 
_struct_conf.pdbx_end_PDB_ins_code 
_struct_conf.beg_auth_comp_id 
_struct_conf.beg_auth_asym_id 
_struct_conf.beg_auth_seq_id 
_struct_conf.end_auth_comp_id 
_struct_conf.end_auth_asym_id 
_struct_conf.end_auth_seq_id 
_struct_conf.pdbx_PDB_helix_class 
_struct_conf.details 
_struct_conf.pdbx_PDB_helix_length 
HELX_P HELX_P1 AA1 THR A 7  ? ARG A 12  ? THR A 6  ARG A 11  1 ? 6  
HELX_P HELX_P2 AA2 THR A 13 ? HIS A 28  ? THR A 12 HIS A 27  1 ? 16 
HELX_P HELX_P3 AA3 ASN A 60 ? LEU A 72  ? ASN A 59 LEU A 71  1 ? 13 
HELX_P HELX_P4 AA4 PRO A 95 ? LYS A 104 ? PRO A 94 LYS A 103 1 ? 10 
# 
_struct_conf_type.id          HELX_P 
_struct_conf_type.criteria    ? 
_struct_conf_type.reference   ? 
# 
_struct_sheet.id               AA1 
_struct_sheet.type             ? 
_struct_sheet.number_strands   5 
_struct_sheet.details          ? 
# 
loop_
_struct_sheet_order.sheet_id 
_struct_sheet_order.range_id_1 
_struct_sheet_order.range_id_2 
_struct_sheet_order.offset 
_struct_sheet_order.sense 
AA1 1 2 ? anti-parallel 
AA1 2 3 ? parallel      
AA1 3 4 ? anti-parallel 
AA1 4 5 ? anti-parallel 
# 
loop_
_struct_sheet_range.sheet_id 
_struct_sheet_range.id 
_struct_sheet_range.beg_label_comp_id 
_struct_sheet_range.beg_label_asym_id 
_struct_sheet_range.beg_label_seq_id 
_struct_sheet_range.pdbx_beg_PDB_ins_code 
_struct_sheet_range.end_label_comp_id 
_struct_sheet_range.end_label_asym_id 
_struct_sheet_range.end_label_seq_id 
_struct_sheet_range.pdbx_end_PDB_ins_code 
_struct_sheet_range.beg_auth_comp_id 
_struct_sheet_range.beg_auth_asym_id 
_struct_sheet_range.beg_auth_seq_id 
_struct_sheet_range.end_auth_comp_id 
_struct_sheet_range.end_auth_asym_id 
_struct_sheet_range.end_auth_seq_id 
AA1 1 LYS A 52  ? PRO A 56  ? LYS A 51  PRO A 55  
AA1 2 LYS A 31  ? ARG A 38  ? LYS A 30  ARG A 37  
AA1 3 LEU A 110 ? ALA A 115 ? LEU A 109 ALA A 114 
AA1 4 PHE A 81  ? VAL A 84  ? PHE A 80  VAL A 83  
AA1 5 HIS A 87  ? SER A 88  ? HIS A 86  SER A 87  
# 
loop_
_pdbx_struct_sheet_hbond.sheet_id 
_pdbx_struct_sheet_hbond.range_id_1 
_pdbx_struct_sheet_hbond.range_id_2 
_pdbx_struct_sheet_hbond.range_1_label_atom_id 
_pdbx_struct_sheet_hbond.range_1_label_comp_id 
_pdbx_struct_sheet_hbond.range_1_label_asym_id 
_pdbx_struct_sheet_hbond.range_1_label_seq_id 
_pdbx_struct_sheet_hbond.range_1_PDB_ins_code 
_pdbx_struct_sheet_hbond.range_1_auth_atom_id 
_pdbx_struct_sheet_hbond.range_1_auth_comp_id 
_pdbx_struct_sheet_hbond.range_1_auth_asym_id 
_pdbx_struct_sheet_hbond.range_1_auth_seq_id 
_pdbx_struct_sheet_hbond.range_2_label_atom_id 
_pdbx_struct_sheet_hbond.range_2_label_comp_id 
_pdbx_struct_sheet_hbond.range_2_label_asym_id 
_pdbx_struct_sheet_hbond.range_2_label_seq_id 
_pdbx_struct_sheet_hbond.range_2_PDB_ins_code 
_pdbx_struct_sheet_hbond.range_2_auth_atom_id 
_pdbx_struct_sheet_hbond.range_2_auth_comp_id 
_pdbx_struct_sheet_hbond.range_2_auth_asym_id 
_pdbx_struct_sheet_hbond.range_2_auth_seq_id 
AA1 1 2 O VAL A 55  ? O VAL A 54  N ILE A 32  ? N ILE A 31  
AA1 2 3 N ILE A 35  ? N ILE A 34  O LEU A 110 ? O LEU A 109 
AA1 3 4 O VAL A 113 ? O VAL A 112 N LEU A 83  ? N LEU A 82  
AA1 4 5 N VAL A 84  ? N VAL A 83  O HIS A 87  ? O HIS A 86  
# 
_pdbx_entry_details.entry_id                   7GAN 
_pdbx_entry_details.compound_details           ? 
_pdbx_entry_details.source_details             ? 
_pdbx_entry_details.nonpolymer_details         ? 
_pdbx_entry_details.sequence_details           ? 
_pdbx_entry_details.has_ligand_of_interest     Y 
_pdbx_entry_details.has_protein_modification   ? 
# 
loop_
_pdbx_validate_close_contact.id 
_pdbx_validate_close_contact.PDB_model_num 
_pdbx_validate_close_contact.auth_atom_id_1 
_pdbx_validate_close_contact.auth_asym_id_1 
_pdbx_validate_close_contact.auth_comp_id_1 
_pdbx_validate_close_contact.auth_seq_id_1 
_pdbx_validate_close_contact.PDB_ins_code_1 
_pdbx_validate_close_contact.label_alt_id_1 
_pdbx_validate_close_contact.auth_atom_id_2 
_pdbx_validate_close_contact.auth_asym_id_2 
_pdbx_validate_close_contact.auth_comp_id_2 
_pdbx_validate_close_contact.auth_seq_id_2 
_pdbx_validate_close_contact.PDB_ins_code_2 
_pdbx_validate_close_contact.label_alt_id_2 
_pdbx_validate_close_contact.dist 
1 1 O   A HOH 362 ? ? O A HOH 383 ? ? 1.56 
2 1 OG1 A THR 6   ? ? O A HOH 301 ? ? 1.80 
3 1 O   A HOH 330 ? ? O A HOH 357 ? ? 1.82 
4 1 O   A HOH 372 ? ? O A HOH 375 ? ? 1.83 
5 1 O   A GLU 41  ? ? O A HOH 302 ? ? 2.10 
6 1 O   A HOH 364 ? ? O A HOH 386 ? ? 2.11 
7 1 OE2 A GLU 97  ? ? O A HOH 303 ? ? 2.14 
8 1 O   A HOH 364 ? ? O A HOH 389 ? ? 2.18 
# 
_pdbx_validate_torsion.id              1 
_pdbx_validate_torsion.PDB_model_num   1 
_pdbx_validate_torsion.auth_comp_id    GLN 
_pdbx_validate_torsion.auth_asym_id    A 
_pdbx_validate_torsion.auth_seq_id     43 
_pdbx_validate_torsion.PDB_ins_code    ? 
_pdbx_validate_torsion.label_alt_id    ? 
_pdbx_validate_torsion.phi             -90.66 
_pdbx_validate_torsion.psi             -61.99 
# 
_phasing.method   MR 
# 
loop_
_pdbx_unobs_or_zero_occ_residues.id 
_pdbx_unobs_or_zero_occ_residues.PDB_model_num 
_pdbx_unobs_or_zero_occ_residues.polymer_flag 
_pdbx_unobs_or_zero_occ_residues.occupancy_flag 
_pdbx_unobs_or_zero_occ_residues.auth_asym_id 
_pdbx_unobs_or_zero_occ_residues.auth_comp_id 
_pdbx_unobs_or_zero_occ_residues.auth_seq_id 
_pdbx_unobs_or_zero_occ_residues.PDB_ins_code 
_pdbx_unobs_or_zero_occ_residues.label_asym_id 
_pdbx_unobs_or_zero_occ_residues.label_comp_id 
_pdbx_unobs_or_zero_occ_residues.label_seq_id 
1 1 Y 1 A SER 0   ? A SER 1   
2 1 Y 1 A MET 1   ? A MET 2   
3 1 Y 1 A PRO 2   ? A PRO 3   
4 1 Y 1 A SER 3   ? A SER 4   
5 1 Y 1 A GLU 4   ? A GLU 5   
6 1 Y 1 A GLY 120 ? A GLY 121 
# 
loop_
_chem_comp_atom.comp_id 
_chem_comp_atom.atom_id 
_chem_comp_atom.type_symbol 
_chem_comp_atom.pdbx_aromatic_flag 
_chem_comp_atom.pdbx_stereo_config 
_chem_comp_atom.pdbx_ordinal 
ALA N    N  N N 1   
ALA CA   C  N S 2   
ALA C    C  N N 3   
ALA O    O  N N 4   
ALA CB   C  N N 5   
ALA OXT  O  N N 6   
ALA H    H  N N 7   
ALA H2   H  N N 8   
ALA HA   H  N N 9   
ALA HB1  H  N N 10  
ALA HB2  H  N N 11  
ALA HB3  H  N N 12  
ALA HXT  H  N N 13  
ARG N    N  N N 14  
ARG CA   C  N S 15  
ARG C    C  N N 16  
ARG O    O  N N 17  
ARG CB   C  N N 18  
ARG CG   C  N N 19  
ARG CD   C  N N 20  
ARG NE   N  N N 21  
ARG CZ   C  N N 22  
ARG NH1  N  N N 23  
ARG NH2  N  N N 24  
ARG OXT  O  N N 25  
ARG H    H  N N 26  
ARG H2   H  N N 27  
ARG HA   H  N N 28  
ARG HB2  H  N N 29  
ARG HB3  H  N N 30  
ARG HG2  H  N N 31  
ARG HG3  H  N N 32  
ARG HD2  H  N N 33  
ARG HD3  H  N N 34  
ARG HE   H  N N 35  
ARG HH11 H  N N 36  
ARG HH12 H  N N 37  
ARG HH21 H  N N 38  
ARG HH22 H  N N 39  
ARG HXT  H  N N 40  
ASN N    N  N N 41  
ASN CA   C  N S 42  
ASN C    C  N N 43  
ASN O    O  N N 44  
ASN CB   C  N N 45  
ASN CG   C  N N 46  
ASN OD1  O  N N 47  
ASN ND2  N  N N 48  
ASN OXT  O  N N 49  
ASN H    H  N N 50  
ASN H2   H  N N 51  
ASN HA   H  N N 52  
ASN HB2  H  N N 53  
ASN HB3  H  N N 54  
ASN HD21 H  N N 55  
ASN HD22 H  N N 56  
ASN HXT  H  N N 57  
ASP N    N  N N 58  
ASP CA   C  N S 59  
ASP C    C  N N 60  
ASP O    O  N N 61  
ASP CB   C  N N 62  
ASP CG   C  N N 63  
ASP OD1  O  N N 64  
ASP OD2  O  N N 65  
ASP OXT  O  N N 66  
ASP H    H  N N 67  
ASP H2   H  N N 68  
ASP HA   H  N N 69  
ASP HB2  H  N N 70  
ASP HB3  H  N N 71  
ASP HD2  H  N N 72  
ASP HXT  H  N N 73  
CL  CL   CL N N 74  
EDO C1   C  N N 75  
EDO O1   O  N N 76  
EDO C2   C  N N 77  
EDO O2   O  N N 78  
EDO H11  H  N N 79  
EDO H12  H  N N 80  
EDO HO1  H  N N 81  
EDO H21  H  N N 82  
EDO H22  H  N N 83  
EDO HO2  H  N N 84  
GLN N    N  N N 85  
GLN CA   C  N S 86  
GLN C    C  N N 87  
GLN O    O  N N 88  
GLN CB   C  N N 89  
GLN CG   C  N N 90  
GLN CD   C  N N 91  
GLN OE1  O  N N 92  
GLN NE2  N  N N 93  
GLN OXT  O  N N 94  
GLN H    H  N N 95  
GLN H2   H  N N 96  
GLN HA   H  N N 97  
GLN HB2  H  N N 98  
GLN HB3  H  N N 99  
GLN HG2  H  N N 100 
GLN HG3  H  N N 101 
GLN HE21 H  N N 102 
GLN HE22 H  N N 103 
GLN HXT  H  N N 104 
GLU N    N  N N 105 
GLU CA   C  N S 106 
GLU C    C  N N 107 
GLU O    O  N N 108 
GLU CB   C  N N 109 
GLU CG   C  N N 110 
GLU CD   C  N N 111 
GLU OE1  O  N N 112 
GLU OE2  O  N N 113 
GLU OXT  O  N N 114 
GLU H    H  N N 115 
GLU H2   H  N N 116 
GLU HA   H  N N 117 
GLU HB2  H  N N 118 
GLU HB3  H  N N 119 
GLU HG2  H  N N 120 
GLU HG3  H  N N 121 
GLU HE2  H  N N 122 
GLU HXT  H  N N 123 
GLY N    N  N N 124 
GLY CA   C  N N 125 
GLY C    C  N N 126 
GLY O    O  N N 127 
GLY OXT  O  N N 128 
GLY H    H  N N 129 
GLY H2   H  N N 130 
GLY HA2  H  N N 131 
GLY HA3  H  N N 132 
GLY HXT  H  N N 133 
HIS N    N  N N 134 
HIS CA   C  N S 135 
HIS C    C  N N 136 
HIS O    O  N N 137 
HIS CB   C  N N 138 
HIS CG   C  Y N 139 
HIS ND1  N  Y N 140 
HIS CD2  C  Y N 141 
HIS CE1  C  Y N 142 
HIS NE2  N  Y N 143 
HIS OXT  O  N N 144 
HIS H    H  N N 145 
HIS H2   H  N N 146 
HIS HA   H  N N 147 
HIS HB2  H  N N 148 
HIS HB3  H  N N 149 
HIS HD1  H  N N 150 
HIS HD2  H  N N 151 
HIS HE1  H  N N 152 
HIS HE2  H  N N 153 
HIS HXT  H  N N 154 
HOH O    O  N N 155 
HOH H1   H  N N 156 
HOH H2   H  N N 157 
ILE N    N  N N 158 
ILE CA   C  N S 159 
ILE C    C  N N 160 
ILE O    O  N N 161 
ILE CB   C  N S 162 
ILE CG1  C  N N 163 
ILE CG2  C  N N 164 
ILE CD1  C  N N 165 
ILE OXT  O  N N 166 
ILE H    H  N N 167 
ILE H2   H  N N 168 
ILE HA   H  N N 169 
ILE HB   H  N N 170 
ILE HG12 H  N N 171 
ILE HG13 H  N N 172 
ILE HG21 H  N N 173 
ILE HG22 H  N N 174 
ILE HG23 H  N N 175 
ILE HD11 H  N N 176 
ILE HD12 H  N N 177 
ILE HD13 H  N N 178 
ILE HXT  H  N N 179 
LEU N    N  N N 180 
LEU CA   C  N S 181 
LEU C    C  N N 182 
LEU O    O  N N 183 
LEU CB   C  N N 184 
LEU CG   C  N N 185 
LEU CD1  C  N N 186 
LEU CD2  C  N N 187 
LEU OXT  O  N N 188 
LEU H    H  N N 189 
LEU H2   H  N N 190 
LEU HA   H  N N 191 
LEU HB2  H  N N 192 
LEU HB3  H  N N 193 
LEU HG   H  N N 194 
LEU HD11 H  N N 195 
LEU HD12 H  N N 196 
LEU HD13 H  N N 197 
LEU HD21 H  N N 198 
LEU HD22 H  N N 199 
LEU HD23 H  N N 200 
LEU HXT  H  N N 201 
LYS N    N  N N 202 
LYS CA   C  N S 203 
LYS C    C  N N 204 
LYS O    O  N N 205 
LYS CB   C  N N 206 
LYS CG   C  N N 207 
LYS CD   C  N N 208 
LYS CE   C  N N 209 
LYS NZ   N  N N 210 
LYS OXT  O  N N 211 
LYS H    H  N N 212 
LYS H2   H  N N 213 
LYS HA   H  N N 214 
LYS HB2  H  N N 215 
LYS HB3  H  N N 216 
LYS HG2  H  N N 217 
LYS HG3  H  N N 218 
LYS HD2  H  N N 219 
LYS HD3  H  N N 220 
LYS HE2  H  N N 221 
LYS HE3  H  N N 222 
LYS HZ1  H  N N 223 
LYS HZ2  H  N N 224 
LYS HZ3  H  N N 225 
LYS HXT  H  N N 226 
MET N    N  N N 227 
MET CA   C  N S 228 
MET C    C  N N 229 
MET O    O  N N 230 
MET CB   C  N N 231 
MET CG   C  N N 232 
MET SD   S  N N 233 
MET CE   C  N N 234 
MET OXT  O  N N 235 
MET H    H  N N 236 
MET H2   H  N N 237 
MET HA   H  N N 238 
MET HB2  H  N N 239 
MET HB3  H  N N 240 
MET HG2  H  N N 241 
MET HG3  H  N N 242 
MET HE1  H  N N 243 
MET HE2  H  N N 244 
MET HE3  H  N N 245 
MET HXT  H  N N 246 
PHE N    N  N N 247 
PHE CA   C  N S 248 
PHE C    C  N N 249 
PHE O    O  N N 250 
PHE CB   C  N N 251 
PHE CG   C  Y N 252 
PHE CD1  C  Y N 253 
PHE CD2  C  Y N 254 
PHE CE1  C  Y N 255 
PHE CE2  C  Y N 256 
PHE CZ   C  Y N 257 
PHE OXT  O  N N 258 
PHE H    H  N N 259 
PHE H2   H  N N 260 
PHE HA   H  N N 261 
PHE HB2  H  N N 262 
PHE HB3  H  N N 263 
PHE HD1  H  N N 264 
PHE HD2  H  N N 265 
PHE HE1  H  N N 266 
PHE HE2  H  N N 267 
PHE HZ   H  N N 268 
PHE HXT  H  N N 269 
PRO N    N  N N 270 
PRO CA   C  N S 271 
PRO C    C  N N 272 
PRO O    O  N N 273 
PRO CB   C  N N 274 
PRO CG   C  N N 275 
PRO CD   C  N N 276 
PRO OXT  O  N N 277 
PRO H    H  N N 278 
PRO HA   H  N N 279 
PRO HB2  H  N N 280 
PRO HB3  H  N N 281 
PRO HG2  H  N N 282 
PRO HG3  H  N N 283 
PRO HD2  H  N N 284 
PRO HD3  H  N N 285 
PRO HXT  H  N N 286 
RWP C4   C  Y N 287 
RWP C5   C  Y N 288 
RWP C6   C  Y N 289 
RWP C7   C  Y N 290 
RWP C8   C  N N 291 
RWP O2   O  N N 292 
RWP C1   C  N N 293 
RWP O    O  N N 294 
RWP C    C  N N 295 
RWP C2   C  Y N 296 
RWP C3   C  Y N 297 
RWP N    N  N N 298 
RWP O1   O  N N 299 
RWP C9   C  N N 300 
RWP F    F  N N 301 
RWP F1   F  N N 302 
RWP F2   F  N N 303 
RWP H1   H  N N 304 
RWP H2   H  N N 305 
RWP H3   H  N N 306 
RWP H4   H  N N 307 
RWP H5   H  N N 308 
RWP H6   H  N N 309 
RWP H7   H  N N 310 
RWP H8   H  N N 311 
SER N    N  N N 312 
SER CA   C  N S 313 
SER C    C  N N 314 
SER O    O  N N 315 
SER CB   C  N N 316 
SER OG   O  N N 317 
SER OXT  O  N N 318 
SER H    H  N N 319 
SER H2   H  N N 320 
SER HA   H  N N 321 
SER HB2  H  N N 322 
SER HB3  H  N N 323 
SER HG   H  N N 324 
SER HXT  H  N N 325 
THR N    N  N N 326 
THR CA   C  N S 327 
THR C    C  N N 328 
THR O    O  N N 329 
THR CB   C  N R 330 
THR OG1  O  N N 331 
THR CG2  C  N N 332 
THR OXT  O  N N 333 
THR H    H  N N 334 
THR H2   H  N N 335 
THR HA   H  N N 336 
THR HB   H  N N 337 
THR HG1  H  N N 338 
THR HG21 H  N N 339 
THR HG22 H  N N 340 
THR HG23 H  N N 341 
THR HXT  H  N N 342 
TYR N    N  N N 343 
TYR CA   C  N S 344 
TYR C    C  N N 345 
TYR O    O  N N 346 
TYR CB   C  N N 347 
TYR CG   C  Y N 348 
TYR CD1  C  Y N 349 
TYR CD2  C  Y N 350 
TYR CE1  C  Y N 351 
TYR CE2  C  Y N 352 
TYR CZ   C  Y N 353 
TYR OH   O  N N 354 
TYR OXT  O  N N 355 
TYR H    H  N N 356 
TYR H2   H  N N 357 
TYR HA   H  N N 358 
TYR HB2  H  N N 359 
TYR HB3  H  N N 360 
TYR HD1  H  N N 361 
TYR HD2  H  N N 362 
TYR HE1  H  N N 363 
TYR HE2  H  N N 364 
TYR HH   H  N N 365 
TYR HXT  H  N N 366 
VAL N    N  N N 367 
VAL CA   C  N S 368 
VAL C    C  N N 369 
VAL O    O  N N 370 
VAL CB   C  N N 371 
VAL CG1  C  N N 372 
VAL CG2  C  N N 373 
VAL OXT  O  N N 374 
VAL H    H  N N 375 
VAL H2   H  N N 376 
VAL HA   H  N N 377 
VAL HB   H  N N 378 
VAL HG11 H  N N 379 
VAL HG12 H  N N 380 
VAL HG13 H  N N 381 
VAL HG21 H  N N 382 
VAL HG22 H  N N 383 
VAL HG23 H  N N 384 
VAL HXT  H  N N 385 
# 
loop_
_chem_comp_bond.comp_id 
_chem_comp_bond.atom_id_1 
_chem_comp_bond.atom_id_2 
_chem_comp_bond.value_order 
_chem_comp_bond.pdbx_aromatic_flag 
_chem_comp_bond.pdbx_stereo_config 
_chem_comp_bond.pdbx_ordinal 
ALA N   CA   sing N N 1   
ALA N   H    sing N N 2   
ALA N   H2   sing N N 3   
ALA CA  C    sing N N 4   
ALA CA  CB   sing N N 5   
ALA CA  HA   sing N N 6   
ALA C   O    doub N N 7   
ALA C   OXT  sing N N 8   
ALA CB  HB1  sing N N 9   
ALA CB  HB2  sing N N 10  
ALA CB  HB3  sing N N 11  
ALA OXT HXT  sing N N 12  
ARG N   CA   sing N N 13  
ARG N   H    sing N N 14  
ARG N   H2   sing N N 15  
ARG CA  C    sing N N 16  
ARG CA  CB   sing N N 17  
ARG CA  HA   sing N N 18  
ARG C   O    doub N N 19  
ARG C   OXT  sing N N 20  
ARG CB  CG   sing N N 21  
ARG CB  HB2  sing N N 22  
ARG CB  HB3  sing N N 23  
ARG CG  CD   sing N N 24  
ARG CG  HG2  sing N N 25  
ARG CG  HG3  sing N N 26  
ARG CD  NE   sing N N 27  
ARG CD  HD2  sing N N 28  
ARG CD  HD3  sing N N 29  
ARG NE  CZ   sing N N 30  
ARG NE  HE   sing N N 31  
ARG CZ  NH1  sing N N 32  
ARG CZ  NH2  doub N N 33  
ARG NH1 HH11 sing N N 34  
ARG NH1 HH12 sing N N 35  
ARG NH2 HH21 sing N N 36  
ARG NH2 HH22 sing N N 37  
ARG OXT HXT  sing N N 38  
ASN N   CA   sing N N 39  
ASN N   H    sing N N 40  
ASN N   H2   sing N N 41  
ASN CA  C    sing N N 42  
ASN CA  CB   sing N N 43  
ASN CA  HA   sing N N 44  
ASN C   O    doub N N 45  
ASN C   OXT  sing N N 46  
ASN CB  CG   sing N N 47  
ASN CB  HB2  sing N N 48  
ASN CB  HB3  sing N N 49  
ASN CG  OD1  doub N N 50  
ASN CG  ND2  sing N N 51  
ASN ND2 HD21 sing N N 52  
ASN ND2 HD22 sing N N 53  
ASN OXT HXT  sing N N 54  
ASP N   CA   sing N N 55  
ASP N   H    sing N N 56  
ASP N   H2   sing N N 57  
ASP CA  C    sing N N 58  
ASP CA  CB   sing N N 59  
ASP CA  HA   sing N N 60  
ASP C   O    doub N N 61  
ASP C   OXT  sing N N 62  
ASP CB  CG   sing N N 63  
ASP CB  HB2  sing N N 64  
ASP CB  HB3  sing N N 65  
ASP CG  OD1  doub N N 66  
ASP CG  OD2  sing N N 67  
ASP OD2 HD2  sing N N 68  
ASP OXT HXT  sing N N 69  
EDO C1  O1   sing N N 70  
EDO C1  C2   sing N N 71  
EDO C1  H11  sing N N 72  
EDO C1  H12  sing N N 73  
EDO O1  HO1  sing N N 74  
EDO C2  O2   sing N N 75  
EDO C2  H21  sing N N 76  
EDO C2  H22  sing N N 77  
EDO O2  HO2  sing N N 78  
GLN N   CA   sing N N 79  
GLN N   H    sing N N 80  
GLN N   H2   sing N N 81  
GLN CA  C    sing N N 82  
GLN CA  CB   sing N N 83  
GLN CA  HA   sing N N 84  
GLN C   O    doub N N 85  
GLN C   OXT  sing N N 86  
GLN CB  CG   sing N N 87  
GLN CB  HB2  sing N N 88  
GLN CB  HB3  sing N N 89  
GLN CG  CD   sing N N 90  
GLN CG  HG2  sing N N 91  
GLN CG  HG3  sing N N 92  
GLN CD  OE1  doub N N 93  
GLN CD  NE2  sing N N 94  
GLN NE2 HE21 sing N N 95  
GLN NE2 HE22 sing N N 96  
GLN OXT HXT  sing N N 97  
GLU N   CA   sing N N 98  
GLU N   H    sing N N 99  
GLU N   H2   sing N N 100 
GLU CA  C    sing N N 101 
GLU CA  CB   sing N N 102 
GLU CA  HA   sing N N 103 
GLU C   O    doub N N 104 
GLU C   OXT  sing N N 105 
GLU CB  CG   sing N N 106 
GLU CB  HB2  sing N N 107 
GLU CB  HB3  sing N N 108 
GLU CG  CD   sing N N 109 
GLU CG  HG2  sing N N 110 
GLU CG  HG3  sing N N 111 
GLU CD  OE1  doub N N 112 
GLU CD  OE2  sing N N 113 
GLU OE2 HE2  sing N N 114 
GLU OXT HXT  sing N N 115 
GLY N   CA   sing N N 116 
GLY N   H    sing N N 117 
GLY N   H2   sing N N 118 
GLY CA  C    sing N N 119 
GLY CA  HA2  sing N N 120 
GLY CA  HA3  sing N N 121 
GLY C   O    doub N N 122 
GLY C   OXT  sing N N 123 
GLY OXT HXT  sing N N 124 
HIS N   CA   sing N N 125 
HIS N   H    sing N N 126 
HIS N   H2   sing N N 127 
HIS CA  C    sing N N 128 
HIS CA  CB   sing N N 129 
HIS CA  HA   sing N N 130 
HIS C   O    doub N N 131 
HIS C   OXT  sing N N 132 
HIS CB  CG   sing N N 133 
HIS CB  HB2  sing N N 134 
HIS CB  HB3  sing N N 135 
HIS CG  ND1  sing Y N 136 
HIS CG  CD2  doub Y N 137 
HIS ND1 CE1  doub Y N 138 
HIS ND1 HD1  sing N N 139 
HIS CD2 NE2  sing Y N 140 
HIS CD2 HD2  sing N N 141 
HIS CE1 NE2  sing Y N 142 
HIS CE1 HE1  sing N N 143 
HIS NE2 HE2  sing N N 144 
HIS OXT HXT  sing N N 145 
HOH O   H1   sing N N 146 
HOH O   H2   sing N N 147 
ILE N   CA   sing N N 148 
ILE N   H    sing N N 149 
ILE N   H2   sing N N 150 
ILE CA  C    sing N N 151 
ILE CA  CB   sing N N 152 
ILE CA  HA   sing N N 153 
ILE C   O    doub N N 154 
ILE C   OXT  sing N N 155 
ILE CB  CG1  sing N N 156 
ILE CB  CG2  sing N N 157 
ILE CB  HB   sing N N 158 
ILE CG1 CD1  sing N N 159 
ILE CG1 HG12 sing N N 160 
ILE CG1 HG13 sing N N 161 
ILE CG2 HG21 sing N N 162 
ILE CG2 HG22 sing N N 163 
ILE CG2 HG23 sing N N 164 
ILE CD1 HD11 sing N N 165 
ILE CD1 HD12 sing N N 166 
ILE CD1 HD13 sing N N 167 
ILE OXT HXT  sing N N 168 
LEU N   CA   sing N N 169 
LEU N   H    sing N N 170 
LEU N   H2   sing N N 171 
LEU CA  C    sing N N 172 
LEU CA  CB   sing N N 173 
LEU CA  HA   sing N N 174 
LEU C   O    doub N N 175 
LEU C   OXT  sing N N 176 
LEU CB  CG   sing N N 177 
LEU CB  HB2  sing N N 178 
LEU CB  HB3  sing N N 179 
LEU CG  CD1  sing N N 180 
LEU CG  CD2  sing N N 181 
LEU CG  HG   sing N N 182 
LEU CD1 HD11 sing N N 183 
LEU CD1 HD12 sing N N 184 
LEU CD1 HD13 sing N N 185 
LEU CD2 HD21 sing N N 186 
LEU CD2 HD22 sing N N 187 
LEU CD2 HD23 sing N N 188 
LEU OXT HXT  sing N N 189 
LYS N   CA   sing N N 190 
LYS N   H    sing N N 191 
LYS N   H2   sing N N 192 
LYS CA  C    sing N N 193 
LYS CA  CB   sing N N 194 
LYS CA  HA   sing N N 195 
LYS C   O    doub N N 196 
LYS C   OXT  sing N N 197 
LYS CB  CG   sing N N 198 
LYS CB  HB2  sing N N 199 
LYS CB  HB3  sing N N 200 
LYS CG  CD   sing N N 201 
LYS CG  HG2  sing N N 202 
LYS CG  HG3  sing N N 203 
LYS CD  CE   sing N N 204 
LYS CD  HD2  sing N N 205 
LYS CD  HD3  sing N N 206 
LYS CE  NZ   sing N N 207 
LYS CE  HE2  sing N N 208 
LYS CE  HE3  sing N N 209 
LYS NZ  HZ1  sing N N 210 
LYS NZ  HZ2  sing N N 211 
LYS NZ  HZ3  sing N N 212 
LYS OXT HXT  sing N N 213 
MET N   CA   sing N N 214 
MET N   H    sing N N 215 
MET N   H2   sing N N 216 
MET CA  C    sing N N 217 
MET CA  CB   sing N N 218 
MET CA  HA   sing N N 219 
MET C   O    doub N N 220 
MET C   OXT  sing N N 221 
MET CB  CG   sing N N 222 
MET CB  HB2  sing N N 223 
MET CB  HB3  sing N N 224 
MET CG  SD   sing N N 225 
MET CG  HG2  sing N N 226 
MET CG  HG3  sing N N 227 
MET SD  CE   sing N N 228 
MET CE  HE1  sing N N 229 
MET CE  HE2  sing N N 230 
MET CE  HE3  sing N N 231 
MET OXT HXT  sing N N 232 
PHE N   CA   sing N N 233 
PHE N   H    sing N N 234 
PHE N   H2   sing N N 235 
PHE CA  C    sing N N 236 
PHE CA  CB   sing N N 237 
PHE CA  HA   sing N N 238 
PHE C   O    doub N N 239 
PHE C   OXT  sing N N 240 
PHE CB  CG   sing N N 241 
PHE CB  HB2  sing N N 242 
PHE CB  HB3  sing N N 243 
PHE CG  CD1  doub Y N 244 
PHE CG  CD2  sing Y N 245 
PHE CD1 CE1  sing Y N 246 
PHE CD1 HD1  sing N N 247 
PHE CD2 CE2  doub Y N 248 
PHE CD2 HD2  sing N N 249 
PHE CE1 CZ   doub Y N 250 
PHE CE1 HE1  sing N N 251 
PHE CE2 CZ   sing Y N 252 
PHE CE2 HE2  sing N N 253 
PHE CZ  HZ   sing N N 254 
PHE OXT HXT  sing N N 255 
PRO N   CA   sing N N 256 
PRO N   CD   sing N N 257 
PRO N   H    sing N N 258 
PRO CA  C    sing N N 259 
PRO CA  CB   sing N N 260 
PRO CA  HA   sing N N 261 
PRO C   O    doub N N 262 
PRO C   OXT  sing N N 263 
PRO CB  CG   sing N N 264 
PRO CB  HB2  sing N N 265 
PRO CB  HB3  sing N N 266 
PRO CG  CD   sing N N 267 
PRO CG  HG2  sing N N 268 
PRO CG  HG3  sing N N 269 
PRO CD  HD2  sing N N 270 
PRO CD  HD3  sing N N 271 
PRO OXT HXT  sing N N 272 
RWP F   C9   sing N N 273 
RWP F2  C9   sing N N 274 
RWP C9  F1   sing N N 275 
RWP C9  C8   sing N N 276 
RWP C4  C3   doub Y N 277 
RWP C4  C5   sing Y N 278 
RWP N   C8   sing N N 279 
RWP N   C5   sing N N 280 
RWP C3  C2   sing Y N 281 
RWP C8  O1   doub N N 282 
RWP C5  C6   doub Y N 283 
RWP O2  C1   doub N N 284 
RWP C2  C1   sing N N 285 
RWP C2  C7   doub Y N 286 
RWP C6  C7   sing Y N 287 
RWP C1  O    sing N N 288 
RWP O   C    sing N N 289 
RWP C4  H1   sing N N 290 
RWP C6  H2   sing N N 291 
RWP C7  H3   sing N N 292 
RWP C   H4   sing N N 293 
RWP C   H5   sing N N 294 
RWP C   H6   sing N N 295 
RWP C3  H7   sing N N 296 
RWP N   H8   sing N N 297 
SER N   CA   sing N N 298 
SER N   H    sing N N 299 
SER N   H2   sing N N 300 
SER CA  C    sing N N 301 
SER CA  CB   sing N N 302 
SER CA  HA   sing N N 303 
SER C   O    doub N N 304 
SER C   OXT  sing N N 305 
SER CB  OG   sing N N 306 
SER CB  HB2  sing N N 307 
SER CB  HB3  sing N N 308 
SER OG  HG   sing N N 309 
SER OXT HXT  sing N N 310 
THR N   CA   sing N N 311 
THR N   H    sing N N 312 
THR N   H2   sing N N 313 
THR CA  C    sing N N 314 
THR CA  CB   sing N N 315 
THR CA  HA   sing N N 316 
THR C   O    doub N N 317 
THR C   OXT  sing N N 318 
THR CB  OG1  sing N N 319 
THR CB  CG2  sing N N 320 
THR CB  HB   sing N N 321 
THR OG1 HG1  sing N N 322 
THR CG2 HG21 sing N N 323 
THR CG2 HG22 sing N N 324 
THR CG2 HG23 sing N N 325 
THR OXT HXT  sing N N 326 
TYR N   CA   sing N N 327 
TYR N   H    sing N N 328 
TYR N   H2   sing N N 329 
TYR CA  C    sing N N 330 
TYR CA  CB   sing N N 331 
TYR CA  HA   sing N N 332 
TYR C   O    doub N N 333 
TYR C   OXT  sing N N 334 
TYR CB  CG   sing N N 335 
TYR CB  HB2  sing N N 336 
TYR CB  HB3  sing N N 337 
TYR CG  CD1  doub Y N 338 
TYR CG  CD2  sing Y N 339 
TYR CD1 CE1  sing Y N 340 
TYR CD1 HD1  sing N N 341 
TYR CD2 CE2  doub Y N 342 
TYR CD2 HD2  sing N N 343 
TYR CE1 CZ   doub Y N 344 
TYR CE1 HE1  sing N N 345 
TYR CE2 CZ   sing Y N 346 
TYR CE2 HE2  sing N N 347 
TYR CZ  OH   sing N N 348 
TYR OH  HH   sing N N 349 
TYR OXT HXT  sing N N 350 
VAL N   CA   sing N N 351 
VAL N   H    sing N N 352 
VAL N   H2   sing N N 353 
VAL CA  C    sing N N 354 
VAL CA  CB   sing N N 355 
VAL CA  HA   sing N N 356 
VAL C   O    doub N N 357 
VAL C   OXT  sing N N 358 
VAL CB  CG1  sing N N 359 
VAL CB  CG2  sing N N 360 
VAL CB  HB   sing N N 361 
VAL CG1 HG11 sing N N 362 
VAL CG1 HG12 sing N N 363 
VAL CG1 HG13 sing N N 364 
VAL CG2 HG21 sing N N 365 
VAL CG2 HG22 sing N N 366 
VAL CG2 HG23 sing N N 367 
VAL OXT HXT  sing N N 368 
# 
_pdbx_audit_support.ordinal                1 
_pdbx_audit_support.funding_organization   'European Union (EU)' 
_pdbx_audit_support.grant_number           875510 
_pdbx_audit_support.country                'European Union' 
# 
_pdbx_deposit_group.group_id            G_1002273 
_pdbx_deposit_group.group_description   
;MAP1LC3B screened against the DSi-poised Fragment Library by X-ray Crystallography at the XChem facility of Diamond Light Source beamline I04-1
;
_pdbx_deposit_group.group_title         'PanDDA analysis group deposition' 
_pdbx_deposit_group.group_type          'changed state' 
# 
_atom_sites.entry_id                    7GAN 
_atom_sites.fract_transf_matrix[1][1]   -0.00617967 
_atom_sites.fract_transf_matrix[1][2]   -0.00570141 
_atom_sites.fract_transf_matrix[1][3]   0.01404456 
_atom_sites.fract_transf_matrix[2][1]   -0.00112203 
_atom_sites.fract_transf_matrix[2][2]   0.01529736 
_atom_sites.fract_transf_matrix[2][3]   0.00571629 
_atom_sites.fract_transf_matrix[3][1]   -0.02598339 
_atom_sites.fract_transf_matrix[3][2]   0.00205467 
_atom_sites.fract_transf_matrix[3][3]   -0.01059871 
_atom_sites.fract_transf_vector[1]      0.186040 
_atom_sites.fract_transf_vector[2]      -0.380449 
_atom_sites.fract_transf_vector[3]      0.022306 
# 
loop_
_atom_type.symbol 
C  
CL 
F  
N  
O  
S  
# 
loop_
_atom_site.group_PDB 
_atom_site.id 
_atom_site.type_symbol 
_atom_site.label_atom_id 
_atom_site.label_alt_id 
_atom_site.label_comp_id 
_atom_site.label_asym_id 
_atom_site.label_entity_id 
_atom_site.label_seq_id 
_atom_site.pdbx_PDB_ins_code 
_atom_site.Cartn_x 
_atom_site.Cartn_y 
_atom_site.Cartn_z 
_atom_site.occupancy 
_atom_site.B_iso_or_equiv 
_atom_site.pdbx_formal_charge 
_atom_site.auth_seq_id 
_atom_site.auth_comp_id 
_atom_site.auth_asym_id 
_atom_site.auth_atom_id 
_atom_site.pdbx_PDB_model_num 
ATOM   1    N  N   . LYS A 1 6   ? 13.683  10.282  -1.824  1.00 94.43  ? 5   LYS A N   1 
ATOM   2    C  CA  . LYS A 1 6   ? 12.343  10.575  -1.227  1.00 99.27  ? 5   LYS A CA  1 
ATOM   3    C  C   . LYS A 1 6   ? 11.497  9.289   -1.167  1.00 94.96  ? 5   LYS A C   1 
ATOM   4    O  O   . LYS A 1 6   ? 11.240  8.820   -0.049  1.00 86.44  ? 5   LYS A O   1 
ATOM   5    C  CB  . LYS A 1 6   ? 11.638  11.683  -2.017  1.00 101.20 ? 5   LYS A CB  1 
ATOM   6    C  CG  . LYS A 1 6   ? 11.922  13.091  -1.521  1.00 98.51  ? 5   LYS A CG  1 
ATOM   7    C  CD  . LYS A 1 6   ? 11.382  13.347  -0.136  1.00 95.28  ? 5   LYS A CD  1 
ATOM   8    C  CE  . LYS A 1 6   ? 10.732  14.706  -0.019  1.00 97.14  ? 5   LYS A CE  1 
ATOM   9    N  NZ  . LYS A 1 6   ? 11.678  15.785  -0.389  1.00 100.39 ? 5   LYS A NZ  1 
ATOM   10   N  N   . THR A 1 7   ? 11.091  8.739   -2.320  1.00 89.76  ? 6   THR A N   1 
ATOM   11   C  CA  . THR A 1 7   ? 10.252  7.508   -2.429  1.00 78.62  ? 6   THR A CA  1 
ATOM   12   C  C   . THR A 1 7   ? 11.053  6.291   -1.961  1.00 72.74  ? 6   THR A C   1 
ATOM   13   O  O   . THR A 1 7   ? 12.307  6.340   -2.026  1.00 69.88  ? 6   THR A O   1 
ATOM   14   C  CB  . THR A 1 7   ? 9.744   7.234   -3.853  1.00 83.64  ? 6   THR A CB  1 
ATOM   15   O  OG1 . THR A 1 7   ? 10.844  6.761   -4.635  1.00 71.62  ? 6   THR A OG1 1 
ATOM   16   C  CG2 . THR A 1 7   ? 9.096   8.432   -4.520  1.00 91.00  ? 6   THR A CG2 1 
ATOM   17   N  N   . PHE A 1 8   ? 10.339  5.233   -1.567  1.00 62.13  ? 7   PHE A N   1 
ATOM   18   C  CA  . PHE A 1 8   ? 10.880  3.967   -1.001  1.00 59.51  ? 7   PHE A CA  1 
ATOM   19   C  C   . PHE A 1 8   ? 11.866  3.286   -1.955  1.00 57.77  ? 7   PHE A C   1 
ATOM   20   O  O   . PHE A 1 8   ? 12.972  2.861   -1.510  1.00 64.67  ? 7   PHE A O   1 
ATOM   21   C  CB  . PHE A 1 8   ? 9.752   2.971   -0.713  1.00 56.99  ? 7   PHE A CB  1 
ATOM   22   C  CG  . PHE A 1 8   ? 10.193  1.725   0.007   1.00 53.01  ? 7   PHE A CG  1 
ATOM   23   C  CD1 . PHE A 1 8   ? 10.589  1.779   1.333   1.00 55.76  ? 7   PHE A CD1 1 
ATOM   24   C  CD2 . PHE A 1 8   ? 10.235  0.507   -0.641  1.00 52.26  ? 7   PHE A CD2 1 
ATOM   25   C  CE1 . PHE A 1 8   ? 10.970  0.628   2.008   1.00 53.71  ? 7   PHE A CE1 1 
ATOM   26   C  CE2 . PHE A 1 8   ? 10.631  -0.639  0.033   1.00 56.12  ? 7   PHE A CE2 1 
ATOM   27   C  CZ  . PHE A 1 8   ? 10.995  -0.577  1.358   1.00 50.48  ? 7   PHE A CZ  1 
ATOM   28   N  N   . LYS A 1 9   ? 11.466  3.099   -3.216  1.00 63.91  ? 8   LYS A N   1 
ATOM   29   C  CA  . LYS A 1 9   ? 12.334  2.420   -4.215  1.00 63.82  ? 8   LYS A CA  1 
ATOM   30   C  C   . LYS A 1 9   ? 13.688  3.145   -4.261  1.00 67.40  ? 8   LYS A C   1 
ATOM   31   O  O   . LYS A 1 9   ? 14.735  2.448   -4.341  1.00 65.57  ? 8   LYS A O   1 
ATOM   32   C  CB  . LYS A 1 9   ? 11.648  2.338   -5.581  1.00 58.45  ? 8   LYS A CB  1 
ATOM   33   C  CG  . LYS A 1 9   ? 10.650  1.204   -5.697  1.00 60.60  ? 8   LYS A CG  1 
ATOM   34   C  CD  . LYS A 1 9   ? 10.242  0.847   -7.093  1.00 60.01  ? 8   LYS A CD  1 
ATOM   35   C  CE  . LYS A 1 9   ? 9.377   -0.394  -7.108  1.00 64.64  ? 8   LYS A CE  1 
ATOM   36   N  NZ  . LYS A 1 9   ? 8.601   -0.557  -8.359  1.00 68.88  ? 8   LYS A NZ  1 
ATOM   37   N  N   . GLN A 1 10  ? 13.633  4.484   -4.185  1.00 65.31  ? 9   GLN A N   1 
ATOM   38   C  CA  . GLN A 1 10  ? 14.772  5.438   -4.221  1.00 69.17  ? 9   GLN A CA  1 
ATOM   39   C  C   . GLN A 1 10  ? 15.704  5.256   -3.013  1.00 65.99  ? 9   GLN A C   1 
ATOM   40   O  O   . GLN A 1 10  ? 16.928  5.354   -3.189  1.00 69.78  ? 9   GLN A O   1 
ATOM   41   C  CB  . GLN A 1 10  ? 14.257  6.878   -4.273  1.00 63.88  ? 9   GLN A CB  1 
ATOM   42   C  CG  . GLN A 1 10  ? 13.689  7.259   -5.631  1.00 69.27  ? 9   GLN A CG  1 
ATOM   43   C  CD  . GLN A 1 10  ? 13.078  8.643   -5.641  1.00 77.09  ? 9   GLN A CD  1 
ATOM   44   O  OE1 . GLN A 1 10  ? 12.907  9.297   -4.607  1.00 76.27  ? 9   GLN A OE1 1 
ATOM   45   N  NE2 . GLN A 1 10  ? 12.737  9.109   -6.831  1.00 79.09  ? 9   GLN A NE2 1 
ATOM   46   N  N   A ARG A 1 11  ? 15.132  5.008   -1.828  0.34 62.47  ? 10  ARG A N   1 
ATOM   47   N  N   B ARG A 1 11  ? 15.138  4.990   -1.832  0.17 62.90  ? 10  ARG A N   1 
ATOM   48   C  CA  A ARG A 1 11  ? 15.863  4.891   -0.537  0.34 61.32  ? 10  ARG A CA  1 
ATOM   49   C  CA  B ARG A 1 11  ? 15.880  4.903   -0.547  0.17 61.05  ? 10  ARG A CA  1 
ATOM   50   C  C   A ARG A 1 11  ? 16.585  3.544   -0.447  0.34 62.46  ? 10  ARG A C   1 
ATOM   51   C  C   B ARG A 1 11  ? 16.566  3.538   -0.408  0.17 61.57  ? 10  ARG A C   1 
ATOM   52   O  O   A ARG A 1 11  ? 17.673  3.511   0.156   0.34 63.22  ? 10  ARG A O   1 
ATOM   53   O  O   B ARG A 1 11  ? 17.618  3.490   0.257   0.17 61.66  ? 10  ARG A O   1 
ATOM   54   C  CB  A ARG A 1 11  ? 14.911  5.008   0.657   0.34 65.34  ? 10  ARG A CB  1 
ATOM   55   C  CB  B ARG A 1 11  ? 14.935  5.144   0.631   0.17 61.98  ? 10  ARG A CB  1 
ATOM   56   C  CG  A ARG A 1 11  ? 14.318  6.391   0.866   0.34 69.58  ? 10  ARG A CG  1 
ATOM   57   C  CG  B ARG A 1 11  ? 14.463  6.584   0.759   0.17 63.25  ? 10  ARG A CG  1 
ATOM   58   C  CD  A ARG A 1 11  ? 13.615  6.518   2.210   0.34 74.59  ? 10  ARG A CD  1 
ATOM   59   C  CD  B ARG A 1 11  ? 13.417  6.745   1.845   0.17 64.43  ? 10  ARG A CD  1 
ATOM   60   N  NE  A ARG A 1 11  ? 12.163  6.403   2.115   0.34 77.95  ? 10  ARG A NE  1 
ATOM   61   N  NE  B ARG A 1 11  ? 12.062  6.765   1.310   0.17 64.59  ? 10  ARG A NE  1 
ATOM   62   C  CZ  A ARG A 1 11  ? 11.439  5.447   2.686   0.34 79.51  ? 10  ARG A CZ  1 
ATOM   63   C  CZ  B ARG A 1 11  ? 10.975  6.454   2.004   0.17 61.23  ? 10  ARG A CZ  1 
ATOM   64   N  NH1 A ARG A 1 11  ? 12.028  4.508   3.411   0.34 79.70  ? 10  ARG A NH1 1 
ATOM   65   N  NH1 B ARG A 1 11  ? 11.086  6.081   3.266   0.17 63.35  ? 10  ARG A NH1 1 
ATOM   66   N  NH2 A ARG A 1 11  ? 10.128  5.440   2.534   0.34 81.58  ? 10  ARG A NH2 1 
ATOM   67   N  NH2 B ARG A 1 11  ? 9.788   6.506   1.430   0.17 61.15  ? 10  ARG A NH2 1 
ATOM   68   N  N   . ARG A 1 12  ? 15.994  2.471   -0.983  1.00 60.09  ? 11  ARG A N   1 
ATOM   69   C  CA  . ARG A 1 12  ? 16.534  1.090   -0.794  1.00 60.73  ? 11  ARG A CA  1 
ATOM   70   C  C   . ARG A 1 12  ? 16.879  0.471   -2.148  1.00 59.60  ? 11  ARG A C   1 
ATOM   71   O  O   . ARG A 1 12  ? 16.087  0.624   -3.092  1.00 59.63  ? 11  ARG A O   1 
ATOM   72   C  CB  . ARG A 1 12  ? 15.545  0.206   -0.019  1.00 63.28  ? 11  ARG A CB  1 
ATOM   73   C  CG  . ARG A 1 12  ? 15.009  0.788   1.285   1.00 62.05  ? 11  ARG A CG  1 
ATOM   74   C  CD  . ARG A 1 12  ? 15.910  0.628   2.494   1.00 67.25  ? 11  ARG A CD  1 
ATOM   75   N  NE  . ARG A 1 12  ? 16.190  -0.763  2.833   1.00 79.98  ? 11  ARG A NE  1 
ATOM   76   C  CZ  . ARG A 1 12  ? 17.111  -1.164  3.710   1.00 87.22  ? 11  ARG A CZ  1 
ATOM   77   N  NH1 . ARG A 1 12  ? 17.854  -0.282  4.361   1.00 99.38  ? 11  ARG A NH1 1 
ATOM   78   N  NH2 . ARG A 1 12  ? 17.286  -2.452  3.941   1.00 91.99  ? 11  ARG A NH2 1 
ATOM   79   N  N   . THR A 1 13  ? 18.009  -0.233  -2.218  1.00 55.84  ? 12  THR A N   1 
ATOM   80   C  CA  . THR A 1 13  ? 18.450  -0.951  -3.432  1.00 54.27  ? 12  THR A CA  1 
ATOM   81   C  C   . THR A 1 13  ? 17.455  -2.091  -3.699  1.00 55.93  ? 12  THR A C   1 
ATOM   82   O  O   . THR A 1 13  ? 16.900  -2.648  -2.766  1.00 58.05  ? 12  THR A O   1 
ATOM   83   C  CB  . THR A 1 13  ? 19.898  -1.448  -3.325  1.00 52.45  ? 12  THR A CB  1 
ATOM   84   O  OG1 . THR A 1 13  ? 20.002  -2.597  -2.493  1.00 67.08  ? 12  THR A OG1 1 
ATOM   85   C  CG2 . THR A 1 13  ? 20.859  -0.436  -2.754  1.00 58.21  ? 12  THR A CG2 1 
ATOM   86   N  N   . PHE A 1 14  ? 17.243  -2.450  -4.949  1.00 56.62  ? 13  PHE A N   1 
ATOM   87   C  CA  . PHE A 1 14  ? 16.505  -3.682  -5.291  1.00 61.55  ? 13  PHE A CA  1 
ATOM   88   C  C   . PHE A 1 14  ? 16.991  -4.825  -4.383  1.00 59.65  ? 13  PHE A C   1 
ATOM   89   O  O   . PHE A 1 14  ? 16.161  -5.655  -3.974  1.00 60.29  ? 13  PHE A O   1 
ATOM   90   C  CB  . PHE A 1 14  ? 16.648  -3.999  -6.781  1.00 57.26  ? 13  PHE A CB  1 
ATOM   91   C  CG  . PHE A 1 14  ? 15.824  -5.185  -7.196  1.00 52.61  ? 13  PHE A CG  1 
ATOM   92   C  CD1 . PHE A 1 14  ? 14.521  -5.013  -7.611  1.00 51.35  ? 13  PHE A CD1 1 
ATOM   93   C  CD2 . PHE A 1 14  ? 16.339  -6.468  -7.119  1.00 52.74  ? 13  PHE A CD2 1 
ATOM   94   C  CE1 . PHE A 1 14  ? 13.750  -6.101  -7.977  1.00 54.26  ? 13  PHE A CE1 1 
ATOM   95   C  CE2 . PHE A 1 14  ? 15.561  -7.564  -7.475  1.00 54.84  ? 13  PHE A CE2 1 
ATOM   96   C  CZ  . PHE A 1 14  ? 14.268  -7.378  -7.904  1.00 53.60  ? 13  PHE A CZ  1 
ATOM   97   N  N   . GLU A 1 15  ? 18.284  -4.893  -4.070  1.00 58.12  ? 14  GLU A N   1 
ATOM   98   C  CA  . GLU A 1 15  ? 18.853  -6.012  -3.265  1.00 62.75  ? 14  GLU A CA  1 
ATOM   99   C  C   . GLU A 1 15  ? 18.260  -5.998  -1.841  1.00 59.11  ? 14  GLU A C   1 
ATOM   100  O  O   . GLU A 1 15  ? 17.982  -7.088  -1.273  1.00 51.17  ? 14  GLU A O   1 
ATOM   101  C  CB  . GLU A 1 15  ? 20.380  -5.898  -3.221  1.00 77.75  ? 14  GLU A CB  1 
ATOM   102  C  CG  . GLU A 1 15  ? 21.084  -7.128  -2.644  1.00 86.27  ? 14  GLU A CG  1 
ATOM   103  C  CD  . GLU A 1 15  ? 22.605  -7.124  -2.746  1.00 93.51  ? 14  GLU A CD  1 
ATOM   104  O  OE1 . GLU A 1 15  ? 23.149  -6.623  -3.762  1.00 96.89  ? 14  GLU A OE1 1 
ATOM   105  O  OE2 . GLU A 1 15  ? 23.247  -7.628  -1.808  1.00 96.15  ? 14  GLU A OE2 1 
ATOM   106  N  N   . GLN A 1 16  ? 18.086  -4.803  -1.280  1.00 50.93  ? 15  GLN A N   1 
ATOM   107  C  CA  . GLN A 1 16  ? 17.638  -4.572  0.109   1.00 56.15  ? 15  GLN A CA  1 
ATOM   108  C  C   . GLN A 1 16  ? 16.136  -4.817  0.248   1.00 58.60  ? 15  GLN A C   1 
ATOM   109  O  O   . GLN A 1 16  ? 15.711  -5.457  1.242   1.00 59.14  ? 15  GLN A O   1 
ATOM   110  C  CB  . GLN A 1 16  ? 17.978  -3.140  0.507   1.00 62.00  ? 15  GLN A CB  1 
ATOM   111  C  CG  . GLN A 1 16  ? 19.424  -3.017  0.956   1.00 62.68  ? 15  GLN A CG  1 
ATOM   112  C  CD  . GLN A 1 16  ? 19.860  -1.590  1.133   1.00 58.53  ? 15  GLN A CD  1 
ATOM   113  O  OE1 . GLN A 1 16  ? 19.252  -0.666  0.599   1.00 52.59  ? 15  GLN A OE1 1 
ATOM   114  N  NE2 . GLN A 1 16  ? 20.942  -1.425  1.875   1.00 64.40  ? 15  GLN A NE2 1 
ATOM   115  N  N   A ARG A 1 17  ? 15.353  -4.305  -0.709  0.15 57.48  ? 16  ARG A N   1 
ATOM   116  N  N   B ARG A 1 17  ? 15.351  -4.308  -0.708  0.35 57.30  ? 16  ARG A N   1 
ATOM   117  C  CA  A ARG A 1 17  ? 13.878  -4.492  -0.781  0.15 57.17  ? 16  ARG A CA  1 
ATOM   118  C  CA  B ARG A 1 17  ? 13.878  -4.499  -0.763  0.35 57.23  ? 16  ARG A CA  1 
ATOM   119  C  C   A ARG A 1 17  ? 13.576  -5.989  -0.896  0.15 55.62  ? 16  ARG A C   1 
ATOM   120  C  C   B ARG A 1 17  ? 13.589  -5.998  -0.882  0.35 55.69  ? 16  ARG A C   1 
ATOM   121  O  O   A ARG A 1 17  ? 12.647  -6.454  -0.211  0.15 57.48  ? 16  ARG A O   1 
ATOM   122  O  O   B ARG A 1 17  ? 12.706  -6.480  -0.155  0.35 59.35  ? 16  ARG A O   1 
ATOM   123  C  CB  A ARG A 1 17  ? 13.289  -3.710  -1.959  0.15 57.60  ? 16  ARG A CB  1 
ATOM   124  C  CB  B ARG A 1 17  ? 13.274  -3.679  -1.906  0.35 56.71  ? 16  ARG A CB  1 
ATOM   125  C  CG  A ARG A 1 17  ? 13.568  -2.215  -1.907  0.15 58.61  ? 16  ARG A CG  1 
ATOM   126  C  CG  B ARG A 1 17  ? 13.382  -2.178  -1.690  0.35 57.88  ? 16  ARG A CG  1 
ATOM   127  C  CD  A ARG A 1 17  ? 12.700  -1.408  -2.854  0.15 60.77  ? 16  ARG A CD  1 
ATOM   128  C  CD  B ARG A 1 17  ? 12.716  -1.343  -2.769  0.35 62.07  ? 16  ARG A CD  1 
ATOM   129  N  NE  A ARG A 1 17  ? 12.690  -1.921  -4.219  0.15 63.77  ? 16  ARG A NE  1 
ATOM   130  N  NE  B ARG A 1 17  ? 13.650  -0.789  -3.743  0.35 66.98  ? 16  ARG A NE  1 
ATOM   131  C  CZ  A ARG A 1 17  ? 13.294  -1.342  -5.253  0.15 64.43  ? 16  ARG A CZ  1 
ATOM   132  C  CZ  B ARG A 1 17  ? 13.788  -1.218  -4.995  0.35 71.25  ? 16  ARG A CZ  1 
ATOM   133  N  NH1 A ARG A 1 17  ? 13.970  -0.217  -5.090  0.15 63.10  ? 16  ARG A NH1 1 
ATOM   134  N  NH1 B ARG A 1 17  ? 13.049  -2.221  -5.444  0.35 69.21  ? 16  ARG A NH1 1 
ATOM   135  N  NH2 A ARG A 1 17  ? 13.214  -1.893  -6.452  0.15 65.03  ? 16  ARG A NH2 1 
ATOM   136  N  NH2 B ARG A 1 17  ? 14.666  -0.641  -5.796  0.35 73.11  ? 16  ARG A NH2 1 
ATOM   137  N  N   . VAL A 1 18  ? 14.347  -6.713  -1.715  1.00 53.61  ? 17  VAL A N   1 
ATOM   138  C  CA  . VAL A 1 18  ? 14.199  -8.194  -1.873  1.00 50.72  ? 17  VAL A CA  1 
ATOM   139  C  C   . VAL A 1 18  ? 14.447  -8.924  -0.541  1.00 64.98  ? 17  VAL A C   1 
ATOM   140  O  O   . VAL A 1 18  ? 13.638  -9.861  -0.176  1.00 54.50  ? 17  VAL A O   1 
ATOM   141  C  CB  . VAL A 1 18  ? 15.146  -8.716  -2.949  1.00 50.57  ? 17  VAL A CB  1 
ATOM   142  C  CG1 . VAL A 1 18  ? 15.508  -10.169 -2.718  1.00 52.96  ? 17  VAL A CG1 1 
ATOM   143  C  CG2 . VAL A 1 18  ? 14.561  -8.496  -4.338  1.00 55.73  ? 17  VAL A CG2 1 
ATOM   144  N  N   . GLU A 1 19  ? 15.540  -8.562  0.138   1.00 66.00  ? 18  GLU A N   1 
ATOM   145  C  CA  . GLU A 1 19  ? 15.971  -9.226  1.388   1.00 64.49  ? 18  GLU A CA  1 
ATOM   146  C  C   . GLU A 1 19  ? 14.949  -8.931  2.481   1.00 60.55  ? 18  GLU A C   1 
ATOM   147  O  O   . GLU A 1 19  ? 14.604  -9.859  3.217   1.00 64.96  ? 18  GLU A O   1 
ATOM   148  C  CB  . GLU A 1 19  ? 17.369  -8.786  1.820   1.00 74.50  ? 18  GLU A CB  1 
ATOM   149  C  CG  . GLU A 1 19  ? 18.442  -9.645  1.193   1.00 84.60  ? 18  GLU A CG  1 
ATOM   150  C  CD  . GLU A 1 19  ? 18.125  -11.132 1.195   1.00 89.43  ? 18  GLU A CD  1 
ATOM   151  O  OE1 . GLU A 1 19  ? 17.908  -11.672 2.309   1.00 91.85  ? 18  GLU A OE1 1 
ATOM   152  O  OE2 . GLU A 1 19  ? 18.076  -11.739 0.082   1.00 78.64  ? 18  GLU A OE2 1 
ATOM   153  N  N   . ASP A 1 20  ? 14.475  -7.695  2.579   1.00 55.09  ? 19  ASP A N   1 
ATOM   154  C  CA  . ASP A 1 20  ? 13.455  -7.352  3.595   1.00 55.27  ? 19  ASP A CA  1 
ATOM   155  C  C   . ASP A 1 20  ? 12.215  -8.229  3.403   1.00 56.88  ? 19  ASP A C   1 
ATOM   156  O  O   . ASP A 1 20  ? 11.681  -8.703  4.395   1.00 54.11  ? 19  ASP A O   1 
ATOM   157  C  CB  . ASP A 1 20  ? 13.067  -5.886  3.566   1.00 57.50  ? 19  ASP A CB  1 
ATOM   158  C  CG  . ASP A 1 20  ? 12.429  -5.478  4.883   1.00 77.32  ? 19  ASP A CG  1 
ATOM   159  O  OD1 . ASP A 1 20  ? 11.937  -4.342  4.951   1.00 88.22  ? 19  ASP A OD1 1 
ATOM   160  O  OD2 . ASP A 1 20  ? 12.440  -6.307  5.850   1.00 81.09  ? 19  ASP A OD2 1 
ATOM   161  N  N   . VAL A 1 21  ? 11.785  -8.440  2.162   1.00 54.91  ? 20  VAL A N   1 
ATOM   162  C  CA  . VAL A 1 21  ? 10.541  -9.187  1.868   1.00 49.73  ? 20  VAL A CA  1 
ATOM   163  C  C   . VAL A 1 21  ? 10.772  -10.622 2.317   1.00 56.14  ? 20  VAL A C   1 
ATOM   164  O  O   . VAL A 1 21  ? 9.789   -11.243 2.787   1.00 53.13  ? 20  VAL A O   1 
ATOM   165  C  CB  . VAL A 1 21  ? 10.138  -9.080  0.387   1.00 46.38  ? 20  VAL A CB  1 
ATOM   166  C  CG1 . VAL A 1 21  ? 9.156   -10.166 -0.039  1.00 47.31  ? 20  VAL A CG1 1 
ATOM   167  C  CG2 . VAL A 1 21  ? 9.603   -7.706  0.076   1.00 40.71  ? 20  VAL A CG2 1 
ATOM   168  N  N   . ARG A 1 22  ? 12.009  -11.106 2.180   1.00 57.12  ? 21  ARG A N   1 
ATOM   169  C  CA  . ARG A 1 22  ? 12.372  -12.521 2.450   1.00 60.03  ? 21  ARG A CA  1 
ATOM   170  C  C   . ARG A 1 22  ? 12.324  -12.763 3.963   1.00 59.07  ? 21  ARG A C   1 
ATOM   171  O  O   . ARG A 1 22  ? 12.032  -13.916 4.359   1.00 53.32  ? 21  ARG A O   1 
ATOM   172  C  CB  . ARG A 1 22  ? 13.749  -12.860 1.867   1.00 64.92  ? 21  ARG A CB  1 
ATOM   173  C  CG  . ARG A 1 22  ? 13.754  -13.205 0.382   1.00 70.86  ? 21  ARG A CG  1 
ATOM   174  C  CD  . ARG A 1 22  ? 15.168  -13.510 -0.090  1.00 73.99  ? 21  ARG A CD  1 
ATOM   175  N  NE  . ARG A 1 22  ? 15.303  -13.713 -1.530  1.00 82.53  ? 21  ARG A NE  1 
ATOM   176  C  CZ  . ARG A 1 22  ? 16.460  -13.744 -2.194  1.00 85.87  ? 21  ARG A CZ  1 
ATOM   177  N  NH1 . ARG A 1 22  ? 17.608  -13.585 -1.554  1.00 91.52  ? 21  ARG A NH1 1 
ATOM   178  N  NH2 . ARG A 1 22  ? 16.471  -13.938 -3.502  1.00 86.48  ? 21  ARG A NH2 1 
ATOM   179  N  N   . LEU A 1 23  ? 12.602  -11.713 4.746   1.00 56.78  ? 22  LEU A N   1 
ATOM   180  C  CA  . LEU A 1 23  ? 12.633  -11.700 6.235   1.00 65.59  ? 22  LEU A CA  1 
ATOM   181  C  C   . LEU A 1 23  ? 11.197  -11.776 6.773   1.00 63.85  ? 22  LEU A C   1 
ATOM   182  O  O   . LEU A 1 23  ? 10.936  -12.661 7.632   1.00 65.37  ? 22  LEU A O   1 
ATOM   183  C  CB  . LEU A 1 23  ? 13.321  -10.404 6.703   1.00 69.81  ? 22  LEU A CB  1 
ATOM   184  C  CG  . LEU A 1 23  ? 13.274  -10.109 8.207   1.00 74.84  ? 22  LEU A CG  1 
ATOM   185  C  CD1 . LEU A 1 23  ? 14.216  -11.042 8.969   1.00 71.43  ? 22  LEU A CD1 1 
ATOM   186  C  CD2 . LEU A 1 23  ? 13.586  -8.645  8.497   1.00 68.29  ? 22  LEU A CD2 1 
ATOM   187  N  N   . ILE A 1 24  ? 10.339  -10.859 6.298   1.00 56.74  ? 23  ILE A N   1 
ATOM   188  C  CA  . ILE A 1 24  ? 8.869   -10.760 6.562   1.00 54.23  ? 23  ILE A CA  1 
ATOM   189  C  C   . ILE A 1 24  ? 8.217   -12.119 6.273   1.00 48.62  ? 23  ILE A C   1 
ATOM   190  O  O   . ILE A 1 24  ? 7.399   -12.563 7.070   1.00 53.04  ? 23  ILE A O   1 
ATOM   191  C  CB  . ILE A 1 24  ? 8.264   -9.606  5.745   1.00 54.99  ? 23  ILE A CB  1 
ATOM   192  C  CG1 . ILE A 1 24  ? 8.948   -8.272  6.084   1.00 52.94  ? 23  ILE A CG1 1 
ATOM   193  C  CG2 . ILE A 1 24  ? 6.757   -9.535  5.937   1.00 60.18  ? 23  ILE A CG2 1 
ATOM   194  C  CD1 . ILE A 1 24  ? 8.471   -7.094  5.269   1.00 54.78  ? 23  ILE A CD1 1 
ATOM   195  N  N   . ARG A 1 25  ? 8.644   -12.813 5.225   1.00 47.23  ? 24  ARG A N   1 
ATOM   196  C  CA  . ARG A 1 25  ? 8.209   -14.205 4.936   1.00 55.15  ? 24  ARG A CA  1 
ATOM   197  C  C   . ARG A 1 25  ? 8.524   -15.133 6.104   1.00 60.32  ? 24  ARG A C   1 
ATOM   198  O  O   . ARG A 1 25  ? 7.801   -16.108 6.232   1.00 64.47  ? 24  ARG A O   1 
ATOM   199  C  CB  . ARG A 1 25  ? 8.900   -14.811 3.715   1.00 52.48  ? 24  ARG A CB  1 
ATOM   200  C  CG  . ARG A 1 25  ? 8.115   -14.590 2.436   1.00 61.43  ? 24  ARG A CG  1 
ATOM   201  C  CD  . ARG A 1 25  ? 8.718   -15.246 1.225   1.00 64.79  ? 24  ARG A CD  1 
ATOM   202  N  NE  . ARG A 1 25  ? 8.497   -14.362 0.088   1.00 77.75  ? 24  ARG A NE  1 
ATOM   203  C  CZ  . ARG A 1 25  ? 9.292   -14.285 -0.973  1.00 89.81  ? 24  ARG A CZ  1 
ATOM   204  N  NH1 . ARG A 1 25  ? 10.360  -15.064 -1.072  1.00 92.94  ? 24  ARG A NH1 1 
ATOM   205  N  NH2 . ARG A 1 25  ? 9.017   -13.415 -1.927  1.00 95.15  ? 24  ARG A NH2 1 
ATOM   206  N  N   . GLU A 1 26  ? 9.630   -14.886 6.806   1.00 64.34  ? 25  GLU A N   1 
ATOM   207  C  CA  . GLU A 1 26  ? 10.250  -15.809 7.789   1.00 68.24  ? 25  GLU A CA  1 
ATOM   208  C  C   . GLU A 1 26  ? 9.899   -15.369 9.220   1.00 54.33  ? 25  GLU A C   1 
ATOM   209  O  O   . GLU A 1 26  ? 10.192  -16.115 10.142  1.00 79.31  ? 25  GLU A O   1 
ATOM   210  C  CB  . GLU A 1 26  ? 11.764  -15.855 7.561   1.00 74.66  ? 25  GLU A CB  1 
ATOM   211  C  CG  . GLU A 1 26  ? 12.417  -17.144 8.048   1.00 88.71  ? 25  GLU A CG  1 
ATOM   212  C  CD  . GLU A 1 26  ? 12.236  -18.358 7.145   1.00 96.90  ? 25  GLU A CD  1 
ATOM   213  O  OE1 . GLU A 1 26  ? 12.646  -18.263 5.980   1.00 93.42  ? 25  GLU A OE1 1 
ATOM   214  O  OE2 . GLU A 1 26  ? 11.678  -19.397 7.604   1.00 105.01 ? 25  GLU A OE2 1 
ATOM   215  N  N   . GLN A 1 27  ? 9.338   -14.185 9.402   1.00 51.12  ? 26  GLN A N   1 
ATOM   216  C  CA  . GLN A 1 27  ? 9.009   -13.586 10.718  1.00 51.93  ? 26  GLN A CA  1 
ATOM   217  C  C   . GLN A 1 27  ? 7.521   -13.222 10.798  1.00 58.34  ? 26  GLN A C   1 
ATOM   218  O  O   . GLN A 1 27  ? 7.026   -12.992 11.912  1.00 57.41  ? 26  GLN A O   1 
ATOM   219  C  CB  . GLN A 1 27  ? 9.808   -12.298 10.917  1.00 55.48  ? 26  GLN A CB  1 
ATOM   220  C  CG  . GLN A 1 27  ? 11.263  -12.535 11.285  1.00 66.10  ? 26  GLN A CG  1 
ATOM   221  C  CD  . GLN A 1 27  ? 11.991  -11.252 11.615  1.00 77.82  ? 26  GLN A CD  1 
ATOM   222  O  OE1 . GLN A 1 27  ? 11.429  -10.154 11.579  1.00 86.22  ? 26  GLN A OE1 1 
ATOM   223  N  NE2 . GLN A 1 27  ? 13.265  -11.386 11.939  1.00 83.94  ? 26  GLN A NE2 1 
ATOM   224  N  N   . HIS A 1 28  ? 6.879   -13.003 9.652   1.00 53.45  ? 27  HIS A N   1 
ATOM   225  C  CA  . HIS A 1 28  ? 5.451   -12.640 9.555   1.00 49.39  ? 27  HIS A CA  1 
ATOM   226  C  C   . HIS A 1 28  ? 4.888   -13.335 8.335   1.00 43.22  ? 27  HIS A C   1 
ATOM   227  O  O   . HIS A 1 28  ? 4.457   -12.691 7.396   1.00 45.37  ? 27  HIS A O   1 
ATOM   228  C  CB  . HIS A 1 28  ? 5.291   -11.131 9.523   1.00 56.09  ? 27  HIS A CB  1 
ATOM   229  C  CG  . HIS A 1 28  ? 6.019   -10.452 10.633  1.00 64.42  ? 27  HIS A CG  1 
ATOM   230  N  ND1 . HIS A 1 28  ? 5.421   -10.180 11.842  1.00 61.06  ? 27  HIS A ND1 1 
ATOM   231  C  CD2 . HIS A 1 28  ? 7.289   -10.003 10.720  1.00 62.51  ? 27  HIS A CD2 1 
ATOM   232  C  CE1 . HIS A 1 28  ? 6.283   -9.557  12.615  1.00 64.75  ? 27  HIS A CE1 1 
ATOM   233  N  NE2 . HIS A 1 28  ? 7.437   -9.449  11.955  1.00 64.72  ? 27  HIS A NE2 1 
ATOM   234  N  N   . PRO A 1 29  ? 4.900   -14.677 8.341   1.00 46.54  ? 28  PRO A N   1 
ATOM   235  C  CA  . PRO A 1 29  ? 4.510   -15.472 7.182   1.00 46.16  ? 28  PRO A CA  1 
ATOM   236  C  C   . PRO A 1 29  ? 3.050   -15.269 6.746   1.00 47.85  ? 28  PRO A C   1 
ATOM   237  O  O   . PRO A 1 29  ? 2.783   -15.479 5.574   1.00 44.96  ? 28  PRO A O   1 
ATOM   238  C  CB  . PRO A 1 29  ? 4.762   -16.922 7.630   1.00 47.55  ? 28  PRO A CB  1 
ATOM   239  C  CG  . PRO A 1 29  ? 4.624   -16.847 9.151   1.00 52.37  ? 28  PRO A CG  1 
ATOM   240  C  CD  . PRO A 1 29  ? 5.226   -15.504 9.508   1.00 49.25  ? 28  PRO A CD  1 
ATOM   241  N  N   . THR A 1 30  ? 2.140   -14.871 7.643   1.00 44.08  ? 29  THR A N   1 
ATOM   242  C  CA  . THR A 1 30  ? 0.715   -14.677 7.257   1.00 41.07  ? 29  THR A CA  1 
ATOM   243  C  C   . THR A 1 30  ? 0.440   -13.237 6.806   1.00 40.76  ? 29  THR A C   1 
ATOM   244  O  O   . THR A 1 30  ? -0.747  -12.958 6.540   1.00 43.62  ? 29  THR A O   1 
ATOM   245  C  CB  . THR A 1 30  ? -0.285  -15.091 8.353   1.00 37.26  ? 29  THR A CB  1 
ATOM   246  O  OG1 . THR A 1 30  ? -0.332  -14.031 9.293   1.00 34.22  ? 29  THR A OG1 1 
ATOM   247  C  CG2 . THR A 1 30  ? 0.029   -16.410 9.016   1.00 36.14  ? 29  THR A CG2 1 
ATOM   248  N  N   . LYS A 1 31  ? 1.454   -12.364 6.689   1.00 43.71  ? 30  LYS A N   1 
ATOM   249  C  CA  . LYS A 1 31  ? 1.245   -10.926 6.365   1.00 38.89  ? 30  LYS A CA  1 
ATOM   250  C  C   . LYS A 1 31  ? 1.701   -10.588 4.940   1.00 41.26  ? 30  LYS A C   1 
ATOM   251  O  O   . LYS A 1 31  ? 2.739   -11.115 4.464   1.00 36.59  ? 30  LYS A O   1 
ATOM   252  C  CB  . LYS A 1 31  ? 2.023   -10.041 7.328   1.00 42.57  ? 30  LYS A CB  1 
ATOM   253  C  CG  . LYS A 1 31  ? 1.712   -10.256 8.803   1.00 48.03  ? 30  LYS A CG  1 
ATOM   254  C  CD  . LYS A 1 31  ? 0.273   -9.975  9.155   1.00 50.16  ? 30  LYS A CD  1 
ATOM   255  C  CE  . LYS A 1 31  ? -0.083  -10.384 10.573  1.00 48.58  ? 30  LYS A CE  1 
ATOM   256  N  NZ  . LYS A 1 31  ? 0.987   -10.011 11.526  1.00 47.78  ? 30  LYS A NZ  1 
ATOM   257  N  N   . ILE A 1 32  ? 0.988   -9.663  4.299   1.00 40.06  ? 31  ILE A N   1 
ATOM   258  C  CA  . ILE A 1 32  ? 1.370   -9.146  2.961   1.00 39.88  ? 31  ILE A CA  1 
ATOM   259  C  C   . ILE A 1 32  ? 2.245   -7.909  3.214   1.00 41.68  ? 31  ILE A C   1 
ATOM   260  O  O   . ILE A 1 32  ? 1.875   -7.004  3.959   1.00 42.96  ? 31  ILE A O   1 
ATOM   261  C  CB  . ILE A 1 32  ? 0.109   -8.876  2.103   1.00 39.20  ? 31  ILE A CB  1 
ATOM   262  C  CG1 . ILE A 1 32  ? -0.744  -10.130 1.836   1.00 36.77  ? 31  ILE A CG1 1 
ATOM   263  C  CG2 . ILE A 1 32  ? 0.484   -8.162  0.807   1.00 40.12  ? 31  ILE A CG2 1 
ATOM   264  C  CD1 . ILE A 1 32  ? 0.005   -11.397 1.416   1.00 36.04  ? 31  ILE A CD1 1 
ATOM   265  N  N   . PRO A 1 33  ? 3.466   -7.849  2.646   1.00 40.46  ? 32  PRO A N   1 
ATOM   266  C  CA  . PRO A 1 33  ? 4.319   -6.666  2.772   1.00 39.27  ? 32  PRO A CA  1 
ATOM   267  C  C   . PRO A 1 33  ? 3.855   -5.575  1.816   1.00 39.43  ? 32  PRO A C   1 
ATOM   268  O  O   . PRO A 1 33  ? 3.952   -5.764  0.601   1.00 41.71  ? 32  PRO A O   1 
ATOM   269  C  CB  . PRO A 1 33  ? 5.695   -7.188  2.370   1.00 38.89  ? 32  PRO A CB  1 
ATOM   270  C  CG  . PRO A 1 33  ? 5.410   -8.305  1.390   1.00 40.80  ? 32  PRO A CG  1 
ATOM   271  C  CD  . PRO A 1 33  ? 4.108   -8.923  1.867   1.00 43.38  ? 32  PRO A CD  1 
ATOM   272  N  N   . VAL A 1 34  ? 3.306   -4.501  2.369   1.00 38.70  ? 33  VAL A N   1 
ATOM   273  C  CA  . VAL A 1 34  ? 2.691   -3.406  1.571   1.00 41.02  ? 33  VAL A CA  1 
ATOM   274  C  C   . VAL A 1 34  ? 3.508   -2.124  1.776   1.00 47.09  ? 33  VAL A C   1 
ATOM   275  O  O   . VAL A 1 34  ? 3.783   -1.750  2.932   1.00 47.35  ? 33  VAL A O   1 
ATOM   276  C  CB  . VAL A 1 34  ? 1.215   -3.202  1.937   1.00 40.48  ? 33  VAL A CB  1 
ATOM   277  C  CG1 . VAL A 1 34  ? 0.596   -2.107  1.107   1.00 44.88  ? 33  VAL A CG1 1 
ATOM   278  C  CG2 . VAL A 1 34  ? 0.417   -4.484  1.801   1.00 42.14  ? 33  VAL A CG2 1 
ATOM   279  N  N   . ILE A 1 35  ? 3.861   -1.479  0.666   1.00 49.09  ? 34  ILE A N   1 
ATOM   280  C  CA  . ILE A 1 35  ? 4.352   -0.080  0.618   1.00 45.42  ? 34  ILE A CA  1 
ATOM   281  C  C   . ILE A 1 35  ? 3.182   0.833   0.310   1.00 43.06  ? 34  ILE A C   1 
ATOM   282  O  O   . ILE A 1 35  ? 2.582   0.646   -0.738  1.00 45.58  ? 34  ILE A O   1 
ATOM   283  C  CB  . ILE A 1 35  ? 5.428   0.056   -0.460  1.00 49.72  ? 34  ILE A CB  1 
ATOM   284  C  CG1 . ILE A 1 35  ? 6.566   -0.936  -0.218  1.00 52.30  ? 34  ILE A CG1 1 
ATOM   285  C  CG2 . ILE A 1 35  ? 5.913   1.491   -0.519  1.00 51.11  ? 34  ILE A CG2 1 
ATOM   286  C  CD1 . ILE A 1 35  ? 7.158   -0.874  1.172   1.00 55.82  ? 34  ILE A CD1 1 
ATOM   287  N  N   . ILE A 1 36  ? 2.890   1.782   1.193   1.00 46.35  ? 35  ILE A N   1 
ATOM   288  C  CA  . ILE A 1 36  ? 1.800   2.786   1.004   1.00 49.37  ? 35  ILE A CA  1 
ATOM   289  C  C   . ILE A 1 36  ? 2.402   4.193   1.080   1.00 54.05  ? 35  ILE A C   1 
ATOM   290  O  O   . ILE A 1 36  ? 3.065   4.501   2.066   1.00 50.25  ? 35  ILE A O   1 
ATOM   291  C  CB  . ILE A 1 36  ? 0.695   2.627   2.054   1.00 49.42  ? 35  ILE A CB  1 
ATOM   292  C  CG1 . ILE A 1 36  ? 0.292   1.157   2.212   1.00 52.44  ? 35  ILE A CG1 1 
ATOM   293  C  CG2 . ILE A 1 36  ? -0.475  3.546   1.703   1.00 46.85  ? 35  ILE A CG2 1 
ATOM   294  C  CD1 . ILE A 1 36  ? -0.803  0.932   3.242   1.00 55.68  ? 35  ILE A CD1 1 
ATOM   295  N  N   . GLU A 1 37  ? 2.132   5.013   0.069   1.00 62.34  ? 36  GLU A N   1 
ATOM   296  C  CA  . GLU A 1 37  ? 2.843   6.286   -0.198  1.00 62.10  ? 36  GLU A CA  1 
ATOM   297  C  C   . GLU A 1 37  ? 1.830   7.331   -0.661  1.00 58.47  ? 36  GLU A C   1 
ATOM   298  O  O   . GLU A 1 37  ? 0.921   6.985   -1.404  1.00 51.35  ? 36  GLU A O   1 
ATOM   299  C  CB  . GLU A 1 37  ? 3.945   6.051   -1.236  1.00 57.39  ? 36  GLU A CB  1 
ATOM   300  C  CG  . GLU A 1 37  ? 5.114   5.287   -0.653  1.00 61.08  ? 36  GLU A CG  1 
ATOM   301  C  CD  . GLU A 1 37  ? 6.378   5.289   -1.491  1.00 65.71  ? 36  GLU A CD  1 
ATOM   302  O  OE1 . GLU A 1 37  ? 6.312   4.870   -2.673  1.00 67.93  ? 36  GLU A OE1 1 
ATOM   303  O  OE2 . GLU A 1 37  ? 7.427   5.712   -0.953  1.00 70.43  ? 36  GLU A OE2 1 
ATOM   304  N  N   . ARG A 1 38  ? 1.976   8.569   -0.198  1.00 64.45  ? 37  ARG A N   1 
ATOM   305  C  CA  . ARG A 1 38  ? 1.163   9.698   -0.695  1.00 63.31  ? 37  ARG A CA  1 
ATOM   306  C  C   . ARG A 1 38  ? 1.629   10.055  -2.106  1.00 63.83  ? 37  ARG A C   1 
ATOM   307  O  O   . ARG A 1 38  ? 2.843   9.954   -2.380  1.00 65.78  ? 37  ARG A O   1 
ATOM   308  C  CB  . ARG A 1 38  ? 1.252   10.896  0.245   1.00 67.06  ? 37  ARG A CB  1 
ATOM   309  C  CG  . ARG A 1 38  ? 0.175   11.920  -0.066  1.00 76.37  ? 37  ARG A CG  1 
ATOM   310  C  CD  . ARG A 1 38  ? 0.087   13.019  0.961   1.00 82.85  ? 37  ARG A CD  1 
ATOM   311  N  NE  . ARG A 1 38  ? 1.258   13.874  0.920   1.00 91.39  ? 37  ARG A NE  1 
ATOM   312  C  CZ  . ARG A 1 38  ? 1.267   15.157  1.263   1.00 97.43  ? 37  ARG A CZ  1 
ATOM   313  N  NH1 . ARG A 1 38  ? 0.157   15.764  1.654   1.00 89.87  ? 37  ARG A NH1 1 
ATOM   314  N  NH2 . ARG A 1 38  ? 2.398   15.835  1.200   1.00 107.16 ? 37  ARG A NH2 1 
ATOM   315  N  N   . TYR A 1 39  ? 0.683   10.389  -2.984  1.00 67.11  ? 38  TYR A N   1 
ATOM   316  C  CA  . TYR A 1 39  ? 0.948   10.898  -4.348  1.00 68.18  ? 38  TYR A CA  1 
ATOM   317  C  C   . TYR A 1 39  ? 1.836   12.138  -4.231  1.00 75.59  ? 38  TYR A C   1 
ATOM   318  O  O   . TYR A 1 39  ? 1.572   12.953  -3.340  1.00 68.96  ? 38  TYR A O   1 
ATOM   319  C  CB  . TYR A 1 39  ? -0.368  11.235  -5.035  1.00 82.12  ? 38  TYR A CB  1 
ATOM   320  C  CG  . TYR A 1 39  ? -0.181  11.841  -6.398  1.00 91.91  ? 38  TYR A CG  1 
ATOM   321  C  CD1 . TYR A 1 39  ? 0.543   11.175  -7.373  1.00 93.68  ? 38  TYR A CD1 1 
ATOM   322  C  CD2 . TYR A 1 39  ? -0.721  13.078  -6.704  1.00 94.61  ? 38  TYR A CD2 1 
ATOM   323  C  CE1 . TYR A 1 39  ? 0.728   11.725  -8.627  1.00 104.04 ? 38  TYR A CE1 1 
ATOM   324  C  CE2 . TYR A 1 39  ? -0.556  13.639  -7.958  1.00 99.99  ? 38  TYR A CE2 1 
ATOM   325  C  CZ  . TYR A 1 39  ? 0.178   12.963  -8.917  1.00 107.31 ? 38  TYR A CZ  1 
ATOM   326  O  OH  . TYR A 1 39  ? 0.358   13.502  -10.155 1.00 125.72 ? 38  TYR A OH  1 
ATOM   327  N  N   . LYS A 1 40  ? 2.886   12.267  -5.047  1.00 85.12  ? 39  LYS A N   1 
ATOM   328  C  CA  . LYS A 1 40  ? 3.884   13.361  -4.878  1.00 82.44  ? 39  LYS A CA  1 
ATOM   329  C  C   . LYS A 1 40  ? 3.167   14.705  -5.071  1.00 78.84  ? 39  LYS A C   1 
ATOM   330  O  O   . LYS A 1 40  ? 3.521   15.639  -4.347  1.00 74.12  ? 39  LYS A O   1 
ATOM   331  C  CB  . LYS A 1 40  ? 5.100   13.165  -5.788  1.00 95.86  ? 39  LYS A CB  1 
ATOM   332  C  CG  . LYS A 1 40  ? 4.826   13.153  -7.287  1.00 113.14 ? 39  LYS A CG  1 
ATOM   333  C  CD  . LYS A 1 40  ? 5.887   12.401  -8.080  1.00 125.81 ? 39  LYS A CD  1 
ATOM   334  C  CE  . LYS A 1 40  ? 7.310   12.795  -7.726  1.00 134.28 ? 39  LYS A CE  1 
ATOM   335  N  NZ  . LYS A 1 40  ? 7.545   14.247  -7.925  1.00 138.32 ? 39  LYS A NZ  1 
ATOM   336  N  N   . GLY A 1 41  ? 2.133   14.766  -5.923  1.00 76.76  ? 40  GLY A N   1 
ATOM   337  C  CA  . GLY A 1 41  ? 1.279   15.958  -6.116  1.00 71.60  ? 40  GLY A CA  1 
ATOM   338  C  C   . GLY A 1 41  ? 0.442   16.366  -4.898  1.00 80.99  ? 40  GLY A C   1 
ATOM   339  O  O   . GLY A 1 41  ? 0.152   17.579  -4.767  1.00 92.85  ? 40  GLY A O   1 
ATOM   340  N  N   . GLU A 1 42  ? 0.056   15.427  -4.026  1.00 84.40  ? 41  GLU A N   1 
ATOM   341  C  CA  . GLU A 1 42  ? -1.059  15.582  -3.036  1.00 83.75  ? 41  GLU A CA  1 
ATOM   342  C  C   . GLU A 1 42  ? -0.929  16.852  -2.171  1.00 83.32  ? 41  GLU A C   1 
ATOM   343  O  O   . GLU A 1 42  ? 0.106   17.018  -1.486  1.00 73.50  ? 41  GLU A O   1 
ATOM   344  C  CB  . GLU A 1 42  ? -1.126  14.358  -2.119  1.00 79.53  ? 41  GLU A CB  1 
ATOM   345  C  CG  . GLU A 1 42  ? -2.249  14.421  -1.096  1.00 70.83  ? 41  GLU A CG  1 
ATOM   346  C  CD  . GLU A 1 42  ? -3.630  14.541  -1.704  1.00 64.32  ? 41  GLU A CD  1 
ATOM   347  O  OE1 . GLU A 1 42  ? -3.821  14.010  -2.811  1.00 62.43  ? 41  GLU A OE1 1 
ATOM   348  O  OE2 . GLU A 1 42  ? -4.517  15.157  -1.059  1.00 61.85  ? 41  GLU A OE2 1 
ATOM   349  N  N   . LYS A 1 43  ? -1.990  17.665  -2.130  1.00 81.25  ? 42  LYS A N   1 
ATOM   350  C  CA  . LYS A 1 43  ? -2.036  18.938  -1.362  1.00 97.58  ? 42  LYS A CA  1 
ATOM   351  C  C   . LYS A 1 43  ? -2.831  18.753  -0.066  1.00 94.92  ? 42  LYS A C   1 
ATOM   352  O  O   . LYS A 1 43  ? -2.428  19.362  0.945   1.00 104.23 ? 42  LYS A O   1 
ATOM   353  C  CB  . LYS A 1 43  ? -2.610  20.061  -2.232  1.00 99.21  ? 42  LYS A CB  1 
ATOM   354  C  CG  . LYS A 1 43  ? -1.741  20.436  -3.426  1.00 110.80 ? 42  LYS A CG  1 
ATOM   355  C  CD  . LYS A 1 43  ? -0.251  20.423  -3.107  1.00 118.12 ? 42  LYS A CD  1 
ATOM   356  C  CE  . LYS A 1 43  ? 0.610   21.125  -4.133  1.00 119.17 ? 42  LYS A CE  1 
ATOM   357  N  NZ  . LYS A 1 43  ? 1.931   21.473  -3.559  1.00 129.59 ? 42  LYS A NZ  1 
ATOM   358  N  N   . GLN A 1 44  ? -3.880  17.926  -0.085  1.00 90.56  ? 43  GLN A N   1 
ATOM   359  C  CA  . GLN A 1 44  ? -4.936  17.891  0.967   1.00 88.10  ? 43  GLN A CA  1 
ATOM   360  C  C   . GLN A 1 44  ? -4.572  16.883  2.079   1.00 82.51  ? 43  GLN A C   1 
ATOM   361  O  O   . GLN A 1 44  ? -4.410  17.332  3.227   1.00 84.14  ? 43  GLN A O   1 
ATOM   362  C  CB  . GLN A 1 44  ? -6.307  17.606  0.340   1.00 99.48  ? 43  GLN A CB  1 
ATOM   363  C  CG  . GLN A 1 44  ? -6.578  18.344  -0.973  1.00 110.27 ? 43  GLN A CG  1 
ATOM   364  C  CD  . GLN A 1 44  ? -6.356  19.836  -0.889  1.00 125.90 ? 43  GLN A CD  1 
ATOM   365  O  OE1 . GLN A 1 44  ? -6.501  20.450  0.166   1.00 143.47 ? 43  GLN A OE1 1 
ATOM   366  N  NE2 . GLN A 1 44  ? -6.004  20.440  -2.015  1.00 131.91 ? 43  GLN A NE2 1 
ATOM   367  N  N   . LEU A 1 45  ? -4.441  15.582  1.777   1.00 69.66  ? 44  LEU A N   1 
ATOM   368  C  CA  . LEU A 1 45  ? -4.349  14.492  2.792   1.00 64.76  ? 44  LEU A CA  1 
ATOM   369  C  C   . LEU A 1 45  ? -2.980  14.547  3.469   1.00 61.41  ? 44  LEU A C   1 
ATOM   370  O  O   . LEU A 1 45  ? -2.003  14.961  2.857   1.00 67.49  ? 44  LEU A O   1 
ATOM   371  C  CB  . LEU A 1 45  ? -4.561  13.132  2.108   1.00 69.17  ? 44  LEU A CB  1 
ATOM   372  C  CG  . LEU A 1 45  ? -5.911  12.908  1.425   1.00 74.31  ? 44  LEU A CG  1 
ATOM   373  C  CD1 . LEU A 1 45  ? -5.879  11.659  0.554   1.00 74.23  ? 44  LEU A CD1 1 
ATOM   374  C  CD2 . LEU A 1 45  ? -7.045  12.818  2.443   1.00 71.97  ? 44  LEU A CD2 1 
ATOM   375  N  N   . PRO A 1 46  ? -2.840  14.129  4.748   1.00 60.17  ? 45  PRO A N   1 
ATOM   376  C  CA  . PRO A 1 46  ? -1.537  14.115  5.408   1.00 56.85  ? 45  PRO A CA  1 
ATOM   377  C  C   . PRO A 1 46  ? -0.659  12.978  4.883   1.00 66.18  ? 45  PRO A C   1 
ATOM   378  O  O   . PRO A 1 46  ? -1.190  12.129  4.196   1.00 67.57  ? 45  PRO A O   1 
ATOM   379  C  CB  . PRO A 1 46  ? -1.813  13.848  6.897   1.00 56.36  ? 45  PRO A CB  1 
ATOM   380  C  CG  . PRO A 1 46  ? -3.319  13.689  7.032   1.00 57.78  ? 45  PRO A CG  1 
ATOM   381  C  CD  . PRO A 1 46  ? -3.920  13.679  5.635   1.00 61.78  ? 45  PRO A CD  1 
ATOM   382  N  N   . VAL A 1 47  ? 0.617   12.963  5.278   1.00 68.56  ? 46  VAL A N   1 
ATOM   383  C  CA  . VAL A 1 47  ? 1.529   11.791  5.105   1.00 73.47  ? 46  VAL A CA  1 
ATOM   384  C  C   . VAL A 1 47  ? 1.354   10.833  6.290   1.00 69.75  ? 46  VAL A C   1 
ATOM   385  O  O   . VAL A 1 47  ? 1.119   11.315  7.417   1.00 66.25  ? 46  VAL A O   1 
ATOM   386  C  CB  . VAL A 1 47  ? 3.006   12.198  4.936   1.00 72.40  ? 46  VAL A CB  1 
ATOM   387  C  CG1 . VAL A 1 47  ? 3.188   13.110  3.738   1.00 74.11  ? 46  VAL A CG1 1 
ATOM   388  C  CG2 . VAL A 1 47  ? 3.600   12.810  6.198   1.00 78.62  ? 46  VAL A CG2 1 
ATOM   389  N  N   . LEU A 1 48  ? 1.480   9.528   6.020   1.00 70.48  ? 47  LEU A N   1 
ATOM   390  C  CA  . LEU A 1 48  ? 1.396   8.428   7.015   1.00 67.61  ? 47  LEU A CA  1 
ATOM   391  C  C   . LEU A 1 48  ? 2.599   8.511   7.948   1.00 64.66  ? 47  LEU A C   1 
ATOM   392  O  O   . LEU A 1 48  ? 3.626   9.087   7.567   1.00 65.60  ? 47  LEU A O   1 
ATOM   393  C  CB  . LEU A 1 48  ? 1.403   7.074   6.297   1.00 73.05  ? 47  LEU A CB  1 
ATOM   394  C  CG  . LEU A 1 48  ? 0.176   6.738   5.455   1.00 71.60  ? 47  LEU A CG  1 
ATOM   395  C  CD1 . LEU A 1 48  ? 0.449   5.514   4.601   1.00 73.92  ? 47  LEU A CD1 1 
ATOM   396  C  CD2 . LEU A 1 48  ? -1.038  6.503   6.332   1.00 72.15  ? 47  LEU A CD2 1 
ATOM   397  N  N   . ASP A 1 49  ? 2.479   7.904   9.118   1.00 64.81  ? 48  ASP A N   1 
ATOM   398  C  CA  . ASP A 1 49  ? 3.568   7.866   10.118  1.00 62.03  ? 48  ASP A CA  1 
ATOM   399  C  C   . ASP A 1 49  ? 4.638   6.882   9.636   1.00 67.22  ? 48  ASP A C   1 
ATOM   400  O  O   . ASP A 1 49  ? 5.743   6.942   10.178  1.00 69.35  ? 48  ASP A O   1 
ATOM   401  C  CB  . ASP A 1 49  ? 2.999   7.548   11.496  1.00 65.94  ? 48  ASP A CB  1 
ATOM   402  C  CG  . ASP A 1 49  ? 2.237   6.233   11.549  1.00 81.54  ? 48  ASP A CG  1 
ATOM   403  O  OD1 . ASP A 1 49  ? 2.681   5.356   12.318  1.00 91.52  ? 48  ASP A OD1 1 
ATOM   404  O  OD2 . ASP A 1 49  ? 1.200   6.093   10.831  1.00 68.57  ? 48  ASP A OD2 1 
ATOM   405  N  N   . LYS A 1 50  ? 4.330   5.999   8.675   1.00 63.13  ? 49  LYS A N   1 
ATOM   406  C  CA  . LYS A 1 50  ? 5.306   4.999   8.152   1.00 59.83  ? 49  LYS A CA  1 
ATOM   407  C  C   . LYS A 1 50  ? 4.963   4.674   6.698   1.00 55.23  ? 49  LYS A C   1 
ATOM   408  O  O   . LYS A 1 50  ? 3.960   5.216   6.175   1.00 52.10  ? 49  LYS A O   1 
ATOM   409  C  CB  . LYS A 1 50  ? 5.396   3.763   9.056   1.00 61.40  ? 49  LYS A CB  1 
ATOM   410  C  CG  . LYS A 1 50  ? 4.229   2.788   9.035   1.00 69.62  ? 49  LYS A CG  1 
ATOM   411  C  CD  . LYS A 1 50  ? 4.332   1.716   10.126  1.00 78.26  ? 49  LYS A CD  1 
ATOM   412  C  CE  . LYS A 1 50  ? 3.300   0.610   9.981   1.00 84.02  ? 49  LYS A CE  1 
ATOM   413  N  NZ  . LYS A 1 50  ? 3.691   -0.632  10.691  1.00 85.05  ? 49  LYS A NZ  1 
ATOM   414  N  N   A THR A 1 51  ? 5.770   3.834   6.043   0.06 54.40  ? 50  THR A N   1 
ATOM   415  N  N   B THR A 1 51  ? 5.802   3.834   6.080   0.45 53.99  ? 50  THR A N   1 
ATOM   416  C  CA  A THR A 1 51  ? 5.593   3.454   4.612   0.06 54.42  ? 50  THR A CA  1 
ATOM   417  C  CA  B THR A 1 51  ? 5.764   3.454   4.639   0.45 59.01  ? 50  THR A CA  1 
ATOM   418  C  C   A THR A 1 51  ? 5.369   1.941   4.471   0.06 53.30  ? 50  THR A C   1 
ATOM   419  C  C   B THR A 1 51  ? 5.415   1.970   4.472   0.45 52.92  ? 50  THR A C   1 
ATOM   420  O  O   A THR A 1 51  ? 4.559   1.561   3.603   0.06 53.32  ? 50  THR A O   1 
ATOM   421  O  O   B THR A 1 51  ? 4.605   1.651   3.588   0.45 52.03  ? 50  THR A O   1 
ATOM   422  C  CB  A THR A 1 51  ? 6.764   3.956   3.758   0.06 54.12  ? 50  THR A CB  1 
ATOM   423  C  CB  B THR A 1 51  ? 7.116   3.722   3.968   0.45 59.30  ? 50  THR A CB  1 
ATOM   424  O  OG1 A THR A 1 51  ? 6.536   3.547   2.409   0.06 53.99  ? 50  THR A OG1 1 
ATOM   425  O  OG1 B THR A 1 51  ? 7.391   5.116   4.091   0.45 68.37  ? 50  THR A OG1 1 
ATOM   426  C  CG2 A THR A 1 51  ? 8.109   3.453   4.229   0.06 53.87  ? 50  THR A CG2 1 
ATOM   427  C  CG2 B THR A 1 51  ? 7.136   3.324   2.508   0.45 60.10  ? 50  THR A CG2 1 
ATOM   428  N  N   . LYS A 1 52  ? 6.043   1.117   5.282   1.00 53.08  ? 51  LYS A N   1 
ATOM   429  C  CA  . LYS A 1 52  ? 5.966   -0.356  5.186   1.00 51.93  ? 51  LYS A CA  1 
ATOM   430  C  C   . LYS A 1 52  ? 4.954   -0.925  6.201   1.00 53.57  ? 51  LYS A C   1 
ATOM   431  O  O   . LYS A 1 52  ? 5.146   -0.730  7.422   1.00 49.18  ? 51  LYS A O   1 
ATOM   432  C  CB  . LYS A 1 52  ? 7.390   -0.839  5.414   1.00 52.80  ? 51  LYS A CB  1 
ATOM   433  C  CG  . LYS A 1 52  ? 7.620   -2.300  5.109   1.00 63.40  ? 51  LYS A CG  1 
ATOM   434  C  CD  . LYS A 1 52  ? 9.053   -2.673  5.358   1.00 69.50  ? 51  LYS A CD  1 
ATOM   435  C  CE  . LYS A 1 52  ? 9.419   -2.684  6.828   1.00 72.39  ? 51  LYS A CE  1 
ATOM   436  N  NZ  . LYS A 1 52  ? 10.421  -3.738  7.113   1.00 71.95  ? 51  LYS A NZ  1 
ATOM   437  N  N   . PHE A 1 53  ? 3.908   -1.595  5.706   1.00 48.44  ? 52  PHE A N   1 
ATOM   438  C  CA  . PHE A 1 53  ? 2.803   -2.181  6.504   1.00 48.48  ? 52  PHE A CA  1 
ATOM   439  C  C   . PHE A 1 53  ? 2.767   -3.692  6.308   1.00 48.69  ? 52  PHE A C   1 
ATOM   440  O  O   . PHE A 1 53  ? 2.966   -4.167  5.156   1.00 43.96  ? 52  PHE A O   1 
ATOM   441  C  CB  . PHE A 1 53  ? 1.502   -1.531  6.062   1.00 49.60  ? 52  PHE A CB  1 
ATOM   442  C  CG  . PHE A 1 53  ? 1.511   -0.052  6.318   1.00 54.46  ? 52  PHE A CG  1 
ATOM   443  C  CD1 . PHE A 1 53  ? 1.926   0.835   5.349   1.00 55.05  ? 52  PHE A CD1 1 
ATOM   444  C  CD2 . PHE A 1 53  ? 1.169   0.446   7.563   1.00 59.74  ? 52  PHE A CD2 1 
ATOM   445  C  CE1 . PHE A 1 53  ? 1.960   2.195   5.610   1.00 56.72  ? 52  PHE A CE1 1 
ATOM   446  C  CE2 . PHE A 1 53  ? 1.189   1.806   7.822   1.00 61.59  ? 52  PHE A CE2 1 
ATOM   447  C  CZ  . PHE A 1 53  ? 1.599   2.679   6.842   1.00 55.52  ? 52  PHE A CZ  1 
ATOM   448  N  N   . LEU A 1 54  ? 2.515   -4.426  7.388   1.00 50.37  ? 53  LEU A N   1 
ATOM   449  C  CA  . LEU A 1 54  ? 2.265   -5.891  7.324   1.00 48.76  ? 53  LEU A CA  1 
ATOM   450  C  C   . LEU A 1 54  ? 0.765   -6.161  7.454   1.00 43.78  ? 53  LEU A C   1 
ATOM   451  O  O   . LEU A 1 54  ? 0.272   -6.282  8.570   1.00 45.28  ? 53  LEU A O   1 
ATOM   452  C  CB  . LEU A 1 54  ? 3.080   -6.592  8.414   1.00 50.24  ? 53  LEU A CB  1 
ATOM   453  C  CG  . LEU A 1 54  ? 4.572   -6.282  8.403   1.00 53.35  ? 53  LEU A CG  1 
ATOM   454  C  CD1 . LEU A 1 54  ? 5.308   -7.256  9.287   1.00 57.85  ? 53  LEU A CD1 1 
ATOM   455  C  CD2 . LEU A 1 54  ? 5.135   -6.316  6.994   1.00 54.85  ? 53  LEU A CD2 1 
ATOM   456  N  N   . VAL A 1 55  ? 0.085   -6.358  6.332   1.00 40.61  ? 54  VAL A N   1 
ATOM   457  C  CA  . VAL A 1 55  ? -1.396  -6.488  6.271   1.00 38.68  ? 54  VAL A CA  1 
ATOM   458  C  C   . VAL A 1 55  ? -1.772  -7.969  6.377   1.00 40.64  ? 54  VAL A C   1 
ATOM   459  O  O   . VAL A 1 55  ? -1.258  -8.799  5.635   1.00 43.61  ? 54  VAL A O   1 
ATOM   460  C  CB  . VAL A 1 55  ? -1.928  -5.809  4.998   1.00 38.77  ? 54  VAL A CB  1 
ATOM   461  C  CG1 . VAL A 1 55  ? -3.444  -5.731  4.958   1.00 36.91  ? 54  VAL A CG1 1 
ATOM   462  C  CG2 . VAL A 1 55  ? -1.325  -4.412  4.834   1.00 43.84  ? 54  VAL A CG2 1 
ATOM   463  N  N   . PRO A 1 56  ? -2.658  -8.347  7.327   1.00 46.21  ? 55  PRO A N   1 
ATOM   464  C  CA  . PRO A 1 56  ? -3.176  -9.715  7.417   1.00 44.91  ? 55  PRO A CA  1 
ATOM   465  C  C   . PRO A 1 56  ? -3.729  -10.137 6.057   1.00 39.23  ? 55  PRO A C   1 
ATOM   466  O  O   . PRO A 1 56  ? -4.537  -9.404  5.526   1.00 40.85  ? 55  PRO A O   1 
ATOM   467  C  CB  . PRO A 1 56  ? -4.339  -9.655  8.417   1.00 43.23  ? 55  PRO A CB  1 
ATOM   468  C  CG  . PRO A 1 56  ? -4.109  -8.358  9.208   1.00 49.09  ? 55  PRO A CG  1 
ATOM   469  C  CD  . PRO A 1 56  ? -3.285  -7.452  8.315   1.00 47.16  ? 55  PRO A CD  1 
ATOM   470  N  N   . ASP A 1 57  ? -3.291  -11.294 5.544   1.00 43.65  ? 56  ASP A N   1 
ATOM   471  C  CA  . ASP A 1 57  ? -3.500  -11.733 4.133   1.00 39.59  ? 56  ASP A CA  1 
ATOM   472  C  C   . ASP A 1 57  ? -4.982  -12.050 3.827   1.00 41.94  ? 56  ASP A C   1 
ATOM   473  O  O   . ASP A 1 57  ? -5.294  -12.277 2.625   1.00 40.44  ? 56  ASP A O   1 
ATOM   474  C  CB  . ASP A 1 57  ? -2.555  -12.886 3.766   1.00 40.61  ? 56  ASP A CB  1 
ATOM   475  C  CG  . ASP A 1 57  ? -3.024  -14.273 4.193   1.00 41.27  ? 56  ASP A CG  1 
ATOM   476  O  OD1 . ASP A 1 57  ? -3.818  -14.332 5.138   1.00 40.10  ? 56  ASP A OD1 1 
ATOM   477  O  OD2 . ASP A 1 57  ? -2.615  -15.283 3.542   1.00 39.88  ? 56  ASP A OD2 1 
ATOM   478  N  N   . HIS A 1 58  ? -5.874  -11.996 4.820   1.00 41.60  ? 57  HIS A N   1 
ATOM   479  C  CA  . HIS A 1 58  ? -7.316  -12.322 4.686   1.00 45.04  ? 57  HIS A CA  1 
ATOM   480  C  C   . HIS A 1 58  ? -8.168  -11.063 4.572   1.00 46.62  ? 57  HIS A C   1 
ATOM   481  O  O   . HIS A 1 58  ? -9.358  -11.231 4.226   1.00 48.86  ? 57  HIS A O   1 
ATOM   482  C  CB  . HIS A 1 58  ? -7.850  -13.149 5.876   1.00 48.13  ? 57  HIS A CB  1 
ATOM   483  C  CG  . HIS A 1 58  ? -7.737  -12.448 7.188   1.00 48.52  ? 57  HIS A CG  1 
ATOM   484  N  ND1 . HIS A 1 58  ? -8.735  -11.625 7.683   1.00 51.83  ? 57  HIS A ND1 1 
ATOM   485  C  CD2 . HIS A 1 58  ? -6.739  -12.432 8.096   1.00 51.59  ? 57  HIS A CD2 1 
ATOM   486  C  CE1 . HIS A 1 58  ? -8.358  -11.127 8.847   1.00 56.74  ? 57  HIS A CE1 1 
ATOM   487  N  NE2 . HIS A 1 58  ? -7.139  -11.618 9.127   1.00 61.99  ? 57  HIS A NE2 1 
ATOM   488  N  N   . VAL A 1 59  ? -7.645  -9.862  4.838   1.00 43.79  ? 58  VAL A N   1 
ATOM   489  C  CA  . VAL A 1 59  ? -8.495  -8.637  4.687   1.00 46.64  ? 58  VAL A CA  1 
ATOM   490  C  C   . VAL A 1 59  ? -8.657  -8.313  3.184   1.00 43.71  ? 58  VAL A C   1 
ATOM   491  O  O   . VAL A 1 59  ? -7.708  -8.460  2.428   1.00 44.09  ? 58  VAL A O   1 
ATOM   492  C  CB  . VAL A 1 59  ? -7.973  -7.438  5.503   1.00 45.17  ? 58  VAL A CB  1 
ATOM   493  C  CG1 . VAL A 1 59  ? -7.583  -7.851  6.914   1.00 46.03  ? 58  VAL A CG1 1 
ATOM   494  C  CG2 . VAL A 1 59  ? -6.843  -6.738  4.793   1.00 48.24  ? 58  VAL A CG2 1 
ATOM   495  N  N   . ASN A 1 60  ? -9.846  -7.895  2.757   1.00 42.26  ? 59  ASN A N   1 
ATOM   496  C  CA  . ASN A 1 60  ? -10.100 -7.466  1.362   1.00 44.63  ? 59  ASN A CA  1 
ATOM   497  C  C   . ASN A 1 60  ? -9.753  -5.974  1.221   1.00 48.53  ? 59  ASN A C   1 
ATOM   498  O  O   . ASN A 1 60  ? -9.463  -5.341  2.242   1.00 40.01  ? 59  ASN A O   1 
ATOM   499  C  CB  . ASN A 1 60  ? -11.516 -7.837  0.949   1.00 46.33  ? 59  ASN A CB  1 
ATOM   500  C  CG  . ASN A 1 60  ? -12.561 -6.981  1.615   1.00 46.82  ? 59  ASN A CG  1 
ATOM   501  O  OD1 . ASN A 1 60  ? -12.278 -5.885  2.081   1.00 55.59  ? 59  ASN A OD1 1 
ATOM   502  N  ND2 . ASN A 1 60  ? -13.784 -7.455  1.599   1.00 48.58  ? 59  ASN A ND2 1 
ATOM   503  N  N   . MET A 1 61  ? -9.694  -5.452  -0.009  1.00 46.87  ? 60  MET A N   1 
ATOM   504  C  CA  . MET A 1 61  ? -9.178  -4.085  -0.280  1.00 50.12  ? 60  MET A CA  1 
ATOM   505  C  C   . MET A 1 61  ? -10.101 -3.022  0.341   1.00 44.37  ? 60  MET A C   1 
ATOM   506  O  O   . MET A 1 61  ? -9.620  -1.946  0.728   1.00 47.31  ? 60  MET A O   1 
ATOM   507  C  CB  . MET A 1 61  ? -9.040  -3.847  -1.787  1.00 54.63  ? 60  MET A CB  1 
ATOM   508  C  CG  . MET A 1 61  ? -7.991  -4.716  -2.437  1.00 51.84  ? 60  MET A CG  1 
ATOM   509  S  SD  . MET A 1 61  ? -6.356  -4.443  -1.723  1.00 56.20  ? 60  MET A SD  1 
ATOM   510  C  CE  . MET A 1 61  ? -6.151  -2.691  -1.988  1.00 50.21  ? 60  MET A CE  1 
ATOM   511  N  N   A SER A 1 62  ? -11.404 -3.305  0.409   0.47 43.55  ? 61  SER A N   1 
ATOM   512  N  N   B SER A 1 62  ? -11.404 -3.318  0.421   0.04 45.15  ? 61  SER A N   1 
ATOM   513  C  CA  A SER A 1 62  ? -12.405 -2.425  1.060   0.47 47.39  ? 61  SER A CA  1 
ATOM   514  C  CA  B SER A 1 62  ? -12.429 -2.451  1.060   0.04 44.88  ? 61  SER A CA  1 
ATOM   515  C  C   A SER A 1 62  ? -11.992 -2.193  2.522   0.47 47.19  ? 61  SER A C   1 
ATOM   516  C  C   B SER A 1 62  ? -12.047 -2.207  2.526   0.04 44.67  ? 61  SER A C   1 
ATOM   517  O  O   A SER A 1 62  ? -11.976 -1.031  2.965   0.47 50.78  ? 61  SER A O   1 
ATOM   518  O  O   B SER A 1 62  ? -12.128 -1.047  2.971   0.04 44.98  ? 61  SER A O   1 
ATOM   519  C  CB  A SER A 1 62  ? -13.778 -3.021  0.950   0.47 52.15  ? 61  SER A CB  1 
ATOM   520  C  CB  B SER A 1 62  ? -13.810 -3.044  0.938   0.04 45.17  ? 61  SER A CB  1 
ATOM   521  O  OG  A SER A 1 62  ? -14.714 -2.283  1.719   0.47 54.90  ? 61  SER A OG  1 
ATOM   522  O  OG  B SER A 1 62  ? -13.993 -4.109  1.860   0.04 44.88  ? 61  SER A OG  1 
ATOM   523  N  N   . GLU A 1 63  ? -11.631 -3.262  3.236   1.00 43.33  ? 62  GLU A N   1 
ATOM   524  C  CA  . GLU A 1 63  ? -11.193 -3.153  4.650   1.00 44.59  ? 62  GLU A CA  1 
ATOM   525  C  C   . GLU A 1 63  ? -9.812  -2.487  4.705   1.00 42.87  ? 62  GLU A C   1 
ATOM   526  O  O   . GLU A 1 63  ? -9.602  -1.727  5.625   1.00 38.92  ? 62  GLU A O   1 
ATOM   527  C  CB  . GLU A 1 63  ? -11.279 -4.523  5.334   1.00 44.54  ? 62  GLU A CB  1 
ATOM   528  C  CG  . GLU A 1 63  ? -10.747 -4.548  6.749   1.00 45.48  ? 62  GLU A CG  1 
ATOM   529  C  CD  . GLU A 1 63  ? -11.383 -3.571  7.725   1.00 49.28  ? 62  GLU A CD  1 
ATOM   530  O  OE1 . GLU A 1 63  ? -12.577 -3.213  7.532   1.00 48.24  ? 62  GLU A OE1 1 
ATOM   531  O  OE2 . GLU A 1 63  ? -10.678 -3.149  8.674   1.00 45.46  ? 62  GLU A OE2 1 
ATOM   532  N  N   . LEU A 1 64  ? -8.893  -2.719  3.761   1.00 45.07  ? 63  LEU A N   1 
ATOM   533  C  CA  . LEU A 1 64  ? -7.600  -1.986  3.764   1.00 42.35  ? 63  LEU A CA  1 
ATOM   534  C  C   . LEU A 1 64  ? -7.830  -0.486  3.561   1.00 43.70  ? 63  LEU A C   1 
ATOM   535  O  O   . LEU A 1 64  ? -7.089  0.302   4.163   1.00 48.66  ? 63  LEU A O   1 
ATOM   536  C  CB  . LEU A 1 64  ? -6.616  -2.498  2.713   1.00 43.81  ? 63  LEU A CB  1 
ATOM   537  C  CG  . LEU A 1 64  ? -5.243  -1.821  2.774   1.00 42.82  ? 63  LEU A CG  1 
ATOM   538  C  CD1 . LEU A 1 64  ? -4.663  -1.884  4.180   1.00 44.36  ? 63  LEU A CD1 1 
ATOM   539  C  CD2 . LEU A 1 64  ? -4.261  -2.421  1.778   1.00 43.43  ? 63  LEU A CD2 1 
ATOM   540  N  N   . ILE A 1 65  ? -8.775  -0.074  2.731   1.00 49.19  ? 64  ILE A N   1 
ATOM   541  C  CA  . ILE A 1 65  ? -9.067  1.388   2.556   1.00 50.58  ? 64  ILE A CA  1 
ATOM   542  C  C   . ILE A 1 65  ? -9.537  1.957   3.903   1.00 49.21  ? 64  ILE A C   1 
ATOM   543  O  O   . ILE A 1 65  ? -9.032  3.025   4.307   1.00 48.10  ? 64  ILE A O   1 
ATOM   544  C  CB  . ILE A 1 65  ? -10.089 1.623   1.423   1.00 52.73  ? 64  ILE A CB  1 
ATOM   545  C  CG1 . ILE A 1 65  ? -9.478  1.320   0.050   1.00 52.89  ? 64  ILE A CG1 1 
ATOM   546  C  CG2 . ILE A 1 65  ? -10.669 3.037   1.475   1.00 56.40  ? 64  ILE A CG2 1 
ATOM   547  C  CD1 . ILE A 1 65  ? -10.502 0.977   -0.995  1.00 55.17  ? 64  ILE A CD1 1 
ATOM   548  N  N   . LYS A 1 66  ? -10.453 1.261   4.586   1.00 49.55  ? 65  LYS A N   1 
ATOM   549  C  CA  . LYS A 1 66  ? -11.002 1.681   5.904   1.00 49.34  ? 65  LYS A CA  1 
ATOM   550  C  C   . LYS A 1 66  ? -9.895  1.809   6.942   1.00 50.12  ? 65  LYS A C   1 
ATOM   551  O  O   . LYS A 1 66  ? -9.913  2.764   7.720   1.00 46.51  ? 65  LYS A O   1 
ATOM   552  C  CB  . LYS A 1 66  ? -12.037 0.667   6.377   1.00 52.69  ? 65  LYS A CB  1 
ATOM   553  C  CG  . LYS A 1 66  ? -13.333 0.812   5.613   1.00 50.12  ? 65  LYS A CG  1 
ATOM   554  C  CD  . LYS A 1 66  ? -14.483 0.014   6.128   1.00 55.51  ? 65  LYS A CD  1 
ATOM   555  C  CE  . LYS A 1 66  ? -15.517 -0.141  5.030   1.00 62.86  ? 65  LYS A CE  1 
ATOM   556  N  NZ  . LYS A 1 66  ? -16.367 -1.323  5.254   1.00 73.65  ? 65  LYS A NZ  1 
ATOM   557  N  N   . ILE A 1 67  ? -8.983  0.852   6.952   1.00 46.88  ? 66  ILE A N   1 
ATOM   558  C  CA  . ILE A 1 67  ? -7.816  0.842   7.864   1.00 43.36  ? 66  ILE A CA  1 
ATOM   559  C  C   . ILE A 1 67  ? -6.984  2.120   7.671   1.00 46.22  ? 66  ILE A C   1 
ATOM   560  O  O   . ILE A 1 67  ? -6.626  2.762   8.684   1.00 44.04  ? 66  ILE A O   1 
ATOM   561  C  CB  . ILE A 1 67  ? -6.981  -0.426  7.651   1.00 41.48  ? 66  ILE A CB  1 
ATOM   562  C  CG1 . ILE A 1 67  ? -7.707  -1.670  8.157   1.00 45.57  ? 66  ILE A CG1 1 
ATOM   563  C  CG2 . ILE A 1 67  ? -5.604  -0.287  8.281   1.00 41.41  ? 66  ILE A CG2 1 
ATOM   564  C  CD1 . ILE A 1 67  ? -7.110  -2.983  7.663   1.00 42.81  ? 66  ILE A CD1 1 
ATOM   565  N  N   A ILE A 1 68  ? -6.662  2.478   6.422   0.28 47.33  ? 67  ILE A N   1 
ATOM   566  N  N   B ILE A 1 68  ? -6.663  2.458   6.415   0.44 45.52  ? 67  ILE A N   1 
ATOM   567  C  CA  A ILE A 1 68  ? -5.756  3.625   6.106   0.28 48.74  ? 67  ILE A CA  1 
ATOM   568  C  CA  B ILE A 1 68  ? -5.776  3.609   6.057   0.44 45.66  ? 67  ILE A CA  1 
ATOM   569  C  C   A ILE A 1 68  ? -6.496  4.949   6.351   0.28 50.08  ? 67  ILE A C   1 
ATOM   570  C  C   B ILE A 1 68  ? -6.504  4.922   6.382   0.44 49.18  ? 67  ILE A C   1 
ATOM   571  O  O   A ILE A 1 68  ? -5.830  5.907   6.796   0.28 51.12  ? 67  ILE A O   1 
ATOM   572  O  O   B ILE A 1 68  ? -5.839  5.842   6.907   0.44 50.88  ? 67  ILE A O   1 
ATOM   573  C  CB  A ILE A 1 68  ? -5.194  3.530   4.675   0.28 50.84  ? 67  ILE A CB  1 
ATOM   574  C  CB  B ILE A 1 68  ? -5.344  3.566   4.580   0.44 45.79  ? 67  ILE A CB  1 
ATOM   575  C  CG1 A ILE A 1 68  ? -4.374  2.251   4.463   0.28 52.21  ? 67  ILE A CG1 1 
ATOM   576  C  CG1 B ILE A 1 68  ? -4.508  2.323   4.247   0.44 44.30  ? 67  ILE A CG1 1 
ATOM   577  C  CG2 A ILE A 1 68  ? -4.389  4.774   4.329   0.28 51.69  ? 67  ILE A CG2 1 
ATOM   578  C  CG2 B ILE A 1 68  ? -4.604  4.845   4.217   0.44 47.54  ? 67  ILE A CG2 1 
ATOM   579  C  CD1 A ILE A 1 68  ? -3.277  2.029   5.487   0.28 52.91  ? 67  ILE A CD1 1 
ATOM   580  C  CD1 B ILE A 1 68  ? -4.467  1.976   2.773   0.44 40.89  ? 67  ILE A CD1 1 
ATOM   581  N  N   . ARG A 1 69  ? -7.807  5.007   6.073   1.00 49.55  ? 68  ARG A N   1 
ATOM   582  C  CA  . ARG A 1 69  ? -8.647  6.201   6.401   1.00 45.06  ? 68  ARG A CA  1 
ATOM   583  C  C   . ARG A 1 69  ? -8.651  6.378   7.922   1.00 46.82  ? 68  ARG A C   1 
ATOM   584  O  O   . ARG A 1 69  ? -8.509  7.508   8.371   1.00 52.86  ? 68  ARG A O   1 
ATOM   585  C  CB  . ARG A 1 69  ? -10.084 6.085   5.880   1.00 43.04  ? 68  ARG A CB  1 
ATOM   586  C  CG  . ARG A 1 69  ? -10.245 6.197   4.366   1.00 45.16  ? 68  ARG A CG  1 
ATOM   587  C  CD  . ARG A 1 69  ? -11.693 6.001   3.945   1.00 48.82  ? 68  ARG A CD  1 
ATOM   588  N  NE  . ARG A 1 69  ? -12.463 7.118   4.476   1.00 58.06  ? 68  ARG A NE  1 
ATOM   589  C  CZ  . ARG A 1 69  ? -12.588 8.329   3.907   1.00 63.16  ? 68  ARG A CZ  1 
ATOM   590  N  NH1 . ARG A 1 69  ? -12.074 8.598   2.711   1.00 59.70  ? 68  ARG A NH1 1 
ATOM   591  N  NH2 . ARG A 1 69  ? -13.270 9.268   4.543   1.00 61.49  ? 68  ARG A NH2 1 
ATOM   592  N  N   . ARG A 1 70  ? -8.723  5.293   8.695   1.00 47.77  ? 69  ARG A N   1 
ATOM   593  C  CA  . ARG A 1 70  ? -8.595  5.366   10.180  1.00 48.30  ? 69  ARG A CA  1 
ATOM   594  C  C   . ARG A 1 70  ? -7.175  5.784   10.588  1.00 48.36  ? 69  ARG A C   1 
ATOM   595  O  O   . ARG A 1 70  ? -7.050  6.542   11.546  1.00 51.24  ? 69  ARG A O   1 
ATOM   596  C  CB  . ARG A 1 70  ? -9.005  4.055   10.848  1.00 47.56  ? 69  ARG A CB  1 
ATOM   597  C  CG  . ARG A 1 70  ? -10.514 3.876   10.939  1.00 44.66  ? 69  ARG A CG  1 
ATOM   598  C  CD  . ARG A 1 70  ? -10.990 2.763   11.860  1.00 46.94  ? 69  ARG A CD  1 
ATOM   599  N  NE  . ARG A 1 70  ? -10.584 1.396   11.541  1.00 45.00  ? 69  ARG A NE  1 
ATOM   600  C  CZ  . ARG A 1 70  ? -11.235 0.540   10.763  1.00 48.44  ? 69  ARG A CZ  1 
ATOM   601  N  NH1 . ARG A 1 70  ? -12.356 0.896   10.157  1.00 52.05  ? 69  ARG A NH1 1 
ATOM   602  N  NH2 . ARG A 1 70  ? -10.761 -0.687  10.582  1.00 42.58  ? 69  ARG A NH2 1 
ATOM   603  N  N   . ARG A 1 71  ? -6.147  5.337   9.878   1.00 51.57  ? 70  ARG A N   1 
ATOM   604  C  CA  . ARG A 1 71  ? -4.733  5.657   10.194  1.00 54.46  ? 70  ARG A CA  1 
ATOM   605  C  C   . ARG A 1 71  ? -4.455  7.142   9.901   1.00 62.84  ? 70  ARG A C   1 
ATOM   606  O  O   . ARG A 1 71  ? -3.696  7.758   10.683  1.00 63.62  ? 70  ARG A O   1 
ATOM   607  C  CB  . ARG A 1 71  ? -3.774  4.750   9.423   1.00 55.74  ? 70  ARG A CB  1 
ATOM   608  C  CG  . ARG A 1 71  ? -2.319  4.949   9.810   1.00 61.47  ? 70  ARG A CG  1 
ATOM   609  C  CD  . ARG A 1 71  ? -1.537  3.662   9.852   1.00 64.80  ? 70  ARG A CD  1 
ATOM   610  N  NE  . ARG A 1 71  ? -0.323  3.763   10.652  1.00 66.00  ? 70  ARG A NE  1 
ATOM   611  C  CZ  . ARG A 1 71  ? 0.133   2.796   11.445  1.00 67.13  ? 70  ARG A CZ  1 
ATOM   612  N  NH1 . ARG A 1 71  ? -0.530  1.650   11.555  1.00 65.63  ? 70  ARG A NH1 1 
ATOM   613  N  NH2 . ARG A 1 71  ? 1.249   2.978   12.134  1.00 69.04  ? 70  ARG A NH2 1 
ATOM   614  N  N   . LEU A 1 72  ? -5.023  7.683   8.819   1.00 59.94  ? 71  LEU A N   1 
ATOM   615  C  CA  . LEU A 1 72  ? -4.957  9.130   8.484   1.00 58.41  ? 71  LEU A CA  1 
ATOM   616  C  C   . LEU A 1 72  ? -5.944  9.925   9.349   1.00 62.85  ? 71  LEU A C   1 
ATOM   617  O  O   . LEU A 1 72  ? -5.908  11.161  9.274   1.00 61.09  ? 71  LEU A O   1 
ATOM   618  C  CB  . LEU A 1 72  ? -5.292  9.316   7.009   1.00 55.82  ? 71  LEU A CB  1 
ATOM   619  C  CG  . LEU A 1 72  ? -4.252  8.778   6.036   1.00 56.42  ? 71  LEU A CG  1 
ATOM   620  C  CD1 . LEU A 1 72  ? -4.788  8.787   4.608   1.00 60.05  ? 71  LEU A CD1 1 
ATOM   621  C  CD2 . LEU A 1 72  ? -2.967  9.563   6.152   1.00 59.15  ? 71  LEU A CD2 1 
ATOM   622  N  N   . GLN A 1 73  ? -6.806  9.246   10.114  1.00 64.87  ? 72  GLN A N   1 
ATOM   623  C  CA  . GLN A 1 73  ? -7.861  9.879   10.942  1.00 65.28  ? 72  GLN A CA  1 
ATOM   624  C  C   . GLN A 1 73  ? -8.668  10.862  10.076  1.00 66.67  ? 72  GLN A C   1 
ATOM   625  O  O   . GLN A 1 73  ? -8.983  11.950  10.560  1.00 68.87  ? 72  GLN A O   1 
ATOM   626  C  CB  . GLN A 1 73  ? -7.210  10.540  12.165  1.00 70.03  ? 72  GLN A CB  1 
ATOM   627  C  CG  . GLN A 1 73  ? -6.884  9.570   13.301  1.00 78.16  ? 72  GLN A CG  1 
ATOM   628  C  CD  . GLN A 1 73  ? -8.083  9.080   14.105  1.00 82.87  ? 72  GLN A CD  1 
ATOM   629  O  OE1 . GLN A 1 73  ? -8.562  9.756   15.019  1.00 64.79  ? 72  GLN A OE1 1 
ATOM   630  N  NE2 . GLN A 1 73  ? -8.557  7.866   13.822  1.00 73.85  ? 72  GLN A NE2 1 
ATOM   631  N  N   . LEU A 1 74  ? -9.017  10.485  8.842   1.00 67.72  ? 73  LEU A N   1 
ATOM   632  C  CA  . LEU A 1 74  ? -9.933  11.264  7.951   1.00 63.51  ? 73  LEU A CA  1 
ATOM   633  C  C   . LEU A 1 74  ? -11.312 11.385  8.610   1.00 57.92  ? 73  LEU A C   1 
ATOM   634  O  O   . LEU A 1 74  ? -11.505 10.775  9.667   1.00 65.33  ? 73  LEU A O   1 
ATOM   635  C  CB  . LEU A 1 74  ? -10.061 10.581  6.580   1.00 57.81  ? 73  LEU A CB  1 
ATOM   636  C  CG  . LEU A 1 74  ? -8.771  10.381  5.778   1.00 59.51  ? 73  LEU A CG  1 
ATOM   637  C  CD1 . LEU A 1 74  ? -9.098  10.082  4.328   1.00 61.09  ? 73  LEU A CD1 1 
ATOM   638  C  CD2 . LEU A 1 74  ? -7.852  11.591  5.843   1.00 59.39  ? 73  LEU A CD2 1 
ATOM   639  N  N   . ASN A 1 75  ? -12.213 12.177  8.012   1.00 65.49  ? 74  ASN A N   1 
ATOM   640  C  CA  . ASN A 1 75  ? -13.665 12.241  8.347   1.00 70.65  ? 74  ASN A CA  1 
ATOM   641  C  C   . ASN A 1 75  ? -14.494 11.867  7.111   1.00 67.27  ? 74  ASN A C   1 
ATOM   642  O  O   . ASN A 1 75  ? -13.927 11.742  5.995   1.00 60.49  ? 74  ASN A O   1 
ATOM   643  C  CB  . ASN A 1 75  ? -14.115 13.598  8.903   1.00 80.13  ? 74  ASN A CB  1 
ATOM   644  C  CG  . ASN A 1 75  ? -13.743 14.757  8.000   1.00 80.11  ? 74  ASN A CG  1 
ATOM   645  O  OD1 . ASN A 1 75  ? -14.270 14.911  6.892   1.00 74.31  ? 74  ASN A OD1 1 
ATOM   646  N  ND2 . ASN A 1 75  ? -12.812 15.572  8.466   1.00 83.42  ? 74  ASN A ND2 1 
ATOM   647  N  N   . ALA A 1 76  ? -15.796 11.712  7.326   1.00 65.49  ? 75  ALA A N   1 
ATOM   648  C  CA  . ALA A 1 76  ? -16.718 10.983  6.435   1.00 75.45  ? 75  ALA A CA  1 
ATOM   649  C  C   . ALA A 1 76  ? -16.637 11.528  5.008   1.00 84.79  ? 75  ALA A C   1 
ATOM   650  O  O   . ALA A 1 76  ? -16.812 10.729  4.095   1.00 94.94  ? 75  ALA A O   1 
ATOM   651  C  CB  . ALA A 1 76  ? -18.118 11.081  6.975   1.00 81.35  ? 75  ALA A CB  1 
ATOM   652  N  N   . ASN A 1 77  ? -16.407 12.827  4.810   1.00 92.25  ? 76  ASN A N   1 
ATOM   653  C  CA  . ASN A 1 77  ? -16.607 13.446  3.470   1.00 101.40 ? 76  ASN A CA  1 
ATOM   654  C  C   . ASN A 1 77  ? -15.275 13.922  2.884   1.00 96.50  ? 76  ASN A C   1 
ATOM   655  O  O   . ASN A 1 77  ? -15.337 14.616  1.848   1.00 108.98 ? 76  ASN A O   1 
ATOM   656  C  CB  . ASN A 1 77  ? -17.649 14.564  3.513   1.00 106.58 ? 76  ASN A CB  1 
ATOM   657  C  CG  . ASN A 1 77  ? -17.396 15.518  4.655   1.00 114.01 ? 76  ASN A CG  1 
ATOM   658  O  OD1 . ASN A 1 77  ? -16.311 15.508  5.238   1.00 108.40 ? 76  ASN A OD1 1 
ATOM   659  N  ND2 . ASN A 1 77  ? -18.397 16.314  4.995   1.00 118.06 ? 76  ASN A ND2 1 
ATOM   660  N  N   . GLN A 1 78  ? -14.133 13.553  3.484   1.00 80.91  ? 77  GLN A N   1 
ATOM   661  C  CA  . GLN A 1 78  ? -12.796 13.654  2.828   1.00 70.27  ? 77  GLN A CA  1 
ATOM   662  C  C   . GLN A 1 78  ? -12.687 12.521  1.811   1.00 68.32  ? 77  GLN A C   1 
ATOM   663  O  O   . GLN A 1 78  ? -13.037 11.385  2.156   1.00 66.75  ? 77  GLN A O   1 
ATOM   664  C  CB  . GLN A 1 78  ? -11.644 13.577  3.826   1.00 69.55  ? 77  GLN A CB  1 
ATOM   665  C  CG  . GLN A 1 78  ? -11.529 14.812  4.698   1.00 75.51  ? 77  GLN A CG  1 
ATOM   666  C  CD  . GLN A 1 78  ? -10.639 14.600  5.898   1.00 81.54  ? 77  GLN A CD  1 
ATOM   667  O  OE1 . GLN A 1 78  ? -11.086 14.175  6.961   1.00 87.33  ? 77  GLN A OE1 1 
ATOM   668  N  NE2 . GLN A 1 78  ? -9.359  14.891  5.739   1.00 80.58  ? 77  GLN A NE2 1 
ATOM   669  N  N   . ALA A 1 79  ? -12.269 12.829  0.584   1.00 68.41  ? 78  ALA A N   1 
ATOM   670  C  CA  . ALA A 1 79  ? -12.118 11.830  -0.496  1.00 64.31  ? 78  ALA A CA  1 
ATOM   671  C  C   . ALA A 1 79  ? -10.797 11.101  -0.279  1.00 61.90  ? 78  ALA A C   1 
ATOM   672  O  O   . ALA A 1 79  ? -9.883  11.680  0.334   1.00 63.23  ? 78  ALA A O   1 
ATOM   673  C  CB  . ALA A 1 79  ? -12.173 12.453  -1.870  1.00 68.47  ? 78  ALA A CB  1 
ATOM   674  N  N   . PHE A 1 80  ? -10.731 9.862   -0.757  1.00 58.12  ? 79  PHE A N   1 
ATOM   675  C  CA  . PHE A 1 80  ? -9.519  9.022   -0.683  1.00 58.13  ? 79  PHE A CA  1 
ATOM   676  C  C   . PHE A 1 80  ? -9.601  8.008   -1.826  1.00 60.03  ? 79  PHE A C   1 
ATOM   677  O  O   . PHE A 1 80  ? -10.677 7.394   -2.014  1.00 63.25  ? 79  PHE A O   1 
ATOM   678  C  CB  . PHE A 1 80  ? -9.413  8.443   0.730   1.00 56.66  ? 79  PHE A CB  1 
ATOM   679  C  CG  . PHE A 1 80  ? -8.273  7.490   0.940   1.00 50.65  ? 79  PHE A CG  1 
ATOM   680  C  CD1 . PHE A 1 80  ? -7.058  7.939   1.406   1.00 50.90  ? 79  PHE A CD1 1 
ATOM   681  C  CD2 . PHE A 1 80  ? -8.426  6.146   0.663   1.00 49.17  ? 79  PHE A CD2 1 
ATOM   682  C  CE1 . PHE A 1 80  ? -6.011  7.057   1.612   1.00 53.62  ? 79  PHE A CE1 1 
ATOM   683  C  CE2 . PHE A 1 80  ? -7.383  5.264   0.873   1.00 52.03  ? 79  PHE A CE2 1 
ATOM   684  C  CZ  . PHE A 1 80  ? -6.177  5.720   1.347   1.00 51.05  ? 79  PHE A CZ  1 
ATOM   685  N  N   . PHE A 1 81  ? -8.515  7.915   -2.598  1.00 57.93  ? 80  PHE A N   1 
ATOM   686  C  CA  . PHE A 1 81  ? -8.339  7.009   -3.763  1.00 59.42  ? 80  PHE A CA  1 
ATOM   687  C  C   . PHE A 1 81  ? -7.034  6.255   -3.541  1.00 53.27  ? 80  PHE A C   1 
ATOM   688  O  O   . PHE A 1 81  ? -6.083  6.850   -3.015  1.00 47.33  ? 80  PHE A O   1 
ATOM   689  C  CB  . PHE A 1 81  ? -8.378  7.803   -5.075  1.00 62.82  ? 80  PHE A CB  1 
ATOM   690  C  CG  . PHE A 1 81  ? -9.674  8.548   -5.267  1.00 62.29  ? 80  PHE A CG  1 
ATOM   691  C  CD1 . PHE A 1 81  ? -9.790  9.884   -4.898  1.00 67.96  ? 80  PHE A CD1 1 
ATOM   692  C  CD2 . PHE A 1 81  ? -10.810 7.877   -5.711  1.00 59.77  ? 80  PHE A CD2 1 
ATOM   693  C  CE1 . PHE A 1 81  ? -11.003 10.549  -5.029  1.00 66.96  ? 80  PHE A CE1 1 
ATOM   694  C  CE2 . PHE A 1 81  ? -12.021 8.537   -5.835  1.00 59.28  ? 80  PHE A CE2 1 
ATOM   695  C  CZ  . PHE A 1 81  ? -12.111 9.872   -5.504  1.00 67.59  ? 80  PHE A CZ  1 
ATOM   696  N  N   . LEU A 1 82  ? -7.048  4.962   -3.847  1.00 54.51  ? 81  LEU A N   1 
ATOM   697  C  CA  . LEU A 1 82  ? -5.925  4.037   -3.590  1.00 55.94  ? 81  LEU A CA  1 
ATOM   698  C  C   . LEU A 1 82  ? -5.583  3.351   -4.904  1.00 54.01  ? 81  LEU A C   1 
ATOM   699  O  O   . LEU A 1 82  ? -6.418  2.603   -5.418  1.00 58.10  ? 81  LEU A O   1 
ATOM   700  C  CB  . LEU A 1 82  ? -6.320  3.009   -2.525  1.00 59.12  ? 81  LEU A CB  1 
ATOM   701  C  CG  . LEU A 1 82  ? -5.150  2.219   -1.947  1.00 55.86  ? 81  LEU A CG  1 
ATOM   702  C  CD1 . LEU A 1 82  ? -4.196  3.141   -1.193  1.00 54.21  ? 81  LEU A CD1 1 
ATOM   703  C  CD2 . LEU A 1 82  ? -5.653  1.088   -1.063  1.00 57.53  ? 81  LEU A CD2 1 
ATOM   704  N  N   . LEU A 1 83  ? -4.418  3.668   -5.441  1.00 54.83  ? 82  LEU A N   1 
ATOM   705  C  CA  . LEU A 1 83  ? -3.847  2.948   -6.596  1.00 56.86  ? 82  LEU A CA  1 
ATOM   706  C  C   . LEU A 1 83  ? -3.021  1.784   -6.069  1.00 52.54  ? 82  LEU A C   1 
ATOM   707  O  O   . LEU A 1 83  ? -2.411  1.904   -4.997  1.00 53.83  ? 82  LEU A O   1 
ATOM   708  C  CB  . LEU A 1 83  ? -2.960  3.896   -7.394  1.00 61.33  ? 82  LEU A CB  1 
ATOM   709  C  CG  . LEU A 1 83  ? -3.678  5.061   -8.060  1.00 62.40  ? 82  LEU A CG  1 
ATOM   710  C  CD1 . LEU A 1 83  ? -2.702  5.811   -8.941  1.00 65.31  ? 82  LEU A CD1 1 
ATOM   711  C  CD2 . LEU A 1 83  ? -4.867  4.578   -8.872  1.00 61.72  ? 82  LEU A CD2 1 
ATOM   712  N  N   . VAL A 1 84  ? -2.993  0.718   -6.841  1.00 46.89  ? 83  VAL A N   1 
ATOM   713  C  CA  . VAL A 1 84  ? -2.257  -0.524  -6.514  1.00 53.45  ? 83  VAL A CA  1 
ATOM   714  C  C   . VAL A 1 84  ? -1.453  -0.833  -7.771  1.00 50.92  ? 83  VAL A C   1 
ATOM   715  O  O   . VAL A 1 84  ? -2.089  -0.906  -8.847  1.00 46.75  ? 83  VAL A O   1 
ATOM   716  C  CB  . VAL A 1 84  ? -3.211  -1.678  -6.131  1.00 51.87  ? 83  VAL A CB  1 
ATOM   717  C  CG1 . VAL A 1 84  ? -2.442  -2.911  -5.707  1.00 54.40  ? 83  VAL A CG1 1 
ATOM   718  C  CG2 . VAL A 1 84  ? -4.223  -1.274  -5.065  1.00 55.97  ? 83  VAL A CG2 1 
ATOM   719  N  N   . ASN A 1 85  ? -0.131  -0.978  -7.625  1.00 50.06  ? 84  ASN A N   1 
ATOM   720  C  CA  . ASN A 1 85  ? 0.794   -1.348  -8.721  1.00 50.42  ? 84  ASN A CA  1 
ATOM   721  C  C   . ASN A 1 85  ? 0.613   -0.324  -9.841  1.00 50.28  ? 84  ASN A C   1 
ATOM   722  O  O   . ASN A 1 85  ? 0.636   -0.723  -11.016 1.00 52.21  ? 84  ASN A O   1 
ATOM   723  C  CB  . ASN A 1 85  ? 0.516   -2.791  -9.157  1.00 56.66  ? 84  ASN A CB  1 
ATOM   724  C  CG  . ASN A 1 85  ? 1.423   -3.280  -10.264 1.00 57.32  ? 84  ASN A CG  1 
ATOM   725  O  OD1 . ASN A 1 85  ? 2.607   -2.980  -10.274 1.00 58.34  ? 84  ASN A OD1 1 
ATOM   726  N  ND2 . ASN A 1 85  ? 0.882   -4.056  -11.182 1.00 62.10  ? 84  ASN A ND2 1 
ATOM   727  N  N   . GLY A 1 86  ? 0.368   0.934   -9.474  1.00 51.12  ? 85  GLY A N   1 
ATOM   728  C  CA  . GLY A 1 86  ? 0.256   2.065   -10.413 1.00 54.74  ? 85  GLY A CA  1 
ATOM   729  C  C   . GLY A 1 86  ? -1.124  2.269   -11.034 1.00 58.08  ? 85  GLY A C   1 
ATOM   730  O  O   . GLY A 1 86  ? -1.254  3.225   -11.787 1.00 63.66  ? 85  GLY A O   1 
ATOM   731  N  N   . HIS A 1 87  ? -2.123  1.420   -10.811 1.00 49.29  ? 86  HIS A N   1 
ATOM   732  C  CA  . HIS A 1 87  ? -3.434  1.560   -11.492 1.00 50.05  ? 86  HIS A CA  1 
ATOM   733  C  C   . HIS A 1 87  ? -4.584  1.447   -10.485 1.00 54.83  ? 86  HIS A C   1 
ATOM   734  O  O   . HIS A 1 87  ? -4.348  1.039   -9.330  1.00 55.32  ? 86  HIS A O   1 
ATOM   735  C  CB  . HIS A 1 87  ? -3.553  0.510   -12.594 1.00 53.76  ? 86  HIS A CB  1 
ATOM   736  C  CG  . HIS A 1 87  ? -3.373  -0.883  -12.115 1.00 53.27  ? 86  HIS A CG  1 
ATOM   737  N  ND1 . HIS A 1 87  ? -4.417  -1.621  -11.563 1.00 59.42  ? 86  HIS A ND1 1 
ATOM   738  C  CD2 . HIS A 1 87  ? -2.288  -1.675  -12.088 1.00 52.39  ? 86  HIS A CD2 1 
ATOM   739  C  CE1 . HIS A 1 87  ? -3.975  -2.811  -11.229 1.00 56.74  ? 86  HIS A CE1 1 
ATOM   740  N  NE2 . HIS A 1 87  ? -2.671  -2.869  -11.538 1.00 54.63  ? 86  HIS A NE2 1 
ATOM   741  N  N   A SER A 1 88  ? -5.797  1.813   -10.911 0.06 55.84  ? 87  SER A N   1 
ATOM   742  N  N   B SER A 1 88  ? -5.795  1.808   -10.926 0.44 54.43  ? 87  SER A N   1 
ATOM   743  C  CA  A SER A 1 88  ? -7.034  1.763   -10.090 0.06 57.85  ? 87  SER A CA  1 
ATOM   744  C  CA  B SER A 1 88  ? -7.071  1.705   -10.168 0.44 59.43  ? 87  SER A CA  1 
ATOM   745  C  C   A SER A 1 88  ? -7.374  0.303   -9.771  0.06 59.61  ? 87  SER A C   1 
ATOM   746  C  C   B SER A 1 88  ? -7.302  0.260   -9.736  0.44 59.11  ? 87  SER A C   1 
ATOM   747  O  O   A SER A 1 88  ? -7.058  -0.572  -10.601 0.06 60.22  ? 87  SER A O   1 
ATOM   748  O  O   B SER A 1 88  ? -6.870  -0.648  -10.475 0.44 65.85  ? 87  SER A O   1 
ATOM   749  C  CB  A SER A 1 88  ? -8.179  2.452   -10.784 0.06 57.56  ? 87  SER A CB  1 
ATOM   750  C  CB  B SER A 1 88  ? -8.238  2.165   -10.991 0.44 59.85  ? 87  SER A CB  1 
ATOM   751  O  OG  A SER A 1 88  ? -8.651  1.678   -11.876 0.06 57.72  ? 87  SER A OG  1 
ATOM   752  O  OG  B SER A 1 88  ? -8.417  3.561   -10.878 0.44 64.88  ? 87  SER A OG  1 
ATOM   753  N  N   . MET A 1 89  ? -7.987  0.065   -8.609  1.00 61.20  ? 88  MET A N   1 
ATOM   754  C  CA  . MET A 1 89  ? -8.439  -1.279  -8.185  1.00 69.43  ? 88  MET A CA  1 
ATOM   755  C  C   . MET A 1 89  ? -9.687  -1.650  -8.993  1.00 70.22  ? 88  MET A C   1 
ATOM   756  O  O   . MET A 1 89  ? -10.681 -0.900  -8.945  1.00 72.09  ? 88  MET A O   1 
ATOM   757  C  CB  . MET A 1 89  ? -8.769  -1.259  -6.701  1.00 76.20  ? 88  MET A CB  1 
ATOM   758  C  CG  . MET A 1 89  ? -7.543  -1.042  -5.856  1.00 85.86  ? 88  MET A CG  1 
ATOM   759  S  SD  . MET A 1 89  ? -8.040  -0.565  -4.213  1.00 90.12  ? 88  MET A SD  1 
ATOM   760  C  CE  . MET A 1 89  ? -9.557  -1.506  -4.052  1.00 88.68  ? 88  MET A CE  1 
ATOM   761  N  N   . VAL A 1 90  ? -9.642  -2.754  -9.728  1.00 69.18  ? 89  VAL A N   1 
ATOM   762  C  CA  . VAL A 1 90  ? -10.837 -3.238  -10.473 1.00 79.33  ? 89  VAL A CA  1 
ATOM   763  C  C   . VAL A 1 90  ? -11.957 -3.494  -9.454  1.00 75.45  ? 89  VAL A C   1 
ATOM   764  O  O   . VAL A 1 90  ? -13.117 -3.195  -9.800  1.00 59.66  ? 89  VAL A O   1 
ATOM   765  C  CB  . VAL A 1 90  ? -10.532 -4.488  -11.317 1.00 87.68  ? 89  VAL A CB  1 
ATOM   766  C  CG1 . VAL A 1 90  ? -11.752 -4.915  -12.116 1.00 88.11  ? 89  VAL A CG1 1 
ATOM   767  C  CG2 . VAL A 1 90  ? -9.346  -4.266  -12.241 1.00 94.76  ? 89  VAL A CG2 1 
ATOM   768  N  N   . SER A 1 91  ? -11.601 -3.984  -8.249  1.00 79.45  ? 90  SER A N   1 
ATOM   769  C  CA  . SER A 1 91  ? -12.528 -4.442  -7.177  1.00 75.94  ? 90  SER A CA  1 
ATOM   770  C  C   . SER A 1 91  ? -11.900 -4.382  -5.767  1.00 72.45  ? 90  SER A C   1 
ATOM   771  O  O   . SER A 1 91  ? -10.772 -4.894  -5.553  1.00 74.20  ? 90  SER A O   1 
ATOM   772  C  CB  . SER A 1 91  ? -13.011 -5.835  -7.474  1.00 77.06  ? 90  SER A CB  1 
ATOM   773  O  OG  . SER A 1 91  ? -13.798 -6.319  -6.402  1.00 80.67  ? 90  SER A OG  1 
ATOM   774  N  N   . VAL A 1 92  ? -12.677 -3.854  -4.820  1.00 64.74  ? 91  VAL A N   1 
ATOM   775  C  CA  . VAL A 1 92  ? -12.327 -3.684  -3.382  1.00 67.89  ? 91  VAL A CA  1 
ATOM   776  C  C   . VAL A 1 92  ? -12.700 -4.952  -2.591  1.00 57.60  ? 91  VAL A C   1 
ATOM   777  O  O   . VAL A 1 92  ? -12.281 -5.079  -1.436  1.00 72.67  ? 91  VAL A O   1 
ATOM   778  C  CB  . VAL A 1 92  ? -13.014 -2.430  -2.810  1.00 69.86  ? 91  VAL A CB  1 
ATOM   779  C  CG1 . VAL A 1 92  ? -12.730 -1.188  -3.653  1.00 69.23  ? 91  VAL A CG1 1 
ATOM   780  C  CG2 . VAL A 1 92  ? -14.512 -2.635  -2.637  1.00 74.99  ? 91  VAL A CG2 1 
ATOM   781  N  N   . SER A 1 93  ? -13.453 -5.867  -3.177  1.00 51.26  ? 92  SER A N   1 
ATOM   782  C  CA  . SER A 1 93  ? -13.916 -7.088  -2.483  1.00 59.65  ? 92  SER A CA  1 
ATOM   783  C  C   . SER A 1 93  ? -12.884 -8.205  -2.626  1.00 53.22  ? 92  SER A C   1 
ATOM   784  O  O   . SER A 1 93  ? -13.045 -9.243  -1.998  1.00 57.06  ? 92  SER A O   1 
ATOM   785  C  CB  . SER A 1 93  ? -15.224 -7.530  -3.022  1.00 66.24  ? 92  SER A CB  1 
ATOM   786  O  OG  . SER A 1 93  ? -15.025 -8.104  -4.295  1.00 80.23  ? 92  SER A OG  1 
ATOM   787  N  N   . THR A 1 94  ? -11.858 -8.026  -3.440  1.00 57.33  ? 93  THR A N   1 
ATOM   788  C  CA  . THR A 1 94  ? -10.805 -9.058  -3.616  1.00 58.89  ? 93  THR A CA  1 
ATOM   789  C  C   . THR A 1 94  ? -9.981  -9.137  -2.333  1.00 59.39  ? 93  THR A C   1 
ATOM   790  O  O   . THR A 1 94  ? -9.619  -8.102  -1.766  1.00 53.97  ? 93  THR A O   1 
ATOM   791  C  CB  . THR A 1 94  ? -9.859  -8.736  -4.780  1.00 64.27  ? 93  THR A CB  1 
ATOM   792  O  OG1 . THR A 1 94  ? -10.549 -7.935  -5.748  1.00 70.10  ? 93  THR A OG1 1 
ATOM   793  C  CG2 . THR A 1 94  ? -9.282  -9.996  -5.385  1.00 60.88  ? 93  THR A CG2 1 
ATOM   794  N  N   . PRO A 1 95  ? -9.663  -10.359 -1.857  1.00 51.62  ? 94  PRO A N   1 
ATOM   795  C  CA  . PRO A 1 95  ? -8.723  -10.568 -0.756  1.00 49.27  ? 94  PRO A CA  1 
ATOM   796  C  C   . PRO A 1 95  ? -7.280  -10.187 -1.103  1.00 49.78  ? 94  PRO A C   1 
ATOM   797  O  O   . PRO A 1 95  ? -6.839  -10.449 -2.214  1.00 55.97  ? 94  PRO A O   1 
ATOM   798  C  CB  . PRO A 1 95  ? -8.751  -12.080 -0.471  1.00 50.21  ? 94  PRO A CB  1 
ATOM   799  C  CG  . PRO A 1 95  ? -9.990  -12.572 -1.186  1.00 52.25  ? 94  PRO A CG  1 
ATOM   800  C  CD  . PRO A 1 95  ? -10.235 -11.620 -2.342  1.00 54.43  ? 94  PRO A CD  1 
ATOM   801  N  N   . ILE A 1 96  ? -6.556  -9.612  -0.140  1.00 43.99  ? 95  ILE A N   1 
ATOM   802  C  CA  . ILE A 1 96  ? -5.212  -9.027  -0.405  1.00 43.28  ? 95  ILE A CA  1 
ATOM   803  C  C   . ILE A 1 96  ? -4.245  -10.170 -0.740  1.00 42.93  ? 95  ILE A C   1 
ATOM   804  O  O   . ILE A 1 96  ? -3.269  -9.915  -1.463  1.00 42.16  ? 95  ILE A O   1 
ATOM   805  C  CB  . ILE A 1 96  ? -4.738  -8.057  0.707   1.00 42.85  ? 95  ILE A CB  1 
ATOM   806  C  CG1 . ILE A 1 96  ? -3.638  -7.143  0.179   1.00 40.56  ? 95  ILE A CG1 1 
ATOM   807  C  CG2 . ILE A 1 96  ? -4.294  -8.758  1.978   1.00 42.80  ? 95  ILE A CG2 1 
ATOM   808  C  CD1 . ILE A 1 96  ? -3.157  -6.176  1.200   1.00 45.01  ? 95  ILE A CD1 1 
ATOM   809  N  N   . SER A 1 97  ? -4.510  -11.405 -0.319  1.00 42.13  ? 96  SER A N   1 
ATOM   810  C  CA  . SER A 1 97  ? -3.668  -12.569 -0.727  1.00 46.35  ? 96  SER A CA  1 
ATOM   811  C  C   . SER A 1 97  ? -3.679  -12.741 -2.259  1.00 47.90  ? 96  SER A C   1 
ATOM   812  O  O   . SER A 1 97  ? -2.581  -12.991 -2.813  1.00 44.87  ? 96  SER A O   1 
ATOM   813  C  CB  . SER A 1 97  ? -4.121  -13.827 -0.057  1.00 41.15  ? 96  SER A CB  1 
ATOM   814  O  OG  . SER A 1 97  ? -5.537  -13.896 -0.117  1.00 45.36  ? 96  SER A OG  1 
ATOM   815  N  N   . GLU A 1 98  ? -4.874  -12.658 -2.883  1.00 48.08  ? 97  GLU A N   1 
ATOM   816  C  CA  . GLU A 1 98  ? -5.124  -12.756 -4.350  1.00 50.10  ? 97  GLU A CA  1 
ATOM   817  C  C   . GLU A 1 98  ? -4.546  -11.523 -5.045  1.00 52.12  ? 97  GLU A C   1 
ATOM   818  O  O   . GLU A 1 98  ? -3.915  -11.691 -6.113  1.00 56.67  ? 97  GLU A O   1 
ATOM   819  C  CB  . GLU A 1 98  ? -6.617  -12.759 -4.701  1.00 59.85  ? 97  GLU A CB  1 
ATOM   820  C  CG  . GLU A 1 98  ? -7.278  -14.131 -4.839  1.00 74.56  ? 97  GLU A CG  1 
ATOM   821  C  CD  . GLU A 1 98  ? -8.807  -14.076 -4.981  1.00 81.22  ? 97  GLU A CD  1 
ATOM   822  O  OE1 . GLU A 1 98  ? -9.534  -14.659 -4.131  1.00 79.36  ? 97  GLU A OE1 1 
ATOM   823  O  OE2 . GLU A 1 98  ? -9.284  -13.431 -5.928  1.00 75.37  ? 97  GLU A OE2 1 
ATOM   824  N  N   . VAL A 1 99  ? -4.818  -10.324 -4.511  1.00 43.74  ? 98  VAL A N   1 
ATOM   825  C  CA  . VAL A 1 99  ? -4.285  -9.049  -5.076  1.00 45.58  ? 98  VAL A CA  1 
ATOM   826  C  C   . VAL A 1 99  ? -2.759  -9.146  -5.107  1.00 42.57  ? 98  VAL A C   1 
ATOM   827  O  O   . VAL A 1 99  ? -2.136  -8.774  -6.133  1.00 47.58  ? 98  VAL A O   1 
ATOM   828  C  CB  . VAL A 1 99  ? -4.749  -7.794  -4.308  1.00 47.03  ? 98  VAL A CB  1 
ATOM   829  C  CG1 . VAL A 1 99  ? -4.154  -6.512  -4.879  1.00 47.21  ? 98  VAL A CG1 1 
ATOM   830  C  CG2 . VAL A 1 99  ? -6.257  -7.697  -4.293  1.00 51.72  ? 98  VAL A CG2 1 
ATOM   831  N  N   . TYR A 1 100 ? -2.156  -9.634  -4.035  1.00 37.63  ? 99  TYR A N   1 
ATOM   832  C  CA  . TYR A 1 100 ? -0.679  -9.754  -3.960  1.00 38.40  ? 99  TYR A CA  1 
ATOM   833  C  C   . TYR A 1 100 ? -0.178  -10.609 -5.133  1.00 40.51  ? 99  TYR A C   1 
ATOM   834  O  O   . TYR A 1 100 ? 0.807   -10.243 -5.764  1.00 45.59  ? 99  TYR A O   1 
ATOM   835  C  CB  . TYR A 1 100 ? -0.247  -10.300 -2.606  1.00 34.34  ? 99  TYR A CB  1 
ATOM   836  C  CG  . TYR A 1 100 ? 1.242   -10.472 -2.469  1.00 34.06  ? 99  TYR A CG  1 
ATOM   837  C  CD1 . TYR A 1 100 ? 2.075   -9.392  -2.238  1.00 33.43  ? 99  TYR A CD1 1 
ATOM   838  C  CD2 . TYR A 1 100 ? 1.825   -11.720 -2.547  1.00 32.70  ? 99  TYR A CD2 1 
ATOM   839  C  CE1 . TYR A 1 100 ? 3.443   -9.544  -2.116  1.00 33.62  ? 99  TYR A CE1 1 
ATOM   840  C  CE2 . TYR A 1 100 ? 3.199   -11.885 -2.444  1.00 33.36  ? 99  TYR A CE2 1 
ATOM   841  C  CZ  . TYR A 1 100 ? 4.015   -10.791 -2.223  1.00 35.67  ? 99  TYR A CZ  1 
ATOM   842  O  OH  . TYR A 1 100 ? 5.374   -10.951 -2.123  1.00 39.59  ? 99  TYR A OH  1 
ATOM   843  N  N   . GLU A 1 101 ? -0.814  -11.747 -5.391  1.00 42.51  ? 100 GLU A N   1 
ATOM   844  C  CA  . GLU A 1 101 ? -0.282  -12.759 -6.340  1.00 46.81  ? 100 GLU A CA  1 
ATOM   845  C  C   . GLU A 1 101 ? -0.262  -12.211 -7.769  1.00 42.21  ? 100 GLU A C   1 
ATOM   846  O  O   . GLU A 1 101 ? 0.602   -12.653 -8.548  1.00 47.70  ? 100 GLU A O   1 
ATOM   847  C  CB  . GLU A 1 101 ? -1.090  -14.049 -6.288  1.00 47.64  ? 100 GLU A CB  1 
ATOM   848  C  CG  . GLU A 1 101 ? -0.624  -14.981 -5.189  1.00 61.03  ? 100 GLU A CG  1 
ATOM   849  C  CD  . GLU A 1 101 ? -0.692  -16.466 -5.519  1.00 67.03  ? 100 GLU A CD  1 
ATOM   850  O  OE1 . GLU A 1 101 ? -1.065  -16.814 -6.664  1.00 58.86  ? 100 GLU A OE1 1 
ATOM   851  O  OE2 . GLU A 1 101 ? -0.350  -17.269 -4.628  1.00 78.63  ? 100 GLU A OE2 1 
ATOM   852  N  N   . SER A 1 102 ? -1.164  -11.298 -8.103  1.00 45.47  ? 101 SER A N   1 
ATOM   853  C  CA  . SER A 1 102 ? -1.228  -10.717 -9.468  1.00 45.71  ? 101 SER A CA  1 
ATOM   854  C  C   . SER A 1 102 ? -0.531  -9.346  -9.531  1.00 46.92  ? 101 SER A C   1 
ATOM   855  O  O   . SER A 1 102 ? 0.071   -9.091  -10.567 1.00 57.06  ? 101 SER A O   1 
ATOM   856  C  CB  . SER A 1 102 ? -2.632  -10.710 -9.957  1.00 44.99  ? 101 SER A CB  1 
ATOM   857  O  OG  . SER A 1 102 ? -3.333  -9.644  -9.390  1.00 63.15  ? 101 SER A OG  1 
ATOM   858  N  N   . GLU A 1 103 ? -0.500  -8.540  -8.462  1.00 42.61  ? 102 GLU A N   1 
ATOM   859  C  CA  . GLU A 1 103 ? -0.080  -7.118  -8.529  1.00 40.74  ? 102 GLU A CA  1 
ATOM   860  C  C   . GLU A 1 103 ? 1.264   -6.879  -7.843  1.00 41.24  ? 102 GLU A C   1 
ATOM   861  O  O   . GLU A 1 103 ? 1.731   -5.720  -7.835  1.00 46.86  ? 102 GLU A O   1 
ATOM   862  C  CB  . GLU A 1 103 ? -1.149  -6.222  -7.907  1.00 45.55  ? 102 GLU A CB  1 
ATOM   863  C  CG  . GLU A 1 103 ? -2.498  -6.291  -8.597  1.00 51.13  ? 102 GLU A CG  1 
ATOM   864  C  CD  . GLU A 1 103 ? -2.505  -5.894  -10.067 1.00 56.59  ? 102 GLU A CD  1 
ATOM   865  O  OE1 . GLU A 1 103 ? -1.710  -5.014  -10.465 1.00 52.64  ? 102 GLU A OE1 1 
ATOM   866  O  OE2 . GLU A 1 103 ? -3.275  -6.507  -10.818 1.00 61.52  ? 102 GLU A OE2 1 
ATOM   867  N  N   . LYS A 1 104 ? 1.885   -7.892  -7.257  1.00 44.33  ? 103 LYS A N   1 
ATOM   868  C  CA  . LYS A 1 104 ? 3.156   -7.676  -6.519  1.00 45.62  ? 103 LYS A CA  1 
ATOM   869  C  C   . LYS A 1 104 ? 4.215   -7.149  -7.490  1.00 49.49  ? 103 LYS A C   1 
ATOM   870  O  O   . LYS A 1 104 ? 4.121   -7.497  -8.648  1.00 52.44  ? 103 LYS A O   1 
ATOM   871  C  CB  . LYS A 1 104 ? 3.660   -8.982  -5.903  1.00 47.15  ? 103 LYS A CB  1 
ATOM   872  C  CG  . LYS A 1 104 ? 3.951   -10.089 -6.895  1.00 47.07  ? 103 LYS A CG  1 
ATOM   873  C  CD  . LYS A 1 104 ? 4.165   -11.416 -6.240  1.00 49.49  ? 103 LYS A CD  1 
ATOM   874  C  CE  . LYS A 1 104 ? 4.548   -12.468 -7.249  1.00 51.70  ? 103 LYS A CE  1 
ATOM   875  N  NZ  . LYS A 1 104 ? 3.375   -12.998 -7.983  1.00 59.82  ? 103 LYS A NZ  1 
ATOM   876  N  N   . ASP A 1 105 ? 5.193   -6.382  -7.008  1.00 51.77  ? 104 ASP A N   1 
ATOM   877  C  CA  . ASP A 1 105 ? 6.418   -5.960  -7.740  1.00 47.73  ? 104 ASP A CA  1 
ATOM   878  C  C   . ASP A 1 105 ? 7.384   -7.145  -7.857  1.00 52.89  ? 104 ASP A C   1 
ATOM   879  O  O   . ASP A 1 105 ? 7.220   -8.144  -7.090  1.00 46.83  ? 104 ASP A O   1 
ATOM   880  C  CB  . ASP A 1 105 ? 7.081   -4.812  -6.980  1.00 53.79  ? 104 ASP A CB  1 
ATOM   881  C  CG  . ASP A 1 105 ? 8.056   -3.965  -7.773  1.00 56.69  ? 104 ASP A CG  1 
ATOM   882  O  OD1 . ASP A 1 105 ? 7.581   -3.033  -8.468  1.00 54.77  ? 104 ASP A OD1 1 
ATOM   883  O  OD2 . ASP A 1 105 ? 9.276   -4.224  -7.655  1.00 55.49  ? 104 ASP A OD2 1 
ATOM   884  N  N   . GLU A 1 106 ? 8.407   -7.028  -8.711  1.00 57.08  ? 105 GLU A N   1 
ATOM   885  C  CA  . GLU A 1 106 ? 9.499   -8.043  -8.840  1.00 55.24  ? 105 GLU A CA  1 
ATOM   886  C  C   . GLU A 1 106 ? 10.313  -8.121  -7.542  1.00 49.18  ? 105 GLU A C   1 
ATOM   887  O  O   . GLU A 1 106 ? 10.895  -9.184  -7.336  1.00 49.34  ? 105 GLU A O   1 
ATOM   888  C  CB  . GLU A 1 106 ? 10.502  -7.754  -9.964  1.00 62.70  ? 105 GLU A CB  1 
ATOM   889  C  CG  . GLU A 1 106 ? 9.975   -7.924  -11.389 1.00 75.98  ? 105 GLU A CG  1 
ATOM   890  C  CD  . GLU A 1 106 ? 10.993  -8.420  -12.426 1.00 81.72  ? 105 GLU A CD  1 
ATOM   891  O  OE1 . GLU A 1 106 ? 12.202  -8.091  -12.314 1.00 67.10  ? 105 GLU A OE1 1 
ATOM   892  O  OE2 . GLU A 1 106 ? 10.587  -9.167  -13.348 1.00 84.67  ? 105 GLU A OE2 1 
ATOM   893  N  N   . ASP A 1 107 ? 10.390  -7.043  -6.732  1.00 50.60  ? 106 ASP A N   1 
ATOM   894  C  CA  . ASP A 1 107 ? 11.113  -7.006  -5.417  1.00 53.69  ? 106 ASP A CA  1 
ATOM   895  C  C   . ASP A 1 107 ? 10.322  -7.728  -4.304  1.00 55.26  ? 106 ASP A C   1 
ATOM   896  O  O   . ASP A 1 107 ? 10.952  -8.115  -3.269  1.00 53.44  ? 106 ASP A O   1 
ATOM   897  C  CB  . ASP A 1 107 ? 11.474  -5.580  -4.990  1.00 51.81  ? 106 ASP A CB  1 
ATOM   898  C  CG  . ASP A 1 107 ? 10.302  -4.721  -4.555  1.00 54.41  ? 106 ASP A CG  1 
ATOM   899  O  OD1 . ASP A 1 107 ? 9.181   -5.259  -4.459  1.00 48.18  ? 106 ASP A OD1 1 
ATOM   900  O  OD2 . ASP A 1 107 ? 10.533  -3.510  -4.305  1.00 52.95  ? 106 ASP A OD2 1 
ATOM   901  N  N   . GLY A 1 108 ? 9.005   -7.900  -4.486  1.00 52.38  ? 107 GLY A N   1 
ATOM   902  C  CA  . GLY A 1 108 ? 8.136   -8.733  -3.622  1.00 51.34  ? 107 GLY A CA  1 
ATOM   903  C  C   . GLY A 1 108 ? 7.197   -7.922  -2.732  1.00 46.06  ? 107 GLY A C   1 
ATOM   904  O  O   . GLY A 1 108 ? 6.320   -8.544  -2.085  1.00 44.86  ? 107 GLY A O   1 
ATOM   905  N  N   . PHE A 1 109 ? 7.335   -6.592  -2.705  1.00 38.96  ? 108 PHE A N   1 
ATOM   906  C  CA  . PHE A 1 109 ? 6.369   -5.666  -2.051  1.00 43.77  ? 108 PHE A CA  1 
ATOM   907  C  C   . PHE A 1 109 ? 5.136   -5.489  -2.950  1.00 42.88  ? 108 PHE A C   1 
ATOM   908  O  O   . PHE A 1 109 ? 5.168   -5.755  -4.182  1.00 44.95  ? 108 PHE A O   1 
ATOM   909  C  CB  . PHE A 1 109 ? 7.024   -4.319  -1.700  1.00 45.06  ? 108 PHE A CB  1 
ATOM   910  C  CG  . PHE A 1 109 ? 7.921   -4.331  -0.488  1.00 52.26  ? 108 PHE A CG  1 
ATOM   911  C  CD1 . PHE A 1 109 ? 7.382   -4.376  0.790   1.00 48.59  ? 108 PHE A CD1 1 
ATOM   912  C  CD2 . PHE A 1 109 ? 9.304   -4.329  -0.621  1.00 53.20  ? 108 PHE A CD2 1 
ATOM   913  C  CE1 . PHE A 1 109 ? 8.209   -4.420  1.901   1.00 52.46  ? 108 PHE A CE1 1 
ATOM   914  C  CE2 . PHE A 1 109 ? 10.130  -4.366  0.498   1.00 53.88  ? 108 PHE A CE2 1 
ATOM   915  C  CZ  . PHE A 1 109 ? 9.580   -4.407  1.758   1.00 51.16  ? 108 PHE A CZ  1 
ATOM   916  N  N   . LEU A 1 110 ? 4.052   -5.026  -2.342  1.00 42.48  ? 109 LEU A N   1 
ATOM   917  C  CA  . LEU A 1 110 ? 2.834   -4.554  -3.049  1.00 43.94  ? 109 LEU A CA  1 
ATOM   918  C  C   . LEU A 1 110 ? 2.757   -3.026  -2.869  1.00 43.02  ? 109 LEU A C   1 
ATOM   919  O  O   . LEU A 1 110 ? 2.621   -2.572  -1.715  1.00 44.93  ? 109 LEU A O   1 
ATOM   920  C  CB  . LEU A 1 110 ? 1.623   -5.290  -2.452  1.00 44.40  ? 109 LEU A CB  1 
ATOM   921  C  CG  . LEU A 1 110 ? 0.268   -5.067  -3.126  1.00 46.97  ? 109 LEU A CG  1 
ATOM   922  C  CD1 . LEU A 1 110 ? 0.299   -5.452  -4.617  1.00 44.76  ? 109 LEU A CD1 1 
ATOM   923  C  CD2 . LEU A 1 110 ? -0.828  -5.821  -2.371  1.00 44.92  ? 109 LEU A CD2 1 
ATOM   924  N  N   . TYR A 1 111 ? 2.841   -2.268  -3.966  1.00 43.41  ? 110 TYR A N   1 
ATOM   925  C  CA  . TYR A 1 111 ? 2.981   -0.788  -3.964  1.00 46.51  ? 110 TYR A CA  1 
ATOM   926  C  C   . TYR A 1 111 ? 1.603   -0.146  -4.123  1.00 45.85  ? 110 TYR A C   1 
ATOM   927  O  O   . TYR A 1 111 ? 0.807   -0.546  -4.983  1.00 44.39  ? 110 TYR A O   1 
ATOM   928  C  CB  . TYR A 1 111 ? 3.982   -0.333  -5.030  1.00 47.19  ? 110 TYR A CB  1 
ATOM   929  C  CG  . TYR A 1 111 ? 5.414   -0.650  -4.669  1.00 43.60  ? 110 TYR A CG  1 
ATOM   930  C  CD1 . TYR A 1 111 ? 5.974   -1.859  -5.018  1.00 38.93  ? 110 TYR A CD1 1 
ATOM   931  C  CD2 . TYR A 1 111 ? 6.206   0.257   -3.976  1.00 41.70  ? 110 TYR A CD2 1 
ATOM   932  C  CE1 . TYR A 1 111 ? 7.270   -2.183  -4.661  1.00 37.98  ? 110 TYR A CE1 1 
ATOM   933  C  CE2 . TYR A 1 111 ? 7.509   -0.047  -3.618  1.00 40.68  ? 110 TYR A CE2 1 
ATOM   934  C  CZ  . TYR A 1 111 ? 8.047   -1.270  -3.979  1.00 39.07  ? 110 TYR A CZ  1 
ATOM   935  O  OH  . TYR A 1 111 ? 9.328   -1.602  -3.647  1.00 40.74  ? 110 TYR A OH  1 
ATOM   936  N  N   . MET A 1 112 ? 1.316   0.804   -3.240  1.00 46.80  ? 111 MET A N   1 
ATOM   937  C  CA  . MET A 1 112 ? 0.047   1.561   -3.236  1.00 47.52  ? 111 MET A CA  1 
ATOM   938  C  C   . MET A 1 112 ? 0.362   3.040   -3.096  1.00 46.90  ? 111 MET A C   1 
ATOM   939  O  O   . MET A 1 112 ? 1.344   3.409   -2.453  1.00 46.97  ? 111 MET A O   1 
ATOM   940  C  CB  . MET A 1 112 ? -0.845  1.117   -2.082  1.00 48.52  ? 111 MET A CB  1 
ATOM   941  C  CG  . MET A 1 112 ? -1.057  -0.370  -2.089  1.00 49.82  ? 111 MET A CG  1 
ATOM   942  S  SD  . MET A 1 112 ? -2.452  -0.855  -1.105  1.00 50.16  ? 111 MET A SD  1 
ATOM   943  C  CE  . MET A 1 112 ? -2.392  -2.622  -1.436  1.00 52.13  ? 111 MET A CE  1 
ATOM   944  N  N   A VAL A 1 113 ? -0.502  3.860   -3.684  0.41 50.31  ? 112 VAL A N   1 
ATOM   945  N  N   B VAL A 1 113 ? -0.444  3.884   -3.742  0.10 47.52  ? 112 VAL A N   1 
ATOM   946  C  CA  A VAL A 1 113 ? -0.397  5.344   -3.707  0.41 51.82  ? 112 VAL A CA  1 
ATOM   947  C  CA  B VAL A 1 113 ? -0.349  5.367   -3.619  0.10 47.59  ? 112 VAL A CA  1 
ATOM   948  C  C   A VAL A 1 113 ? -1.805  5.892   -3.474  0.41 50.78  ? 112 VAL A C   1 
ATOM   949  C  C   B VAL A 1 113 ? -1.767  5.930   -3.511  0.10 48.53  ? 112 VAL A C   1 
ATOM   950  O  O   A VAL A 1 113 ? -2.740  5.320   -4.050  0.41 49.66  ? 112 VAL A O   1 
ATOM   951  O  O   B VAL A 1 113 ? -2.661  5.429   -4.220  0.10 48.24  ? 112 VAL A O   1 
ATOM   952  C  CB  A VAL A 1 113 ? 0.200   5.831   -5.043  0.41 57.19  ? 112 VAL A CB  1 
ATOM   953  C  CB  B VAL A 1 113 ? 0.447   6.005   -4.777  0.10 47.71  ? 112 VAL A CB  1 
ATOM   954  C  CG1 A VAL A 1 113 ? 0.369   7.343   -5.066  0.41 60.16  ? 112 VAL A CG1 1 
ATOM   955  C  CG1 B VAL A 1 113 ? 1.918   5.619   -4.725  0.10 47.02  ? 112 VAL A CG1 1 
ATOM   956  C  CG2 A VAL A 1 113 ? 1.521   5.136   -5.354  0.41 57.15  ? 112 VAL A CG2 1 
ATOM   957  C  CG2 B VAL A 1 113 ? -0.147  5.678   -6.137  0.10 46.72  ? 112 VAL A CG2 1 
ATOM   958  N  N   . TYR A 1 114 ? -1.944  6.926   -2.639  1.00 49.28  ? 113 TYR A N   1 
ATOM   959  C  CA  . TYR A 1 114 ? -3.258  7.517   -2.299  1.00 51.50  ? 113 TYR A CA  1 
ATOM   960  C  C   . TYR A 1 114 ? -3.253  9.016   -2.611  1.00 55.11  ? 113 TYR A C   1 
ATOM   961  O  O   . TYR A 1 114 ? -2.192  9.683   -2.561  1.00 57.80  ? 113 TYR A O   1 
ATOM   962  C  CB  . TYR A 1 114 ? -3.588  7.229   -0.832  1.00 53.60  ? 113 TYR A CB  1 
ATOM   963  C  CG  . TYR A 1 114 ? -2.715  7.884   0.208   1.00 50.77  ? 113 TYR A CG  1 
ATOM   964  C  CD1 . TYR A 1 114 ? -1.669  7.206   0.811   1.00 53.91  ? 113 TYR A CD1 1 
ATOM   965  C  CD2 . TYR A 1 114 ? -2.976  9.172   0.647   1.00 55.47  ? 113 TYR A CD2 1 
ATOM   966  C  CE1 . TYR A 1 114 ? -0.896  7.798   1.802   1.00 57.96  ? 113 TYR A CE1 1 
ATOM   967  C  CE2 . TYR A 1 114 ? -2.214  9.780   1.639   1.00 49.56  ? 113 TYR A CE2 1 
ATOM   968  C  CZ  . TYR A 1 114 ? -1.171  9.094   2.223   1.00 58.33  ? 113 TYR A CZ  1 
ATOM   969  O  OH  . TYR A 1 114 ? -0.450  9.705   3.213   1.00 56.94  ? 113 TYR A OH  1 
ATOM   970  N  N   . ALA A 1 115 ? -4.446  9.522   -2.902  1.00 57.40  ? 114 ALA A N   1 
ATOM   971  C  CA  . ALA A 1 115 ? -4.718  10.937  -3.222  1.00 65.46  ? 114 ALA A CA  1 
ATOM   972  C  C   . ALA A 1 115 ? -6.187  11.274  -2.921  1.00 64.94  ? 114 ALA A C   1 
ATOM   973  O  O   . ALA A 1 115 ? -7.012  10.335  -2.799  1.00 69.24  ? 114 ALA A O   1 
ATOM   974  C  CB  . ALA A 1 115 ? -4.366  11.162  -4.672  1.00 68.20  ? 114 ALA A CB  1 
ATOM   975  N  N   . SER A 1 116 ? -6.501  12.573  -2.834  1.00 73.39  ? 115 SER A N   1 
ATOM   976  C  CA  . SER A 1 116 ? -7.882  13.125  -2.726  1.00 75.09  ? 115 SER A CA  1 
ATOM   977  C  C   . SER A 1 116 ? -8.533  13.190  -4.115  1.00 76.48  ? 115 SER A C   1 
ATOM   978  O  O   . SER A 1 116 ? -9.785  13.258  -4.173  1.00 74.74  ? 115 SER A O   1 
ATOM   979  C  CB  . SER A 1 116 ? -7.896  14.469  -2.039  1.00 69.01  ? 115 SER A CB  1 
ATOM   980  O  OG  . SER A 1 116 ? -6.580  14.971  -1.875  1.00 63.31  ? 115 SER A OG  1 
ATOM   981  N  N   . GLN A 1 117 ? -7.720  13.119  -5.180  1.00 71.80  ? 116 GLN A N   1 
ATOM   982  C  CA  . GLN A 1 117 ? -8.171  13.147  -6.598  1.00 80.95  ? 116 GLN A CA  1 
ATOM   983  C  C   . GLN A 1 117 ? -8.025  11.747  -7.222  1.00 85.67  ? 116 GLN A C   1 
ATOM   984  O  O   . GLN A 1 117 ? -6.971  11.123  -7.014  1.00 88.49  ? 116 GLN A O   1 
ATOM   985  C  CB  . GLN A 1 117 ? -7.341  14.180  -7.366  1.00 79.94  ? 116 GLN A CB  1 
ATOM   986  N  N   . GLU A 1 118 ? -9.036  11.279  -7.969  1.00 86.89  ? 117 GLU A N   1 
ATOM   987  C  CA  . GLU A 1 118 ? -8.950  10.105  -8.889  1.00 90.65  ? 117 GLU A CA  1 
ATOM   988  C  C   . GLU A 1 118 ? -7.894  10.322  -9.981  1.00 98.93  ? 117 GLU A C   1 
ATOM   989  O  O   . GLU A 1 118 ? -7.284  9.321   -10.397 1.00 98.01  ? 117 GLU A O   1 
ATOM   990  C  CB  . GLU A 1 118 ? -10.275 9.864   -9.609  1.00 95.06  ? 117 GLU A CB  1 
ATOM   991  C  CG  . GLU A 1 118 ? -10.911 8.532   -9.282  1.00 103.04 ? 117 GLU A CG  1 
ATOM   992  C  CD  . GLU A 1 118 ? -12.374 8.433   -9.680  1.00 115.21 ? 117 GLU A CD  1 
ATOM   993  O  OE1 . GLU A 1 118 ? -13.071 9.472   -9.634  1.00 118.40 ? 117 GLU A OE1 1 
ATOM   994  O  OE2 . GLU A 1 118 ? -12.815 7.319   -10.032 1.00 122.10 ? 117 GLU A OE2 1 
ATOM   995  N  N   . THR A 1 119 ? -7.762  11.559  -10.484 1.00 114.55 ? 118 THR A N   1 
ATOM   996  C  CA  . THR A 1 119 ? -6.697  12.003  -11.427 1.00 121.75 ? 118 THR A CA  1 
ATOM   997  C  C   . THR A 1 119 ? -5.403  12.237  -10.627 1.00 123.98 ? 118 THR A C   1 
ATOM   998  O  O   . THR A 1 119 ? -5.263  13.327  -10.027 1.00 131.26 ? 118 THR A O   1 
ATOM   999  C  CB  . THR A 1 119 ? -7.150  13.237  -12.225 1.00 108.26 ? 118 THR A CB  1 
ATOM   1000 N  N   . PHE A 1 120 ? -4.517  11.230  -10.590 1.00 126.08 ? 119 PHE A N   1 
ATOM   1001 C  CA  . PHE A 1 120 ? -3.200  11.254  -9.896  1.00 124.14 ? 119 PHE A CA  1 
ATOM   1002 C  C   . PHE A 1 120 ? -2.202  12.018  -10.769 1.00 129.93 ? 119 PHE A C   1 
ATOM   1003 O  O   . PHE A 1 120 ? -1.460  11.409  -11.540 1.00 134.69 ? 119 PHE A O   1 
ATOM   1004 C  CB  . PHE A 1 120 ? -2.697  9.835   -9.596  1.00 121.24 ? 119 PHE A CB  1 
ATOM   1005 C  CG  . PHE A 1 120 ? -3.343  9.166   -8.405  1.00 126.21 ? 119 PHE A CG  1 
ATOM   1006 C  CD1 . PHE A 1 120 ? -4.694  8.841   -8.421  1.00 121.52 ? 119 PHE A CD1 1 
ATOM   1007 C  CD2 . PHE A 1 120 ? -2.606  8.848   -7.270  1.00 119.59 ? 119 PHE A CD2 1 
ATOM   1008 C  CE1 . PHE A 1 120 ? -5.294  8.225   -7.331  1.00 114.76 ? 119 PHE A CE1 1 
ATOM   1009 C  CE2 . PHE A 1 120 ? -3.210  8.235   -6.178  1.00 114.21 ? 119 PHE A CE2 1 
ATOM   1010 C  CZ  . PHE A 1 120 ? -4.552  7.927   -6.209  1.00 115.53 ? 119 PHE A CZ  1 
HETATM 1011 C  C4  . RWP B 2 .   ? -1.991  -3.889  12.332  0.72 84.54  ? 201 RWP A C4  1 
HETATM 1012 C  C5  . RWP B 2 .   ? -1.474  -3.878  11.044  0.72 85.49  ? 201 RWP A C5  1 
HETATM 1013 C  C6  . RWP B 2 .   ? -0.867  -5.028  10.547  0.72 83.95  ? 201 RWP A C6  1 
HETATM 1014 C  C7  . RWP B 2 .   ? -0.791  -6.172  11.323  0.72 80.48  ? 201 RWP A C7  1 
HETATM 1015 C  C8  . RWP B 2 .   ? -2.099  -2.498  9.094   0.72 97.08  ? 201 RWP A C8  1 
HETATM 1016 O  O2  . RWP B 2 .   ? -0.319  -7.568  14.257  0.72 73.96  ? 201 RWP A O2  1 
HETATM 1017 C  C1  . RWP B 2 .   ? -1.242  -7.366  13.507  0.72 75.08  ? 201 RWP A C1  1 
HETATM 1018 O  O   . RWP B 2 .   ? -2.332  -8.139  13.459  0.72 65.10  ? 201 RWP A O   1 
HETATM 1019 C  C   . RWP B 2 .   ? -2.107  -9.567  13.649  0.72 62.36  ? 201 RWP A C   1 
HETATM 1020 C  C2  . RWP B 2 .   ? -1.323  -6.187  12.606  0.72 77.02  ? 201 RWP A C2  1 
HETATM 1021 C  C3  . RWP B 2 .   ? -1.907  -5.033  13.097  0.72 83.13  ? 201 RWP A C3  1 
HETATM 1022 N  N   . RWP B 2 .   ? -1.594  -2.672  10.317  0.72 87.44  ? 201 RWP A N   1 
HETATM 1023 O  O1  . RWP B 2 .   ? -2.744  -3.277  8.433   0.72 102.06 ? 201 RWP A O1  1 
HETATM 1024 C  C9  . RWP B 2 .   ? -1.774  -1.123  8.500   0.72 104.30 ? 201 RWP A C9  1 
HETATM 1025 F  F   . RWP B 2 .   ? -0.474  -0.902  8.582   0.72 111.07 ? 201 RWP A F   1 
HETATM 1026 F  F1  . RWP B 2 .   ? -2.118  -1.014  7.223   0.72 106.18 ? 201 RWP A F1  1 
HETATM 1027 F  F2  . RWP B 2 .   ? -2.375  -0.145  9.163   0.72 107.79 ? 201 RWP A F2  1 
HETATM 1028 C  C1  . EDO C 3 .   ? -8.342  -1.196  -13.561 1.00 100.38 ? 202 EDO A C1  1 
HETATM 1029 O  O1  . EDO C 3 .   ? -7.176  -0.434  -13.871 1.00 95.85  ? 202 EDO A O1  1 
HETATM 1030 C  C2  . EDO C 3 .   ? -9.612  -0.579  -14.041 1.00 104.59 ? 202 EDO A C2  1 
HETATM 1031 O  O2  . EDO C 3 .   ? -10.168 -1.181  -15.207 1.00 92.14  ? 202 EDO A O2  1 
HETATM 1032 C  C1  . EDO D 3 .   ? 10.782  -2.735  -10.693 1.00 93.16  ? 203 EDO A C1  1 
HETATM 1033 O  O1  . EDO D 3 .   ? 11.155  -1.381  -10.494 1.00 85.39  ? 203 EDO A O1  1 
HETATM 1034 C  C2  . EDO D 3 .   ? 11.660  -3.713  -10.000 1.00 91.20  ? 203 EDO A C2  1 
HETATM 1035 O  O2  . EDO D 3 .   ? 11.814  -3.409  -8.626  1.00 88.57  ? 203 EDO A O2  1 
HETATM 1036 C  C1  . EDO E 3 .   ? -16.425 4.682   6.471   1.00 85.73  ? 204 EDO A C1  1 
HETATM 1037 O  O1  . EDO E 3 .   ? -17.276 3.565   6.636   1.00 78.05  ? 204 EDO A O1  1 
HETATM 1038 C  C2  . EDO E 3 .   ? -15.012 4.298   6.231   1.00 79.63  ? 204 EDO A C2  1 
HETATM 1039 O  O2  . EDO E 3 .   ? -14.619 4.385   4.874   1.00 96.95  ? 204 EDO A O2  1 
HETATM 1040 C  C1  . EDO F 3 .   ? -14.774 1.127   0.243   1.00 87.41  ? 205 EDO A C1  1 
HETATM 1041 O  O1  . EDO F 3 .   ? -14.034 1.453   -0.927  1.00 78.19  ? 205 EDO A O1  1 
HETATM 1042 C  C2  . EDO F 3 .   ? -13.935 0.849   1.453   1.00 82.37  ? 205 EDO A C2  1 
HETATM 1043 O  O2  . EDO F 3 .   ? -13.772 1.924   2.366   1.00 85.84  ? 205 EDO A O2  1 
HETATM 1044 C  C1  . EDO G 3 .   ? 5.174   8.539   -5.396  1.00 108.72 ? 206 EDO A C1  1 
HETATM 1045 O  O1  . EDO G 3 .   ? 5.349   7.145   -5.233  1.00 93.72  ? 206 EDO A O1  1 
HETATM 1046 C  C2  . EDO G 3 .   ? 3.808   8.926   -5.857  1.00 110.37 ? 206 EDO A C2  1 
HETATM 1047 O  O2  . EDO G 3 .   ? 3.736   9.440   -7.184  1.00 102.17 ? 206 EDO A O2  1 
HETATM 1048 C  C1  . EDO H 3 .   ? 13.390  -2.604  3.261   1.00 94.62  ? 207 EDO A C1  1 
HETATM 1049 O  O1  . EDO H 3 .   ? 14.205  -3.675  2.842   1.00 89.17  ? 207 EDO A O1  1 
HETATM 1050 C  C2  . EDO H 3 .   ? 13.731  -2.072  4.622   1.00 101.84 ? 207 EDO A C2  1 
HETATM 1051 O  O2  . EDO H 3 .   ? 12.804  -1.117  5.151   1.00 99.65  ? 207 EDO A O2  1 
HETATM 1052 C  C1  . EDO I 3 .   ? 5.934   3.003   -11.879 1.00 101.20 ? 208 EDO A C1  1 
HETATM 1053 O  O1  . EDO I 3 .   ? 6.674   4.193   -11.641 1.00 83.78  ? 208 EDO A O1  1 
HETATM 1054 C  C2  . EDO I 3 .   ? 4.478   3.238   -12.116 1.00 104.03 ? 208 EDO A C2  1 
HETATM 1055 O  O2  . EDO I 3 .   ? 3.967   2.733   -13.353 1.00 89.81  ? 208 EDO A O2  1 
HETATM 1056 C  C1  . EDO J 3 .   ? -6.126  -4.727  -7.756  1.00 95.49  ? 209 EDO A C1  1 
HETATM 1057 O  O1  . EDO J 3 .   ? -6.391  -4.253  -9.065  1.00 97.28  ? 209 EDO A O1  1 
HETATM 1058 C  C2  . EDO J 3 .   ? -7.143  -4.304  -6.751  1.00 98.67  ? 209 EDO A C2  1 
HETATM 1059 O  O2  . EDO J 3 .   ? -8.173  -5.249  -6.468  1.00 91.89  ? 209 EDO A O2  1 
HETATM 1060 CL CL  . CL  K 4 .   ? 2.483   -14.174 10.788  1.00 54.18  ? 210 CL  A CL  1 
HETATM 1061 O  O   . HOH L 5 .   ? 10.467  5.732   -6.066  1.00 70.28  ? 301 HOH A O   1 
HETATM 1062 O  O   . HOH L 5 .   ? 1.860   16.016  -2.047  1.00 98.20  ? 302 HOH A O   1 
HETATM 1063 O  O   . HOH L 5 .   ? -8.775  -12.806 -7.908  1.00 74.45  ? 303 HOH A O   1 
HETATM 1064 O  O   . HOH L 5 .   ? 2.860   13.481  -1.633  1.00 81.68  ? 304 HOH A O   1 
HETATM 1065 O  O   . HOH L 5 .   ? -4.346  -8.814  12.821  1.00 58.87  ? 305 HOH A O   1 
HETATM 1066 O  O   . HOH L 5 .   ? 7.066   1.080   -8.630  1.00 61.58  ? 306 HOH A O   1 
HETATM 1067 O  O   . HOH L 5 .   ? 3.892   -2.577  -12.219 1.00 59.15  ? 307 HOH A O   1 
HETATM 1068 O  O   . HOH L 5 .   ? -8.328  2.239   -6.788  1.00 65.89  ? 308 HOH A O   1 
HETATM 1069 O  O   . HOH L 5 .   ? 8.222   3.831   -3.695  1.00 54.63  ? 309 HOH A O   1 
HETATM 1070 O  O   . HOH L 5 .   ? -0.173  7.961   10.126  1.00 57.31  ? 310 HOH A O   1 
HETATM 1071 O  O   . HOH L 5 .   ? -7.151  -10.892 1.904   1.00 233.07 ? 311 HOH A O   1 
HETATM 1072 O  O   . HOH L 5 .   ? 6.699   -1.331  9.195   1.00 63.17  ? 312 HOH A O   1 
HETATM 1073 O  O   . HOH L 5 .   ? -15.637 -3.185  -9.859  1.00 63.79  ? 313 HOH A O   1 
HETATM 1074 O  O   . HOH L 5 .   ? -10.918 3.853   -11.300 1.00 100.11 ? 314 HOH A O   1 
HETATM 1075 O  O   . HOH L 5 .   ? -9.829  11.714  16.085  1.00 65.11  ? 315 HOH A O   1 
HETATM 1076 O  O   . HOH L 5 .   ? 12.950  2.475   4.675   1.00 74.83  ? 316 HOH A O   1 
HETATM 1077 O  O   . HOH L 5 .   ? 3.764   6.284   3.774   1.00 57.76  ? 317 HOH A O   1 
HETATM 1078 O  O   . HOH L 5 .   ? 1.065   15.065  6.682   1.00 86.47  ? 318 HOH A O   1 
HETATM 1079 O  O   . HOH L 5 .   ? 11.902  -15.983 2.732   1.00 61.64  ? 319 HOH A O   1 
HETATM 1080 O  O   . HOH L 5 .   ? 6.789   6.438   1.892   1.00 98.62  ? 320 HOH A O   1 
HETATM 1081 O  O   . HOH L 5 .   ? 8.250   2.583   -10.273 1.00 66.69  ? 321 HOH A O   1 
HETATM 1082 O  O   . HOH L 5 .   ? -5.804  1.835   11.014  1.00 50.08  ? 322 HOH A O   1 
HETATM 1083 O  O   . HOH L 5 .   ? 23.083  -4.339  -5.087  1.00 102.53 ? 323 HOH A O   1 
HETATM 1084 O  O   . HOH L 5 .   ? 3.871   3.177   -3.245  1.00 51.88  ? 324 HOH A O   1 
HETATM 1085 O  O   . HOH L 5 .   ? 2.810   -9.058  -10.362 1.00 62.14  ? 325 HOH A O   1 
HETATM 1086 O  O   . HOH L 5 .   ? 5.069   -12.415 4.604   1.00 47.57  ? 326 HOH A O   1 
HETATM 1087 O  O   . HOH L 5 .   ? 2.410   -2.935  10.210  1.00 49.84  ? 327 HOH A O   1 
HETATM 1088 O  O   . HOH L 5 .   ? 2.526   8.749   3.667   1.00 63.07  ? 328 HOH A O   1 
HETATM 1089 O  O   . HOH L 5 .   ? -14.888 -3.523  4.329   1.00 50.35  ? 329 HOH A O   1 
HETATM 1090 O  O   . HOH L 5 .   ? 10.680  -12.376 -3.801  1.00 71.12  ? 330 HOH A O   1 
HETATM 1091 O  O   . HOH L 5 .   ? -11.576 12.172  -8.305  1.00 70.97  ? 331 HOH A O   1 
HETATM 1092 O  O   . HOH L 5 .   ? -0.864  -14.434 -1.275  1.00 42.08  ? 332 HOH A O   1 
HETATM 1093 O  O   . HOH L 5 .   ? -10.242 14.521  1.356   1.00 85.67  ? 333 HOH A O   1 
HETATM 1094 O  O   . HOH L 5 .   ? -3.734  -16.094 -6.755  1.00 77.90  ? 334 HOH A O   1 
HETATM 1095 O  O   . HOH L 5 .   ? -4.250  -13.788 7.830   1.00 55.02  ? 335 HOH A O   1 
HETATM 1096 O  O   . HOH L 5 .   ? 3.029   -3.545  -6.684  1.00 43.21  ? 336 HOH A O   1 
HETATM 1097 O  O   . HOH L 5 .   ? -10.941 5.315   -9.554  1.00 73.10  ? 337 HOH A O   1 
HETATM 1098 O  O   . HOH L 5 .   ? -5.761  -16.138 4.286   1.00 49.13  ? 338 HOH A O   1 
HETATM 1099 O  O   . HOH L 5 .   ? 2.979   -11.822 12.251  1.00 48.73  ? 339 HOH A O   1 
HETATM 1100 O  O   . HOH L 5 .   ? -13.259 8.498   -2.092  1.00 59.14  ? 340 HOH A O   1 
HETATM 1101 O  O   . HOH L 5 .   ? 1.862   4.415   -12.546 1.00 91.47  ? 341 HOH A O   1 
HETATM 1102 O  O   . HOH L 5 .   ? -2.490  -12.226 9.236   1.00 47.58  ? 342 HOH A O   1 
HETATM 1103 O  O   . HOH L 5 .   ? 4.593   -2.053  -8.509  1.00 49.89  ? 343 HOH A O   1 
HETATM 1104 O  O   . HOH L 5 .   ? -0.746  -16.675 -1.893  1.00 54.76  ? 344 HOH A O   1 
HETATM 1105 O  O   . HOH L 5 .   ? 4.400   -14.937 3.299   1.00 44.22  ? 345 HOH A O   1 
HETATM 1106 O  O   . HOH L 5 .   ? 0.465   2.217   -6.936  1.00 56.76  ? 346 HOH A O   1 
HETATM 1107 O  O   . HOH L 5 .   ? -13.064 -0.089  -7.607  1.00 71.53  ? 347 HOH A O   1 
HETATM 1108 O  O   . HOH L 5 .   ? 3.983   -11.486 -10.328 1.00 65.19  ? 348 HOH A O   1 
HETATM 1109 O  O   . HOH L 5 .   ? 12.845  -10.436 -10.813 1.00 74.02  ? 349 HOH A O   1 
HETATM 1110 O  O   . HOH L 5 .   ? 7.914   -5.361  -10.998 1.00 75.94  ? 350 HOH A O   1 
HETATM 1111 O  O   . HOH L 5 .   ? -0.736  6.302   13.045  1.00 68.68  ? 351 HOH A O   1 
HETATM 1112 O  O   . HOH L 5 .   ? 5.817   -12.559 0.319   1.00 56.36  ? 352 HOH A O   1 
HETATM 1113 O  O   . HOH L 5 .   ? 8.114   6.432   6.662   1.00 66.46  ? 353 HOH A O   1 
HETATM 1114 O  O   . HOH L 5 .   ? -12.429 6.378   0.711   1.00 52.87  ? 354 HOH A O   1 
HETATM 1115 O  O   . HOH L 5 .   ? -11.761 -7.862  5.082   1.00 51.00  ? 355 HOH A O   1 
HETATM 1116 O  O   . HOH L 5 .   ? -0.898  10.187  9.367   1.00 78.23  ? 356 HOH A O   1 
HETATM 1117 O  O   . HOH L 5 .   ? 11.057  -11.067 -2.589  1.00 62.12  ? 357 HOH A O   1 
HETATM 1118 O  O   . HOH L 5 .   ? 6.756   -11.102 2.590   1.00 45.16  ? 358 HOH A O   1 
HETATM 1119 O  O   . HOH L 5 .   ? -11.141 13.868  11.711  1.00 92.01  ? 359 HOH A O   1 
HETATM 1120 O  O   . HOH L 5 .   ? -11.216 7.855   10.753  1.00 62.72  ? 360 HOH A O   1 
HETATM 1121 O  O   . HOH L 5 .   ? 4.363   8.634   1.836   1.00 68.06  ? 361 HOH A O   1 
HETATM 1122 O  O   . HOH L 5 .   ? -10.027 4.155   -3.250  1.00 66.89  ? 362 HOH A O   1 
HETATM 1123 O  O   . HOH L 5 .   ? 2.337   -6.076  -13.132 1.00 54.35  ? 363 HOH A O   1 
HETATM 1124 O  O   . HOH L 5 .   ? 8.438   2.256   7.027   1.00 52.45  ? 364 HOH A O   1 
HETATM 1125 O  O   . HOH L 5 .   ? -16.126 -4.210  -6.946  1.00 69.80  ? 365 HOH A O   1 
HETATM 1126 O  O   . HOH L 5 .   ? -14.571 -1.657  -6.206  1.00 95.60  ? 366 HOH A O   1 
HETATM 1127 O  O   . HOH L 5 .   ? 6.653   8.534   6.620   1.00 65.84  ? 367 HOH A O   1 
HETATM 1128 O  O   . HOH L 5 .   ? 3.881   0.169   -11.404 1.00 66.32  ? 368 HOH A O   1 
HETATM 1129 O  O   . HOH L 5 .   ? -6.599  -9.397  11.405  1.00 58.84  ? 369 HOH A O   1 
HETATM 1130 O  O   . HOH L 5 .   ? -4.973  -14.143 -7.982  1.00 72.78  ? 370 HOH A O   1 
HETATM 1131 O  O   . HOH L 5 .   ? -10.516 -9.655  9.644   1.00 92.93  ? 371 HOH A O   1 
HETATM 1132 O  O   . HOH L 5 .   ? -4.605  17.621  -4.163  1.00 82.40  ? 372 HOH A O   1 
HETATM 1133 O  O   . HOH L 5 .   ? 4.103   -5.724  -11.505 1.00 68.89  ? 373 HOH A O   1 
HETATM 1134 O  O   . HOH L 5 .   ? 10.787  1.572   5.137   1.00 86.34  ? 374 HOH A O   1 
HETATM 1135 O  O   . HOH L 5 .   ? -5.672  16.314  -4.868  1.00 79.16  ? 375 HOH A O   1 
HETATM 1136 O  O   . HOH L 5 .   ? -13.067 9.947   -13.009 1.00 79.74  ? 376 HOH A O   1 
HETATM 1137 O  O   . HOH L 5 .   ? -11.353 15.847  -0.734  1.00 69.29  ? 377 HOH A O   1 
HETATM 1138 O  O   . HOH L 5 .   ? -4.345  -15.998 8.164   1.00 76.49  ? 378 HOH A O   1 
HETATM 1139 O  O   . HOH L 5 .   ? -16.857 -4.047  -0.457  1.00 89.37  ? 379 HOH A O   1 
HETATM 1140 O  O   . HOH L 5 .   ? 3.094   2.506   -7.603  1.00 61.44  ? 380 HOH A O   1 
HETATM 1141 O  O   . HOH L 5 .   ? -16.833 -6.481  -0.197  1.00 62.35  ? 381 HOH A O   1 
HETATM 1142 O  O   . HOH L 5 .   ? -17.485 2.236   1.964   1.00 73.29  ? 382 HOH A O   1 
HETATM 1143 O  O   . HOH L 5 .   ? -10.313 3.056   -4.323  1.00 52.70  ? 383 HOH A O   1 
HETATM 1144 O  O   . HOH L 5 .   ? 4.190   3.498   -5.596  1.00 62.42  ? 384 HOH A O   1 
HETATM 1145 O  O   . HOH L 5 .   ? 7.232   -3.531  9.410   1.00 81.66  ? 385 HOH A O   1 
HETATM 1146 O  O   . HOH L 5 .   ? 9.964   3.682   6.704   1.00 99.53  ? 386 HOH A O   1 
HETATM 1147 O  O   . HOH L 5 .   ? 7.205   3.165   -6.119  1.00 72.27  ? 387 HOH A O   1 
HETATM 1148 O  O   . HOH L 5 .   ? 3.181   4.842   -9.764  1.00 75.52  ? 388 HOH A O   1 
HETATM 1149 O  O   . HOH L 5 .   ? 8.514   1.075   8.857   1.00 63.35  ? 389 HOH A O   1 
HETATM 1150 O  O   . HOH L 5 .   ? 14.364  -12.267 -6.605  1.00 58.24  ? 390 HOH A O   1 
HETATM 1151 O  O   . HOH L 5 .   ? 14.226  -0.678  9.003   1.00 94.12  ? 391 HOH A O   1 
HETATM 1152 O  O   . HOH L 5 .   ? 4.420   0.415   -8.653  1.00 56.86  ? 392 HOH A O   1 
HETATM 1153 O  O   . HOH L 5 .   ? -11.414 1.071   -5.111  1.00 131.62 ? 393 HOH A O   1 
# 
